data_8R9V
#
_entry.id   8R9V
#
loop_
_entity.id
_entity.type
_entity.pdbx_description
1 polymer 'Unconventional myosin-Va'
2 polymer 'Actin, alpha skeletal muscle'
3 non-polymer 'PHOSPHATE ION'
4 non-polymer 'MAGNESIUM ION'
5 non-polymer "ADENOSINE-5'-DIPHOSPHATE"
#
loop_
_entity_poly.entity_id
_entity_poly.type
_entity_poly.pdbx_seq_one_letter_code
_entity_poly.pdbx_strand_id
1 'polypeptide(L)'
;MAASELYTKFARVWIPDPEEVWKSAELLKDYKPGDKVLLLHLEEGKDLEYRLDPKTGELPHLRNPDILVGENDLTALSYL
HEPAVLHNLRVRFIDSKLIYTYCGIVLVAINPYEQLPIYGEDIINAYSGQNMGDMDPHIFAVAEEAYKQMARDERNQSII
VSGESGAGKTVSAKYAMRYFATVSGSASEANVEEKVLASNPIMESIGNAKTTRNDNASRFGKYIEIGFDKRYRIIGANMR
TYLLEKSRVVFQAEEERNYHIFYQLCASAKLPEFKMLRLGNADSFHYTKQGGSPMIEGVDDAKEMAHTRQACTLLGISES
YQMGIFRILAGILHLGNVGFASRDSDSCTIPPKHEPLTIFCDLMGVDYEEMCHWLCHRKLATATETYIKPISKLQATNAR
DALAKHIYAKLFNWIVDHVNQALHSAVKQHSFIGVLDIYGFETFEINSFEQFCINYANEKLQQQFNMHVFKLEQEEYMKE
QIPWTLIDFYDNQPCINLIESKLGILDLLDEECKMPKGTDDTWAQKLYNTHLNKCALFEKPRMSNKAFIIKHFADKVEYQ
CEGFLEKNKDTVFEEQIKVLKSSKFKMLPELFQAISPTSATSSGRTPLTRVPVKPTKGRPGQTAKEHKKTVGHQFRNSLH
LLMETLNATTPHYVRCIKPNDFKFPFTFDEKRAVQQLRACGVLETIRISAAGFPSRWTYQEFFSRYRVLMKQKDVLGDRK
QTCKNVLEKLILDKDKYQFGKTKIFFRAGQVAYLEKLRADKLRAACIRIQKTIRGWLLRKRYLCMQRAAITVQDYKDDDD
K
;
A
2 'polypeptide(L)'
;(ACE)DEDETTALVCDNGSGLVKAGFAGDDAPRAVFPSIVGRPRHQGVMVGMGQKDSYVGDEAQSKRGILTLKYPIEHGI
ITNWDDMEKIWHHTFYNELRVAPEEHPTLLTEAPLNPKANREKMTQIMFETFNVPAMYVAIQAVLSLYASGRTTGIVLDS
GDGVTHNVPIYEGYALPHAIMRLDLAGRDLTDYLMKILTERGYSFVTTAEREIVRDIKEKLCYVALDFENEMATAASSSS
LEKSYELPDGQVITIGNERFRCPETLFQPSFIGMESAGIHETTYNSIMKCDIDIRKDLYANNVMSGGTTMYPGIADRMQK
EITALAPSTMKIKIIAPPERKYSVWIGGSILASLSTFQQMWITKQEYDEAGPSIVHRKCF
;
B,C,D
#
loop_
_chem_comp.id
_chem_comp.type
_chem_comp.name
_chem_comp.formula
ACE non-polymer 'ACETYL GROUP' 'C2 H4 O'
ADP non-polymer ADENOSINE-5'-DIPHOSPHATE 'C10 H15 N5 O10 P2'
MG non-polymer 'MAGNESIUM ION' 'Mg 2'
PO4 non-polymer 'PHOSPHATE ION' 'O4 P -3'
#
# COMPACT_ATOMS: atom_id res chain seq x y z
N ALA A 2 16.31 -58.06 -3.88
CA ALA A 2 15.70 -59.18 -4.63
C ALA A 2 15.50 -58.87 -6.14
N ALA A 3 14.92 -57.72 -6.48
CA ALA A 3 14.60 -57.34 -7.87
C ALA A 3 15.84 -57.26 -8.79
N SER A 4 17.03 -57.04 -8.23
CA SER A 4 18.33 -57.03 -8.94
C SER A 4 18.63 -58.32 -9.71
N GLU A 5 18.04 -59.46 -9.31
CA GLU A 5 18.16 -60.74 -10.01
C GLU A 5 17.52 -60.72 -11.43
N LEU A 6 16.50 -59.89 -11.64
CA LEU A 6 15.75 -59.80 -12.89
C LEU A 6 16.51 -59.09 -14.02
N TYR A 7 17.50 -58.28 -13.63
CA TYR A 7 18.32 -57.53 -14.61
C TYR A 7 19.40 -58.48 -15.13
N THR A 8 18.98 -59.53 -15.84
CA THR A 8 19.94 -60.54 -16.36
C THR A 8 20.23 -60.23 -17.84
N LYS A 9 20.98 -61.10 -18.52
CA LYS A 9 21.28 -60.89 -19.96
C LYS A 9 19.97 -60.83 -20.75
N PHE A 10 19.87 -59.90 -21.69
CA PHE A 10 18.67 -59.75 -22.56
C PHE A 10 17.43 -59.41 -21.72
N ALA A 11 17.51 -58.32 -20.94
CA ALA A 11 16.34 -57.88 -20.15
C ALA A 11 16.00 -56.44 -20.54
N ARG A 12 15.04 -56.26 -21.46
CA ARG A 12 14.64 -54.90 -21.91
C ARG A 12 14.26 -54.05 -20.70
N VAL A 13 14.72 -52.80 -20.65
CA VAL A 13 14.38 -51.88 -19.52
C VAL A 13 13.84 -50.57 -20.09
N TRP A 14 13.83 -49.50 -19.29
CA TRP A 14 13.41 -48.15 -19.77
C TRP A 14 14.47 -47.10 -19.41
N ILE A 15 15.29 -46.69 -20.38
CA ILE A 15 16.33 -45.63 -20.16
C ILE A 15 15.67 -44.27 -20.42
N PRO A 16 15.82 -43.26 -19.55
CA PRO A 16 15.27 -41.92 -19.82
C PRO A 16 15.68 -41.36 -21.19
N ASP A 17 14.70 -41.00 -22.03
CA ASP A 17 15.01 -40.44 -23.37
C ASP A 17 14.90 -38.90 -23.36
N PRO A 18 15.87 -38.09 -23.89
CA PRO A 18 15.68 -36.63 -23.93
C PRO A 18 14.38 -36.19 -24.63
N GLU A 19 14.06 -36.78 -25.78
CA GLU A 19 12.87 -36.31 -26.56
C GLU A 19 11.71 -37.30 -26.41
N GLU A 20 11.99 -38.60 -26.38
CA GLU A 20 10.90 -39.61 -26.36
C GLU A 20 10.51 -39.95 -24.92
N VAL A 21 10.97 -39.16 -23.94
CA VAL A 21 10.66 -39.37 -22.49
C VAL A 21 11.33 -40.66 -21.96
N TRP A 22 10.95 -41.83 -22.48
CA TRP A 22 11.59 -43.11 -22.08
C TRP A 22 11.95 -43.92 -23.33
N LYS A 23 13.15 -44.53 -23.33
CA LYS A 23 13.57 -45.39 -24.47
C LYS A 23 13.86 -46.80 -23.94
N SER A 24 13.56 -47.83 -24.72
CA SER A 24 13.76 -49.23 -24.23
C SER A 24 15.18 -49.70 -24.55
N ALA A 25 15.76 -50.55 -23.70
CA ALA A 25 17.15 -51.01 -23.91
C ALA A 25 17.30 -52.48 -23.48
N GLU A 26 17.49 -53.39 -24.43
CA GLU A 26 17.71 -54.82 -24.09
C GLU A 26 19.09 -54.96 -23.44
N LEU A 27 19.13 -55.41 -22.19
CA LEU A 27 20.42 -55.56 -21.45
C LEU A 27 21.38 -56.44 -22.28
N LEU A 28 22.61 -55.97 -22.48
CA LEU A 28 23.62 -56.76 -23.23
C LEU A 28 24.40 -57.62 -22.23
N LYS A 29 24.19 -57.39 -20.93
CA LYS A 29 24.93 -58.14 -19.88
C LYS A 29 24.00 -58.40 -18.70
N ASP A 30 24.45 -59.22 -17.75
CA ASP A 30 23.65 -59.43 -16.51
C ASP A 30 24.19 -58.48 -15.44
N TYR A 31 23.34 -57.57 -14.93
CA TYR A 31 23.77 -56.63 -13.87
C TYR A 31 24.46 -57.42 -12.76
N LYS A 32 25.75 -57.16 -12.53
CA LYS A 32 26.46 -57.81 -11.40
C LYS A 32 26.14 -56.99 -10.14
N PRO A 33 25.99 -57.60 -8.95
CA PRO A 33 25.77 -56.83 -7.73
C PRO A 33 26.83 -55.73 -7.57
N GLY A 34 26.45 -54.47 -7.82
CA GLY A 34 27.40 -53.35 -7.70
C GLY A 34 27.96 -52.91 -9.05
N ASP A 35 27.32 -53.31 -10.15
CA ASP A 35 27.75 -52.88 -11.50
C ASP A 35 27.20 -51.48 -11.78
N LYS A 36 27.91 -50.44 -11.34
CA LYS A 36 27.44 -49.04 -11.56
C LYS A 36 27.42 -48.77 -13.06
N VAL A 37 28.02 -49.65 -13.87
CA VAL A 37 27.95 -49.49 -15.35
C VAL A 37 27.06 -50.60 -15.91
N LEU A 38 26.24 -50.30 -16.91
CA LEU A 38 25.28 -51.30 -17.46
C LEU A 38 25.35 -51.27 -18.99
N LEU A 39 25.92 -52.31 -19.60
CA LEU A 39 25.92 -52.39 -21.09
C LEU A 39 24.51 -52.77 -21.55
N LEU A 40 23.87 -51.93 -22.37
CA LEU A 40 22.53 -52.25 -22.92
C LEU A 40 22.48 -51.95 -24.41
N HIS A 41 21.35 -52.27 -25.06
CA HIS A 41 21.22 -52.08 -26.52
C HIS A 41 19.89 -51.40 -26.83
N LEU A 42 19.93 -50.15 -27.27
CA LEU A 42 18.68 -49.37 -27.54
C LEU A 42 18.00 -49.94 -28.79
N GLU A 43 16.70 -49.66 -28.96
CA GLU A 43 15.94 -50.24 -30.10
C GLU A 43 16.27 -49.52 -31.42
N GLU A 44 17.18 -48.55 -31.39
CA GLU A 44 17.62 -47.86 -32.64
C GLU A 44 18.81 -48.62 -33.21
N GLY A 45 19.23 -49.71 -32.54
CA GLY A 45 20.33 -50.54 -33.06
C GLY A 45 21.68 -50.10 -32.52
N LYS A 46 21.70 -49.34 -31.42
CA LYS A 46 22.98 -48.82 -30.90
C LYS A 46 23.30 -49.36 -29.50
N ASP A 47 24.57 -49.65 -29.24
CA ASP A 47 25.09 -50.01 -27.91
C ASP A 47 25.34 -48.76 -27.04
N LEU A 48 25.17 -48.88 -25.72
CA LEU A 48 25.42 -47.83 -24.73
C LEU A 48 25.89 -48.43 -23.38
N GLU A 49 26.84 -47.75 -22.73
CA GLU A 49 27.23 -48.15 -21.35
C GLU A 49 26.51 -47.22 -20.37
N TYR A 50 25.25 -47.50 -20.05
CA TYR A 50 24.45 -46.64 -19.15
C TYR A 50 25.06 -46.66 -17.75
N ARG A 51 24.97 -45.54 -17.01
CA ARG A 51 25.62 -45.47 -15.67
C ARG A 51 24.55 -45.29 -14.58
N LEU A 52 24.80 -45.81 -13.37
CA LEU A 52 23.86 -45.66 -12.26
C LEU A 52 24.27 -44.52 -11.30
N ASP A 53 23.35 -44.04 -10.45
CA ASP A 53 23.64 -43.05 -9.41
C ASP A 53 24.58 -43.63 -8.33
N PRO A 54 25.84 -43.16 -8.19
CA PRO A 54 26.84 -43.79 -7.33
C PRO A 54 26.52 -43.68 -5.85
N LYS A 55 25.53 -42.87 -5.45
CA LYS A 55 25.03 -42.82 -4.06
C LYS A 55 24.16 -44.02 -3.70
N THR A 56 23.59 -44.72 -4.68
CA THR A 56 22.53 -45.73 -4.48
C THR A 56 22.76 -47.02 -5.24
N GLY A 57 23.34 -46.96 -6.45
CA GLY A 57 23.33 -48.06 -7.41
C GLY A 57 21.94 -48.33 -8.01
N GLU A 58 21.02 -47.35 -8.01
CA GLU A 58 19.63 -47.57 -8.42
C GLU A 58 19.47 -47.78 -9.94
N LEU A 59 18.72 -48.81 -10.31
CA LEU A 59 18.61 -49.36 -11.67
C LEU A 59 17.44 -48.73 -12.46
N PRO A 60 17.43 -48.70 -13.84
CA PRO A 60 16.25 -48.19 -14.58
C PRO A 60 15.00 -49.09 -14.48
N HIS A 61 13.84 -48.51 -14.81
CA HIS A 61 12.54 -49.24 -14.71
C HIS A 61 12.55 -50.44 -15.65
N LEU A 62 12.09 -51.60 -15.17
CA LEU A 62 12.13 -52.83 -15.99
C LEU A 62 10.92 -52.86 -16.93
N ARG A 63 11.12 -53.32 -18.17
CA ARG A 63 10.04 -53.38 -19.19
C ARG A 63 9.20 -54.64 -19.01
N ASN A 64 7.87 -54.49 -19.11
CA ASN A 64 6.92 -55.60 -19.08
C ASN A 64 7.10 -56.54 -20.30
N PRO A 65 6.88 -57.87 -20.15
CA PRO A 65 6.86 -58.80 -21.27
C PRO A 65 5.87 -58.38 -22.36
N ASP A 66 6.24 -58.59 -23.62
CA ASP A 66 5.47 -58.14 -24.80
C ASP A 66 4.06 -58.77 -24.88
N ILE A 67 3.82 -59.89 -24.17
CA ILE A 67 2.51 -60.54 -24.00
C ILE A 67 1.52 -59.67 -23.21
N LEU A 68 2.00 -58.94 -22.19
CA LEU A 68 1.16 -58.09 -21.31
C LEU A 68 0.87 -56.70 -21.91
N VAL A 69 1.62 -56.28 -22.92
CA VAL A 69 1.47 -54.97 -23.59
C VAL A 69 0.10 -54.86 -24.27
N GLY A 70 -0.58 -53.73 -24.05
CA GLY A 70 -1.90 -53.42 -24.64
C GLY A 70 -3.11 -53.95 -23.85
N GLU A 71 -2.94 -54.35 -22.58
CA GLU A 71 -4.03 -54.85 -21.73
C GLU A 71 -5.16 -53.83 -21.45
N ASN A 72 -6.36 -54.34 -21.13
CA ASN A 72 -7.58 -53.55 -20.90
C ASN A 72 -7.56 -52.72 -19.60
N ASP A 73 -6.76 -53.12 -18.61
CA ASP A 73 -6.56 -52.40 -17.34
C ASP A 73 -5.07 -52.48 -16.96
N LEU A 74 -4.44 -51.34 -16.69
CA LEU A 74 -2.98 -51.26 -16.44
C LEU A 74 -2.54 -52.07 -15.20
N THR A 75 -3.45 -52.39 -14.28
CA THR A 75 -3.21 -53.27 -13.13
C THR A 75 -2.80 -54.70 -13.51
N ALA A 76 -3.07 -55.14 -14.74
CA ALA A 76 -2.69 -56.46 -15.27
C ALA A 76 -1.18 -56.61 -15.58
N LEU A 77 -0.42 -55.51 -15.63
CA LEU A 77 1.03 -55.51 -15.86
C LEU A 77 1.83 -56.09 -14.68
N SER A 78 3.01 -56.61 -14.97
CA SER A 78 3.89 -57.14 -13.88
C SER A 78 4.66 -55.99 -13.23
N TYR A 79 4.96 -54.93 -14.00
CA TYR A 79 5.73 -53.78 -13.47
C TYR A 79 4.87 -52.51 -13.55
N LEU A 80 4.80 -51.72 -12.48
CA LEU A 80 3.87 -50.61 -12.33
C LEU A 80 4.62 -49.28 -12.19
N HIS A 81 4.85 -48.60 -13.31
CA HIS A 81 5.62 -47.35 -13.38
C HIS A 81 5.26 -46.49 -14.61
N GLU A 82 5.69 -45.23 -14.56
CA GLU A 82 5.46 -44.22 -15.60
C GLU A 82 5.77 -44.67 -17.04
N PRO A 83 6.97 -45.21 -17.36
CA PRO A 83 7.25 -45.67 -18.71
C PRO A 83 6.24 -46.71 -19.20
N ALA A 84 5.85 -47.66 -18.35
CA ALA A 84 4.92 -48.70 -18.74
C ALA A 84 3.57 -48.15 -19.12
N VAL A 85 2.98 -47.32 -18.25
CA VAL A 85 1.61 -46.83 -18.48
C VAL A 85 1.55 -45.87 -19.69
N LEU A 86 2.62 -45.08 -19.89
CA LEU A 86 2.68 -44.19 -21.07
C LEU A 86 2.78 -45.06 -22.33
N HIS A 87 3.66 -46.05 -22.32
CA HIS A 87 3.88 -46.92 -23.51
C HIS A 87 2.60 -47.69 -23.88
N ASN A 88 1.94 -48.30 -22.90
CA ASN A 88 0.69 -49.03 -23.16
C ASN A 88 -0.39 -48.14 -23.81
N LEU A 89 -0.57 -46.90 -23.32
CA LEU A 89 -1.49 -45.93 -23.95
C LEU A 89 -1.00 -45.49 -25.34
N ARG A 90 0.32 -45.28 -25.51
CA ARG A 90 0.97 -44.92 -26.79
C ARG A 90 0.66 -45.96 -27.87
N VAL A 91 1.01 -47.22 -27.63
CA VAL A 91 0.83 -48.27 -28.68
C VAL A 91 -0.65 -48.44 -28.99
N ARG A 92 -1.54 -48.27 -27.99
CA ARG A 92 -2.98 -48.51 -28.21
C ARG A 92 -3.53 -47.45 -29.16
N PHE A 93 -3.30 -46.18 -28.88
CA PHE A 93 -3.85 -45.12 -29.71
C PHE A 93 -3.29 -45.12 -31.12
N ILE A 94 -1.99 -45.40 -31.27
CA ILE A 94 -1.33 -45.40 -32.57
C ILE A 94 -1.70 -46.64 -33.39
N ASP A 95 -1.58 -47.84 -32.83
CA ASP A 95 -1.84 -49.11 -33.54
C ASP A 95 -3.31 -49.52 -33.45
N SER A 96 -3.74 -49.98 -32.28
CA SER A 96 -5.02 -50.65 -32.07
C SER A 96 -6.25 -49.75 -32.25
N LYS A 97 -6.06 -48.42 -32.26
CA LYS A 97 -7.12 -47.39 -32.23
C LYS A 97 -8.04 -47.49 -31.01
N LEU A 98 -7.61 -48.17 -29.95
CA LEU A 98 -8.35 -48.30 -28.70
C LEU A 98 -8.20 -47.06 -27.82
N ILE A 99 -9.02 -46.04 -28.08
CA ILE A 99 -9.06 -44.76 -27.32
C ILE A 99 -9.52 -44.87 -25.86
N TYR A 100 -9.88 -46.07 -25.37
CA TYR A 100 -10.37 -46.29 -24.01
C TYR A 100 -9.54 -47.35 -23.29
N THR A 101 -9.01 -47.05 -22.10
CA THR A 101 -8.29 -48.05 -21.28
C THR A 101 -8.67 -47.83 -19.81
N TYR A 102 -8.62 -48.86 -18.97
CA TYR A 102 -9.08 -48.71 -17.56
C TYR A 102 -7.90 -48.50 -16.61
N CYS A 103 -8.14 -47.79 -15.49
CA CYS A 103 -7.12 -47.61 -14.43
C CYS A 103 -7.90 -47.86 -13.15
N GLY A 104 -8.30 -49.11 -12.89
CA GLY A 104 -9.20 -49.42 -11.79
C GLY A 104 -10.56 -48.70 -11.92
N ILE A 105 -10.95 -47.90 -10.92
CA ILE A 105 -12.19 -47.09 -10.92
C ILE A 105 -12.21 -46.03 -12.04
N VAL A 106 -11.04 -45.50 -12.42
CA VAL A 106 -10.89 -44.54 -13.52
C VAL A 106 -10.99 -45.22 -14.87
N LEU A 107 -11.73 -44.59 -15.80
CA LEU A 107 -11.68 -45.05 -17.22
C LEU A 107 -10.82 -43.96 -17.89
N VAL A 108 -9.75 -44.34 -18.58
CA VAL A 108 -8.95 -43.32 -19.32
C VAL A 108 -9.56 -43.13 -20.71
N ALA A 109 -9.69 -41.89 -21.17
CA ALA A 109 -10.29 -41.59 -22.48
C ALA A 109 -9.37 -40.66 -23.29
N ILE A 110 -9.14 -40.99 -24.57
CA ILE A 110 -8.23 -40.28 -25.47
C ILE A 110 -9.02 -39.60 -26.60
N ASN A 111 -8.70 -38.35 -26.97
CA ASN A 111 -9.33 -37.70 -28.13
C ASN A 111 -8.71 -38.19 -29.48
N PRO A 112 -9.44 -38.90 -30.39
CA PRO A 112 -8.86 -39.32 -31.67
C PRO A 112 -8.86 -38.25 -32.77
N TYR A 113 -9.46 -37.07 -32.50
CA TYR A 113 -9.61 -36.01 -33.52
C TYR A 113 -10.32 -36.60 -34.74
N GLU A 114 -11.26 -37.53 -34.50
CA GLU A 114 -12.00 -38.20 -35.60
C GLU A 114 -13.27 -38.83 -35.02
N GLN A 115 -14.37 -38.76 -35.76
CA GLN A 115 -15.42 -39.78 -35.65
C GLN A 115 -14.86 -41.20 -35.87
N LEU A 116 -14.97 -42.04 -34.84
CA LEU A 116 -15.03 -43.49 -34.93
C LEU A 116 -16.49 -43.90 -34.71
N PRO A 117 -17.33 -43.99 -35.74
CA PRO A 117 -18.77 -44.22 -35.63
C PRO A 117 -19.11 -45.69 -35.29
N ILE A 118 -18.45 -46.22 -34.27
CA ILE A 118 -18.62 -47.58 -33.73
C ILE A 118 -20.03 -47.74 -33.14
N TYR A 119 -20.53 -46.69 -32.48
CA TYR A 119 -21.74 -46.71 -31.67
C TYR A 119 -23.00 -47.12 -32.45
N GLY A 120 -23.84 -47.95 -31.84
CA GLY A 120 -25.06 -48.46 -32.44
C GLY A 120 -25.88 -49.34 -31.49
N GLU A 121 -27.10 -49.67 -31.88
CA GLU A 121 -28.04 -50.41 -31.02
C GLU A 121 -27.50 -51.78 -30.61
N ASP A 122 -26.82 -52.50 -31.51
CA ASP A 122 -26.18 -53.76 -31.12
C ASP A 122 -24.98 -53.59 -30.20
N ILE A 123 -24.40 -52.39 -30.11
CA ILE A 123 -23.43 -52.07 -29.06
C ILE A 123 -24.14 -51.88 -27.72
N ILE A 124 -25.31 -51.25 -27.73
CA ILE A 124 -26.16 -51.20 -26.53
C ILE A 124 -26.53 -52.61 -26.11
N ASN A 125 -26.91 -53.48 -27.06
CA ASN A 125 -27.12 -54.90 -26.78
C ASN A 125 -25.84 -55.59 -26.25
N ALA A 126 -24.65 -55.22 -26.76
CA ALA A 126 -23.39 -55.80 -26.31
C ALA A 126 -23.08 -55.52 -24.83
N TYR A 127 -23.39 -54.32 -24.34
CA TYR A 127 -23.16 -53.93 -22.95
C TYR A 127 -24.36 -54.17 -22.02
N SER A 128 -25.57 -54.31 -22.57
CA SER A 128 -26.71 -54.83 -21.83
C SER A 128 -26.40 -56.23 -21.25
N GLY A 129 -26.83 -56.49 -20.01
CA GLY A 129 -26.70 -57.81 -19.36
C GLY A 129 -25.30 -58.22 -18.88
N GLN A 130 -24.25 -57.46 -19.19
CA GLN A 130 -22.87 -57.76 -18.80
C GLN A 130 -22.62 -57.57 -17.30
N ASN A 131 -21.44 -58.01 -16.83
CA ASN A 131 -20.77 -57.52 -15.63
C ASN A 131 -19.46 -56.85 -16.04
N MET A 132 -18.96 -55.88 -15.28
CA MET A 132 -17.72 -55.17 -15.62
C MET A 132 -16.54 -56.15 -15.76
N GLY A 133 -15.74 -55.98 -16.82
CA GLY A 133 -14.66 -56.91 -17.18
C GLY A 133 -15.09 -58.10 -18.04
N ASP A 134 -16.39 -58.36 -18.22
CA ASP A 134 -16.88 -59.33 -19.21
C ASP A 134 -16.77 -58.79 -20.66
N MET A 135 -16.68 -57.47 -20.81
CA MET A 135 -16.54 -56.74 -22.07
C MET A 135 -15.61 -55.52 -21.92
N ASP A 136 -15.09 -55.02 -23.04
CA ASP A 136 -14.01 -54.04 -23.10
C ASP A 136 -14.31 -52.63 -22.52
N PRO A 137 -13.28 -51.85 -22.15
CA PRO A 137 -13.36 -50.45 -21.73
C PRO A 137 -14.14 -49.52 -22.68
N HIS A 138 -15.20 -48.89 -22.17
CA HIS A 138 -16.02 -47.92 -22.95
C HIS A 138 -16.82 -47.04 -22.00
N ILE A 139 -17.20 -45.84 -22.46
CA ILE A 139 -18.06 -44.94 -21.61
C ILE A 139 -19.42 -45.62 -21.49
N PHE A 140 -19.72 -46.56 -22.39
CA PHE A 140 -21.02 -47.27 -22.36
C PHE A 140 -21.02 -48.21 -21.16
N ALA A 141 -19.87 -48.83 -20.87
CA ALA A 141 -19.74 -49.73 -19.69
C ALA A 141 -19.84 -48.90 -18.41
N VAL A 142 -19.13 -47.76 -18.35
CA VAL A 142 -19.20 -46.84 -17.19
C VAL A 142 -20.66 -46.45 -16.89
N ALA A 143 -21.42 -46.08 -17.92
CA ALA A 143 -22.83 -45.74 -17.81
C ALA A 143 -23.68 -46.96 -17.37
N GLU A 144 -23.46 -48.14 -17.96
CA GLU A 144 -24.13 -49.38 -17.57
C GLU A 144 -23.82 -49.78 -16.11
N GLU A 145 -22.57 -49.64 -15.67
CA GLU A 145 -22.17 -49.92 -14.29
C GLU A 145 -22.85 -48.97 -13.30
N ALA A 146 -22.84 -47.66 -13.61
CA ALA A 146 -23.55 -46.68 -12.74
C ALA A 146 -25.04 -47.04 -12.68
N TYR A 147 -25.62 -47.42 -13.82
CA TYR A 147 -27.06 -47.78 -13.88
C TYR A 147 -27.32 -49.00 -12.99
N LYS A 148 -26.47 -50.03 -13.09
CA LYS A 148 -26.63 -51.26 -12.27
C LYS A 148 -26.51 -50.91 -10.80
N GLN A 149 -25.49 -50.13 -10.42
CA GLN A 149 -25.26 -49.73 -9.03
C GLN A 149 -26.50 -49.03 -8.44
N MET A 150 -27.17 -48.19 -9.22
CA MET A 150 -28.48 -47.60 -8.89
C MET A 150 -29.58 -48.68 -8.79
N ALA A 151 -29.69 -49.57 -9.78
CA ALA A 151 -30.77 -50.56 -9.86
C ALA A 151 -30.72 -51.61 -8.73
N ARG A 152 -29.53 -52.03 -8.30
CA ARG A 152 -29.35 -53.08 -7.26
C ARG A 152 -29.47 -52.58 -5.83
N ASP A 153 -28.88 -51.42 -5.51
CA ASP A 153 -28.75 -50.91 -4.13
C ASP A 153 -29.55 -49.61 -3.86
N GLU A 154 -30.30 -49.10 -4.84
CA GLU A 154 -31.09 -47.84 -4.77
C GLU A 154 -30.24 -46.55 -4.58
N ARG A 155 -28.91 -46.70 -4.65
CA ARG A 155 -28.00 -45.55 -4.36
C ARG A 155 -28.06 -44.49 -5.47
N ASN A 156 -27.75 -43.24 -5.12
CA ASN A 156 -27.66 -42.17 -6.14
C ASN A 156 -26.28 -42.23 -6.78
N GLN A 157 -26.15 -41.78 -8.03
CA GLN A 157 -24.86 -41.87 -8.75
C GLN A 157 -24.43 -40.51 -9.31
N SER A 158 -23.15 -40.35 -9.65
CA SER A 158 -22.68 -39.25 -10.51
C SER A 158 -21.51 -39.65 -11.42
N ILE A 159 -21.48 -39.09 -12.63
CA ILE A 159 -20.40 -39.22 -13.61
C ILE A 159 -19.59 -37.92 -13.65
N ILE A 160 -18.26 -38.01 -13.44
CA ILE A 160 -17.41 -36.78 -13.38
C ILE A 160 -16.37 -36.83 -14.50
N VAL A 161 -16.34 -35.78 -15.35
CA VAL A 161 -15.28 -35.71 -16.41
C VAL A 161 -14.15 -34.83 -15.88
N SER A 162 -12.92 -35.03 -16.40
CA SER A 162 -11.75 -34.21 -15.97
C SER A 162 -10.70 -34.22 -17.08
N GLY A 163 -10.66 -33.18 -17.92
CA GLY A 163 -9.73 -33.18 -19.05
C GLY A 163 -9.19 -31.81 -19.40
N GLU A 164 -8.39 -31.73 -20.47
CA GLU A 164 -7.79 -30.44 -20.92
C GLU A 164 -8.77 -29.75 -21.88
N SER A 165 -8.63 -28.47 -22.24
CA SER A 165 -9.55 -27.86 -23.22
C SER A 165 -9.35 -28.37 -24.67
N GLY A 166 -9.60 -29.66 -24.87
CA GLY A 166 -9.57 -30.31 -26.18
C GLY A 166 -9.44 -31.83 -26.13
N ALA A 167 -9.99 -32.51 -25.13
CA ALA A 167 -9.69 -33.89 -24.77
C ALA A 167 -10.89 -34.87 -24.92
N GLY A 168 -11.95 -34.51 -25.63
CA GLY A 168 -13.16 -35.33 -25.81
C GLY A 168 -14.19 -35.24 -24.68
N LYS A 169 -13.93 -34.51 -23.59
CA LYS A 169 -14.75 -34.52 -22.37
C LYS A 169 -16.15 -33.98 -22.63
N THR A 170 -16.32 -32.93 -23.44
CA THR A 170 -17.65 -32.54 -23.88
C THR A 170 -18.38 -33.71 -24.55
N VAL A 171 -17.90 -34.30 -25.66
CA VAL A 171 -18.80 -35.24 -26.39
C VAL A 171 -18.85 -36.61 -25.70
N SER A 172 -17.84 -36.96 -24.89
CA SER A 172 -17.88 -38.25 -24.15
C SER A 172 -19.07 -38.21 -23.16
N ALA A 173 -19.25 -37.07 -22.48
CA ALA A 173 -20.37 -36.92 -21.53
C ALA A 173 -21.70 -36.95 -22.32
N LYS A 174 -21.71 -36.37 -23.52
CA LYS A 174 -22.93 -36.37 -24.37
C LYS A 174 -23.30 -37.81 -24.74
N TYR A 175 -22.32 -38.64 -25.11
CA TYR A 175 -22.60 -40.03 -25.52
C TYR A 175 -23.07 -40.83 -24.30
N ALA A 176 -22.53 -40.52 -23.12
CA ALA A 176 -22.95 -41.21 -21.87
C ALA A 176 -24.39 -40.82 -21.54
N MET A 177 -24.74 -39.54 -21.70
CA MET A 177 -26.15 -39.10 -21.47
C MET A 177 -27.04 -39.80 -22.48
N ARG A 178 -26.61 -39.87 -23.75
CA ARG A 178 -27.38 -40.56 -24.81
C ARG A 178 -27.62 -42.02 -24.41
N TYR A 179 -26.60 -42.68 -23.86
CA TYR A 179 -26.75 -44.08 -23.40
C TYR A 179 -27.97 -44.19 -22.47
N PHE A 180 -27.97 -43.44 -21.36
CA PHE A 180 -29.11 -43.45 -20.43
C PHE A 180 -30.46 -43.20 -21.15
N ALA A 181 -30.51 -42.22 -22.05
CA ALA A 181 -31.71 -41.85 -22.81
C ALA A 181 -32.21 -42.99 -23.71
N THR A 182 -31.32 -43.67 -24.43
CA THR A 182 -31.65 -44.79 -25.33
C THR A 182 -31.99 -46.08 -24.58
N VAL A 183 -31.32 -46.39 -23.45
CA VAL A 183 -31.68 -47.52 -22.58
C VAL A 183 -33.06 -47.34 -21.93
N SER A 184 -33.40 -46.11 -21.51
CA SER A 184 -34.75 -45.75 -21.03
C SER A 184 -35.80 -45.61 -22.15
N GLY A 185 -35.39 -45.72 -23.42
CA GLY A 185 -36.24 -45.51 -24.61
C GLY A 185 -37.36 -46.53 -24.83
N SER A 186 -37.47 -47.56 -23.98
CA SER A 186 -38.62 -48.48 -23.92
C SER A 186 -39.90 -47.82 -23.37
N ALA A 187 -39.72 -46.69 -22.67
CA ALA A 187 -40.88 -45.96 -22.08
C ALA A 187 -41.67 -45.23 -23.17
N SER A 188 -42.94 -44.90 -22.89
CA SER A 188 -43.80 -44.23 -23.90
C SER A 188 -43.62 -42.71 -23.84
N GLU A 189 -42.87 -42.21 -22.84
CA GLU A 189 -42.62 -40.76 -22.71
C GLU A 189 -41.30 -40.42 -23.42
N ALA A 190 -41.11 -40.94 -24.63
CA ALA A 190 -39.84 -40.72 -25.37
C ALA A 190 -39.58 -39.23 -25.55
N ASN A 191 -40.64 -38.41 -25.73
CA ASN A 191 -40.42 -36.98 -25.98
C ASN A 191 -39.73 -36.25 -24.81
N VAL A 192 -39.81 -36.76 -23.57
CA VAL A 192 -39.06 -36.21 -22.43
C VAL A 192 -37.55 -36.43 -22.60
N GLU A 193 -37.13 -37.63 -22.99
CA GLU A 193 -35.72 -37.92 -23.29
C GLU A 193 -35.24 -37.19 -24.57
N GLU A 194 -36.11 -37.04 -25.57
CA GLU A 194 -35.85 -36.23 -26.76
C GLU A 194 -35.56 -34.76 -26.41
N LYS A 195 -36.31 -34.18 -25.47
CA LYS A 195 -36.06 -32.83 -24.92
C LYS A 195 -34.74 -32.76 -24.13
N VAL A 196 -34.40 -33.79 -23.34
CA VAL A 196 -33.09 -33.87 -22.64
C VAL A 196 -31.93 -33.79 -23.64
N LEU A 197 -32.00 -34.54 -24.74
CA LEU A 197 -31.01 -34.45 -25.83
C LEU A 197 -31.02 -33.06 -26.50
N ALA A 198 -32.20 -32.54 -26.88
CA ALA A 198 -32.36 -31.27 -27.59
C ALA A 198 -31.97 -30.01 -26.78
N SER A 199 -31.86 -30.09 -25.46
CA SER A 199 -31.38 -28.97 -24.61
C SER A 199 -29.94 -28.55 -24.93
N ASN A 200 -29.08 -29.51 -25.31
CA ASN A 200 -27.65 -29.30 -25.47
C ASN A 200 -27.25 -28.34 -26.62
N PRO A 201 -27.72 -28.47 -27.87
CA PRO A 201 -27.39 -27.52 -28.93
C PRO A 201 -27.82 -26.08 -28.64
N ILE A 202 -28.89 -25.88 -27.84
CA ILE A 202 -29.27 -24.54 -27.34
C ILE A 202 -28.20 -24.01 -26.38
N MET A 203 -27.83 -24.78 -25.36
CA MET A 203 -26.76 -24.42 -24.41
C MET A 203 -25.41 -24.17 -25.11
N GLU A 204 -25.08 -24.94 -26.14
CA GLU A 204 -23.85 -24.73 -26.94
C GLU A 204 -23.90 -23.39 -27.70
N SER A 205 -25.03 -23.03 -28.34
CA SER A 205 -25.12 -21.79 -29.12
C SER A 205 -24.96 -20.52 -28.28
N ILE A 206 -25.48 -20.52 -27.03
CA ILE A 206 -25.45 -19.38 -26.09
C ILE A 206 -24.29 -19.44 -25.07
N GLY A 207 -23.46 -20.48 -25.14
CA GLY A 207 -22.40 -20.65 -24.11
C GLY A 207 -21.09 -21.22 -24.62
N ASN A 208 -21.07 -21.78 -25.83
CA ASN A 208 -19.79 -22.27 -26.41
C ASN A 208 -19.26 -21.25 -27.42
N ALA A 209 -17.95 -21.22 -27.65
CA ALA A 209 -17.35 -20.30 -28.65
C ALA A 209 -15.98 -20.79 -29.11
N LYS A 210 -15.45 -20.19 -30.19
CA LYS A 210 -14.14 -20.58 -30.75
C LYS A 210 -13.01 -20.02 -29.88
N THR A 211 -12.13 -20.90 -29.41
CA THR A 211 -10.83 -20.54 -28.81
C THR A 211 -9.66 -21.00 -29.67
N THR A 212 -8.44 -20.64 -29.26
CA THR A 212 -7.23 -21.12 -29.98
C THR A 212 -6.99 -22.58 -29.56
N ARG A 213 -7.72 -23.04 -28.53
CA ARG A 213 -7.54 -24.42 -28.02
C ARG A 213 -8.64 -25.33 -28.61
N ASN A 214 -9.92 -24.97 -28.52
CA ASN A 214 -11.05 -25.78 -29.00
C ASN A 214 -12.01 -24.87 -29.76
N ASP A 215 -12.32 -25.21 -31.01
CA ASP A 215 -13.25 -24.41 -31.82
C ASP A 215 -14.70 -24.42 -31.31
N ASN A 216 -15.06 -25.21 -30.32
CA ASN A 216 -16.36 -25.12 -29.69
C ASN A 216 -16.23 -25.19 -28.17
N ALA A 217 -15.28 -24.43 -27.62
CA ALA A 217 -15.05 -24.33 -26.19
C ALA A 217 -16.30 -23.87 -25.42
N SER A 218 -16.71 -24.67 -24.46
CA SER A 218 -17.85 -24.64 -23.57
C SER A 218 -17.66 -23.69 -22.35
N ARG A 219 -17.90 -22.36 -22.47
CA ARG A 219 -17.46 -21.30 -21.51
C ARG A 219 -18.22 -21.12 -20.19
N PHE A 220 -18.88 -22.18 -19.74
CA PHE A 220 -19.67 -22.33 -18.53
C PHE A 220 -19.75 -23.79 -18.14
N GLY A 221 -20.21 -24.02 -16.91
CA GLY A 221 -20.33 -25.37 -16.42
C GLY A 221 -21.75 -25.93 -16.33
N LYS A 222 -21.96 -27.27 -16.37
CA LYS A 222 -23.38 -27.71 -16.36
C LYS A 222 -23.53 -29.08 -15.69
N TYR A 223 -24.05 -29.10 -14.47
CA TYR A 223 -24.32 -30.41 -13.80
C TYR A 223 -25.77 -30.78 -14.13
N ILE A 224 -25.99 -31.97 -14.67
CA ILE A 224 -27.38 -32.43 -14.95
C ILE A 224 -27.77 -33.49 -13.91
N GLU A 225 -29.06 -33.59 -13.59
CA GLU A 225 -29.55 -34.55 -12.59
C GLU A 225 -30.68 -35.37 -13.18
N ILE A 226 -30.34 -36.47 -13.87
CA ILE A 226 -31.29 -37.36 -14.54
C ILE A 226 -32.02 -38.18 -13.48
N GLY A 227 -33.31 -37.92 -13.26
CA GLY A 227 -34.13 -38.59 -12.27
C GLY A 227 -34.75 -39.89 -12.80
N PHE A 228 -34.89 -40.88 -11.91
CA PHE A 228 -35.42 -42.20 -12.33
C PHE A 228 -36.48 -42.72 -11.34
N ASP A 229 -37.47 -43.47 -11.83
CA ASP A 229 -38.52 -44.13 -11.03
C ASP A 229 -38.09 -45.52 -10.52
N LYS A 230 -38.97 -46.23 -9.79
CA LYS A 230 -38.69 -47.56 -9.23
C LYS A 230 -38.55 -48.69 -10.26
N ARG A 231 -38.98 -48.51 -11.51
CA ARG A 231 -38.60 -49.40 -12.62
C ARG A 231 -37.29 -48.96 -13.29
N TYR A 232 -36.62 -47.97 -12.72
CA TYR A 232 -35.37 -47.39 -13.18
C TYR A 232 -35.49 -46.86 -14.62
N ARG A 233 -36.61 -46.19 -14.89
CA ARG A 233 -36.88 -45.42 -16.12
C ARG A 233 -36.84 -43.93 -15.83
N ILE A 234 -36.33 -43.15 -16.76
CA ILE A 234 -36.13 -41.71 -16.58
C ILE A 234 -37.49 -40.99 -16.46
N ILE A 235 -37.62 -40.11 -15.46
CA ILE A 235 -38.78 -39.21 -15.25
C ILE A 235 -38.55 -37.78 -15.76
N GLY A 236 -37.30 -37.43 -16.08
CA GLY A 236 -36.84 -36.12 -16.56
C GLY A 236 -35.43 -35.83 -16.06
N ALA A 237 -34.94 -34.59 -16.28
CA ALA A 237 -33.65 -34.15 -15.76
C ALA A 237 -33.64 -32.66 -15.38
N ASN A 238 -33.17 -32.34 -14.18
CA ASN A 238 -32.92 -30.96 -13.76
C ASN A 238 -31.57 -30.46 -14.30
N MET A 239 -31.55 -29.30 -14.96
CA MET A 239 -30.32 -28.60 -15.35
C MET A 239 -29.92 -27.61 -14.25
N ARG A 240 -28.63 -27.61 -13.90
CA ARG A 240 -28.08 -26.63 -12.92
C ARG A 240 -26.84 -26.01 -13.56
N THR A 241 -26.98 -24.87 -14.26
CA THR A 241 -25.84 -24.25 -14.98
C THR A 241 -25.04 -23.36 -14.02
N TYR A 242 -23.85 -22.92 -14.42
CA TYR A 242 -22.99 -22.14 -13.48
C TYR A 242 -22.41 -20.88 -14.15
N LEU A 243 -21.23 -20.44 -13.72
CA LEU A 243 -20.62 -19.17 -14.22
C LEU A 243 -20.44 -19.16 -15.75
N LEU A 244 -20.81 -18.06 -16.41
CA LEU A 244 -20.60 -17.92 -17.87
C LEU A 244 -19.73 -16.69 -18.11
N GLU A 245 -18.80 -16.75 -19.07
CA GLU A 245 -17.87 -15.62 -19.34
C GLU A 245 -18.65 -14.39 -19.80
N LYS A 246 -18.24 -13.18 -19.37
CA LYS A 246 -18.95 -11.94 -19.73
C LYS A 246 -18.10 -11.12 -20.70
N SER A 247 -16.78 -11.33 -20.69
CA SER A 247 -15.87 -10.58 -21.60
C SER A 247 -15.90 -11.20 -23.00
N ARG A 248 -16.41 -12.43 -23.12
CA ARG A 248 -16.53 -13.10 -24.44
C ARG A 248 -17.51 -12.31 -25.31
N VAL A 249 -18.60 -11.82 -24.70
CA VAL A 249 -19.64 -11.06 -25.46
C VAL A 249 -19.01 -9.82 -26.11
N VAL A 250 -18.17 -9.10 -25.38
CA VAL A 250 -17.62 -7.82 -25.93
C VAL A 250 -16.31 -8.05 -26.69
N PHE A 251 -15.28 -8.58 -26.02
CA PHE A 251 -13.93 -8.70 -26.67
C PHE A 251 -13.74 -10.06 -27.35
N GLN A 252 -13.14 -10.06 -28.54
CA GLN A 252 -12.83 -11.33 -29.25
C GLN A 252 -11.37 -11.26 -29.66
N ALA A 253 -10.59 -12.32 -29.42
CA ALA A 253 -9.18 -12.32 -29.89
C ALA A 253 -9.15 -12.46 -31.41
N GLU A 254 -8.03 -12.12 -32.04
CA GLU A 254 -7.92 -12.16 -33.53
C GLU A 254 -7.96 -13.61 -34.03
N GLU A 255 -7.84 -14.59 -33.13
CA GLU A 255 -7.91 -16.02 -33.53
C GLU A 255 -9.11 -16.68 -32.84
N GLU A 256 -10.01 -15.89 -32.26
CA GLU A 256 -11.16 -16.46 -31.51
C GLU A 256 -12.48 -15.90 -32.06
N ARG A 257 -13.59 -16.20 -31.38
CA ARG A 257 -14.92 -15.71 -31.82
C ARG A 257 -15.82 -15.47 -30.60
N ASN A 258 -17.02 -14.95 -30.82
CA ASN A 258 -18.00 -14.72 -29.72
C ASN A 258 -18.90 -15.97 -29.67
N TYR A 259 -19.94 -15.95 -28.84
CA TYR A 259 -20.90 -17.08 -28.79
C TYR A 259 -21.49 -17.26 -30.19
N HIS A 260 -21.58 -18.51 -30.65
CA HIS A 260 -22.04 -18.79 -32.04
C HIS A 260 -23.40 -18.15 -32.33
N ILE A 261 -24.29 -18.02 -31.35
CA ILE A 261 -25.66 -17.49 -31.57
C ILE A 261 -25.61 -16.16 -32.33
N PHE A 262 -24.58 -15.32 -32.11
CA PHE A 262 -24.48 -14.00 -32.77
C PHE A 262 -24.20 -14.18 -34.27
N TYR A 263 -23.35 -15.15 -34.62
CA TYR A 263 -22.98 -15.38 -36.04
C TYR A 263 -24.12 -16.12 -36.74
N GLN A 264 -24.86 -16.95 -36.00
CA GLN A 264 -26.05 -17.63 -36.58
C GLN A 264 -27.09 -16.56 -36.90
N LEU A 265 -27.24 -15.57 -36.02
CA LEU A 265 -28.20 -14.45 -36.25
C LEU A 265 -27.77 -13.71 -37.52
N CYS A 266 -26.47 -13.47 -37.68
CA CYS A 266 -25.95 -12.72 -38.86
C CYS A 266 -26.23 -13.49 -40.15
N ALA A 267 -26.06 -14.81 -40.15
CA ALA A 267 -26.34 -15.63 -41.35
C ALA A 267 -27.84 -15.58 -41.64
N SER A 268 -28.68 -15.48 -40.60
CA SER A 268 -30.14 -15.44 -40.75
C SER A 268 -30.70 -14.09 -41.20
N ALA A 269 -29.88 -13.02 -41.22
CA ALA A 269 -30.29 -11.64 -41.50
C ALA A 269 -31.00 -11.41 -42.86
N LYS A 270 -30.80 -12.31 -43.82
CA LYS A 270 -31.40 -12.27 -45.17
C LYS A 270 -32.92 -12.54 -45.19
N LEU A 271 -33.46 -13.25 -44.19
CA LEU A 271 -34.89 -13.57 -44.09
C LEU A 271 -35.72 -12.35 -43.61
N PRO A 272 -36.96 -12.08 -44.12
CA PRO A 272 -37.70 -10.85 -43.76
C PRO A 272 -37.90 -10.60 -42.26
N GLU A 273 -37.92 -11.66 -41.45
CA GLU A 273 -38.11 -11.51 -39.98
C GLU A 273 -36.89 -10.80 -39.39
N PHE A 274 -35.73 -10.93 -40.03
CA PHE A 274 -34.49 -10.30 -39.53
C PHE A 274 -34.24 -9.01 -40.30
N LYS A 275 -34.81 -8.88 -41.50
CA LYS A 275 -34.72 -7.60 -42.24
C LYS A 275 -35.54 -6.59 -41.43
N MET A 276 -36.57 -7.07 -40.71
CA MET A 276 -37.32 -6.20 -39.80
C MET A 276 -36.46 -5.62 -38.66
N LEU A 277 -35.53 -6.43 -38.14
CA LEU A 277 -34.62 -5.96 -37.07
C LEU A 277 -33.49 -5.14 -37.72
N ARG A 278 -33.51 -5.00 -39.04
CA ARG A 278 -32.45 -4.25 -39.79
C ARG A 278 -31.07 -4.74 -39.33
N LEU A 279 -30.83 -6.05 -39.40
CA LEU A 279 -29.55 -6.61 -38.88
C LEU A 279 -28.42 -6.43 -39.91
N GLY A 280 -27.26 -5.94 -39.46
CA GLY A 280 -26.09 -5.76 -40.33
C GLY A 280 -25.20 -7.00 -40.45
N ASN A 281 -24.14 -6.89 -41.26
CA ASN A 281 -23.10 -7.91 -41.43
C ASN A 281 -22.11 -7.94 -40.24
N ALA A 282 -21.34 -9.02 -40.10
CA ALA A 282 -20.45 -9.27 -38.96
C ALA A 282 -19.27 -8.27 -38.83
N ASP A 283 -18.92 -7.53 -39.89
CA ASP A 283 -17.93 -6.45 -39.87
C ASP A 283 -18.50 -5.11 -39.33
N SER A 284 -19.82 -4.98 -39.19
CA SER A 284 -20.49 -3.74 -38.75
C SER A 284 -20.49 -3.55 -37.23
N PHE A 285 -20.36 -4.63 -36.45
CA PHE A 285 -20.47 -4.59 -34.99
C PHE A 285 -19.16 -4.94 -34.32
N HIS A 286 -18.77 -4.16 -33.32
CA HIS A 286 -17.58 -4.45 -32.52
C HIS A 286 -17.62 -5.89 -32.01
N TYR A 287 -18.73 -6.29 -31.38
CA TYR A 287 -18.94 -7.58 -30.74
C TYR A 287 -18.99 -8.79 -31.71
N THR A 288 -18.84 -8.57 -33.02
CA THR A 288 -18.63 -9.65 -34.01
C THR A 288 -17.32 -9.50 -34.79
N LYS A 289 -16.84 -8.28 -35.04
CA LYS A 289 -15.76 -8.03 -36.02
C LYS A 289 -14.34 -8.31 -35.54
N GLN A 290 -14.05 -8.23 -34.25
CA GLN A 290 -12.66 -8.33 -33.76
C GLN A 290 -12.03 -9.73 -33.94
N GLY A 291 -12.84 -10.78 -34.03
CA GLY A 291 -12.36 -12.14 -34.31
C GLY A 291 -11.71 -12.32 -35.68
N GLY A 292 -11.97 -11.44 -36.64
CA GLY A 292 -11.36 -11.43 -37.98
C GLY A 292 -11.80 -12.53 -38.96
N SER A 293 -12.61 -13.50 -38.53
CA SER A 293 -13.07 -14.64 -39.35
C SER A 293 -14.51 -15.07 -38.99
N PRO A 294 -15.54 -14.40 -39.54
CA PRO A 294 -16.96 -14.66 -39.23
C PRO A 294 -17.51 -16.04 -39.63
N MET A 295 -16.72 -16.89 -40.32
CA MET A 295 -17.05 -18.26 -40.69
C MET A 295 -15.92 -19.22 -40.25
N ILE A 296 -16.26 -20.30 -39.55
CA ILE A 296 -15.32 -21.39 -39.22
C ILE A 296 -15.27 -22.37 -40.41
N GLU A 297 -14.10 -22.92 -40.72
CA GLU A 297 -13.97 -23.95 -41.77
C GLU A 297 -14.76 -25.23 -41.43
N GLY A 298 -15.43 -25.81 -42.43
CA GLY A 298 -16.20 -27.06 -42.30
C GLY A 298 -17.58 -26.93 -41.63
N VAL A 299 -18.08 -25.73 -41.36
CA VAL A 299 -19.44 -25.47 -40.82
C VAL A 299 -20.20 -24.43 -41.66
N ASP A 300 -21.50 -24.27 -41.39
CA ASP A 300 -22.35 -23.23 -41.96
C ASP A 300 -23.28 -22.67 -40.88
N ASP A 301 -23.09 -21.41 -40.48
CA ASP A 301 -23.87 -20.77 -39.42
C ASP A 301 -25.38 -20.69 -39.73
N ALA A 302 -25.80 -20.72 -41.00
CA ALA A 302 -27.22 -20.83 -41.39
C ALA A 302 -27.80 -22.24 -41.16
N LYS A 303 -26.99 -23.31 -41.37
CA LYS A 303 -27.35 -24.69 -41.02
C LYS A 303 -27.49 -24.83 -39.50
N GLU A 304 -26.55 -24.27 -38.73
CA GLU A 304 -26.63 -24.28 -37.28
C GLU A 304 -27.85 -23.49 -36.75
N MET A 305 -28.19 -22.35 -37.36
CA MET A 305 -29.41 -21.60 -37.04
C MET A 305 -30.69 -22.43 -37.27
N ALA A 306 -30.73 -23.16 -38.39
CA ALA A 306 -31.89 -24.03 -38.66
C ALA A 306 -31.98 -25.09 -37.56
N HIS A 307 -30.82 -25.61 -37.13
CA HIS A 307 -30.79 -26.66 -36.07
C HIS A 307 -31.33 -26.10 -34.76
N THR A 308 -30.85 -24.91 -34.35
CA THR A 308 -31.26 -24.34 -33.04
C THR A 308 -32.76 -24.05 -33.05
N ARG A 309 -33.30 -23.65 -34.21
CA ARG A 309 -34.76 -23.35 -34.32
C ARG A 309 -35.55 -24.65 -34.19
N GLN A 310 -35.02 -25.76 -34.73
CA GLN A 310 -35.70 -27.08 -34.59
C GLN A 310 -35.59 -27.54 -33.14
N ALA A 311 -34.41 -27.41 -32.53
CA ALA A 311 -34.24 -27.75 -31.12
C ALA A 311 -35.18 -26.94 -30.20
N CYS A 312 -35.39 -25.64 -30.48
CA CYS A 312 -36.40 -24.83 -29.80
C CYS A 312 -37.82 -25.41 -29.98
N THR A 313 -38.20 -25.82 -31.20
CA THR A 313 -39.49 -26.46 -31.48
C THR A 313 -39.66 -27.80 -30.74
N LEU A 314 -38.61 -28.63 -30.66
CA LEU A 314 -38.61 -29.87 -29.87
C LEU A 314 -38.79 -29.62 -28.36
N LEU A 315 -38.18 -28.55 -27.84
CA LEU A 315 -38.37 -28.06 -26.47
C LEU A 315 -39.74 -27.36 -26.24
N GLY A 316 -40.54 -27.16 -27.29
CA GLY A 316 -41.85 -26.49 -27.23
C GLY A 316 -41.77 -24.96 -27.15
N ILE A 317 -40.61 -24.36 -27.41
CA ILE A 317 -40.37 -22.91 -27.36
C ILE A 317 -40.99 -22.27 -28.62
N SER A 318 -42.01 -21.43 -28.43
CA SER A 318 -42.76 -20.76 -29.50
C SER A 318 -41.87 -19.93 -30.42
N GLU A 319 -42.18 -19.91 -31.72
CA GLU A 319 -41.43 -19.06 -32.66
C GLU A 319 -41.49 -17.61 -32.16
N SER A 320 -42.54 -17.27 -31.40
CA SER A 320 -42.66 -15.90 -30.83
C SER A 320 -41.59 -15.67 -29.75
N TYR A 321 -41.36 -16.67 -28.89
CA TYR A 321 -40.29 -16.55 -27.86
C TYR A 321 -38.94 -16.46 -28.59
N GLN A 322 -38.74 -17.31 -29.61
CA GLN A 322 -37.49 -17.28 -30.40
C GLN A 322 -37.31 -15.86 -30.95
N MET A 323 -38.30 -15.35 -31.69
CA MET A 323 -38.23 -13.97 -32.22
C MET A 323 -37.94 -12.92 -31.15
N GLY A 324 -38.51 -13.05 -29.94
CA GLY A 324 -38.23 -12.16 -28.82
C GLY A 324 -36.75 -12.17 -28.42
N ILE A 325 -36.17 -13.36 -28.30
CA ILE A 325 -34.71 -13.49 -27.97
C ILE A 325 -33.90 -12.91 -29.13
N PHE A 326 -34.32 -13.16 -30.37
CA PHE A 326 -33.55 -12.67 -31.55
C PHE A 326 -33.56 -11.14 -31.56
N ARG A 327 -34.70 -10.52 -31.29
CA ARG A 327 -34.79 -9.04 -31.22
C ARG A 327 -33.78 -8.54 -30.19
N ILE A 328 -33.71 -9.21 -29.03
CA ILE A 328 -32.77 -8.82 -27.97
C ILE A 328 -31.31 -8.98 -28.42
N LEU A 329 -30.96 -10.07 -29.11
CA LEU A 329 -29.60 -10.31 -29.64
C LEU A 329 -29.21 -9.27 -30.71
N ALA A 330 -30.12 -8.93 -31.62
CA ALA A 330 -29.93 -7.81 -32.56
C ALA A 330 -29.76 -6.47 -31.81
N GLY A 331 -30.55 -6.25 -30.75
CA GLY A 331 -30.40 -5.09 -29.85
C GLY A 331 -29.02 -4.99 -29.20
N ILE A 332 -28.45 -6.10 -28.73
CA ILE A 332 -27.07 -6.15 -28.18
C ILE A 332 -26.04 -5.75 -29.24
N LEU A 333 -26.22 -6.22 -30.48
CA LEU A 333 -25.30 -5.86 -31.58
C LEU A 333 -25.44 -4.38 -31.93
N HIS A 334 -26.67 -3.86 -31.99
CA HIS A 334 -26.91 -2.44 -32.38
C HIS A 334 -26.37 -1.51 -31.29
N LEU A 335 -26.38 -1.95 -30.03
CA LEU A 335 -25.79 -1.14 -28.93
C LEU A 335 -24.27 -1.19 -29.07
N GLY A 336 -23.71 -2.36 -29.36
CA GLY A 336 -22.25 -2.54 -29.47
C GLY A 336 -21.52 -1.65 -30.47
N ASN A 337 -22.23 -0.93 -31.34
CA ASN A 337 -21.67 0.06 -32.27
C ASN A 337 -22.36 1.44 -32.21
N VAL A 338 -22.92 1.83 -31.04
CA VAL A 338 -23.29 3.23 -30.77
C VAL A 338 -22.05 4.15 -30.83
N GLY A 339 -22.16 5.30 -31.50
CA GLY A 339 -21.08 6.27 -31.67
C GLY A 339 -20.94 7.21 -30.46
N PHE A 340 -19.70 7.49 -30.06
CA PHE A 340 -19.36 8.43 -28.98
C PHE A 340 -18.40 9.53 -29.47
N ALA A 341 -18.65 10.77 -29.03
CA ALA A 341 -17.77 11.91 -29.39
C ALA A 341 -17.40 12.66 -28.12
N SER A 342 -16.15 12.57 -27.67
CA SER A 342 -15.63 13.26 -26.47
C SER A 342 -15.92 14.77 -26.46
N ARG A 343 -16.08 15.29 -25.25
CA ARG A 343 -16.23 16.71 -24.92
C ARG A 343 -15.44 16.99 -23.66
N ASP A 344 -15.00 18.23 -23.47
CA ASP A 344 -14.22 18.65 -22.30
C ASP A 344 -13.01 17.72 -22.11
N SER A 345 -13.01 16.92 -21.05
CA SER A 345 -12.31 15.63 -20.94
C SER A 345 -13.23 14.58 -20.31
N ASP A 346 -13.83 14.92 -19.17
CA ASP A 346 -14.84 14.15 -18.42
C ASP A 346 -16.28 14.26 -18.98
N SER A 347 -16.43 14.54 -20.28
CA SER A 347 -17.73 14.66 -20.94
C SER A 347 -17.71 13.94 -22.30
N CYS A 348 -18.87 13.66 -22.87
CA CYS A 348 -18.95 12.85 -24.11
C CYS A 348 -20.40 12.85 -24.63
N THR A 349 -20.60 13.24 -25.89
CA THR A 349 -21.97 13.28 -26.47
C THR A 349 -22.15 12.14 -27.48
N ILE A 350 -23.39 11.76 -27.78
CA ILE A 350 -23.68 10.72 -28.81
C ILE A 350 -24.50 11.36 -29.93
N PRO A 351 -24.44 10.88 -31.19
CA PRO A 351 -25.16 11.51 -32.31
C PRO A 351 -26.69 11.40 -32.26
N PRO A 352 -27.53 12.47 -32.38
CA PRO A 352 -28.99 12.29 -32.43
C PRO A 352 -29.51 11.71 -33.77
N LYS A 353 -28.60 11.31 -34.65
CA LYS A 353 -29.00 10.79 -35.99
C LYS A 353 -28.38 9.41 -36.20
N HIS A 354 -27.67 8.89 -35.19
CA HIS A 354 -26.97 7.59 -35.31
C HIS A 354 -27.96 6.48 -35.65
N GLU A 355 -27.77 5.81 -36.79
CA GLU A 355 -28.72 4.75 -37.25
C GLU A 355 -28.71 3.52 -36.33
N PRO A 356 -27.57 2.89 -35.96
CA PRO A 356 -27.60 1.78 -34.99
C PRO A 356 -28.39 2.19 -33.73
N LEU A 357 -28.16 3.40 -33.22
CA LEU A 357 -28.86 3.91 -32.04
C LEU A 357 -30.37 4.07 -32.29
N THR A 358 -30.74 4.47 -33.52
CA THR A 358 -32.13 4.63 -33.96
C THR A 358 -32.87 3.28 -33.99
N ILE A 359 -32.30 2.28 -34.66
CA ILE A 359 -32.96 0.94 -34.69
C ILE A 359 -32.93 0.34 -33.28
N PHE A 360 -31.92 0.66 -32.48
CA PHE A 360 -31.79 0.11 -31.11
C PHE A 360 -32.97 0.61 -30.25
N CYS A 361 -33.17 1.93 -30.18
CA CYS A 361 -34.25 2.48 -29.31
C CYS A 361 -35.62 2.10 -29.88
N ASP A 362 -35.76 1.98 -31.20
CA ASP A 362 -37.01 1.54 -31.83
C ASP A 362 -37.38 0.08 -31.46
N LEU A 363 -36.42 -0.86 -31.52
CA LEU A 363 -36.65 -2.26 -31.16
C LEU A 363 -36.92 -2.47 -29.67
N MET A 364 -36.33 -1.67 -28.77
CA MET A 364 -36.67 -1.66 -27.34
C MET A 364 -37.92 -0.82 -27.01
N GLY A 365 -38.27 0.14 -27.86
CA GLY A 365 -39.36 1.10 -27.59
C GLY A 365 -39.00 2.04 -26.43
N VAL A 366 -37.93 2.81 -26.59
CA VAL A 366 -37.33 3.69 -25.56
C VAL A 366 -37.10 5.10 -26.13
N ASP A 367 -37.28 6.14 -25.31
CA ASP A 367 -37.05 7.53 -25.69
C ASP A 367 -35.57 7.81 -26.01
N TYR A 368 -35.32 8.26 -27.25
CA TYR A 368 -33.94 8.61 -27.70
C TYR A 368 -33.33 9.65 -26.77
N GLU A 369 -34.03 10.75 -26.50
CA GLU A 369 -33.46 11.85 -25.68
C GLU A 369 -33.04 11.36 -24.29
N GLU A 370 -33.90 10.60 -23.62
CA GLU A 370 -33.57 10.08 -22.28
C GLU A 370 -32.41 9.07 -22.32
N MET A 371 -32.41 8.18 -23.31
CA MET A 371 -31.27 7.23 -23.48
C MET A 371 -29.98 8.06 -23.60
N CYS A 372 -30.01 9.09 -24.45
CA CYS A 372 -28.80 9.95 -24.68
C CYS A 372 -28.40 10.64 -23.37
N HIS A 373 -29.37 11.21 -22.65
CA HIS A 373 -29.09 11.93 -21.38
C HIS A 373 -28.32 11.02 -20.42
N TRP A 374 -28.73 9.76 -20.29
CA TRP A 374 -28.07 8.87 -19.30
C TRP A 374 -26.76 8.28 -19.86
N LEU A 375 -26.52 8.35 -21.15
CA LEU A 375 -25.25 7.97 -21.75
C LEU A 375 -24.22 9.11 -21.74
N CYS A 376 -24.62 10.37 -21.53
CA CYS A 376 -23.69 11.49 -21.36
C CYS A 376 -23.53 11.98 -19.90
N HIS A 377 -24.49 11.65 -19.02
CA HIS A 377 -24.49 12.02 -17.60
C HIS A 377 -24.87 10.85 -16.68
N ARG A 378 -24.44 10.95 -15.42
CA ARG A 378 -24.57 9.97 -14.34
C ARG A 378 -25.16 10.61 -13.08
N LYS A 379 -25.79 9.82 -12.21
CA LYS A 379 -26.36 10.22 -10.92
C LYS A 379 -25.36 9.94 -9.80
N LEU A 380 -25.13 10.90 -8.90
CA LEU A 380 -24.26 10.66 -7.74
C LEU A 380 -24.86 9.67 -6.72
N ALA A 381 -24.02 8.92 -5.99
CA ALA A 381 -24.44 7.86 -5.05
C ALA A 381 -25.13 8.40 -3.77
N THR A 382 -25.07 9.72 -3.54
CA THR A 382 -25.67 10.40 -2.38
C THR A 382 -27.21 10.36 -2.44
N ALA A 383 -27.84 9.86 -1.37
CA ALA A 383 -29.30 9.71 -1.28
C ALA A 383 -30.06 11.03 -1.05
N THR A 384 -29.45 12.01 -0.37
CA THR A 384 -30.08 13.30 -0.01
C THR A 384 -30.16 14.30 -1.17
N GLU A 385 -29.23 14.22 -2.14
CA GLU A 385 -29.12 15.11 -3.30
C GLU A 385 -28.63 14.33 -4.53
N THR A 386 -29.56 13.93 -5.40
CA THR A 386 -29.15 13.20 -6.63
C THR A 386 -28.74 14.20 -7.72
N TYR A 387 -27.53 14.74 -7.62
CA TYR A 387 -27.03 15.75 -8.59
C TYR A 387 -26.43 15.04 -9.80
N ILE A 388 -26.43 15.68 -10.97
CA ILE A 388 -25.93 15.02 -12.21
C ILE A 388 -24.44 15.28 -12.43
N LYS A 389 -23.73 14.33 -13.04
CA LYS A 389 -22.29 14.45 -13.32
C LYS A 389 -22.01 13.94 -14.76
N PRO A 390 -21.39 14.74 -15.66
CA PRO A 390 -21.02 14.26 -16.98
C PRO A 390 -19.94 13.17 -16.93
N ILE A 391 -19.96 12.24 -17.89
CA ILE A 391 -19.01 11.12 -17.97
C ILE A 391 -18.12 11.20 -19.22
N SER A 392 -16.89 10.70 -19.12
CA SER A 392 -15.92 10.66 -20.23
C SER A 392 -16.30 9.65 -21.33
N LYS A 393 -15.63 9.71 -22.49
CA LYS A 393 -15.81 8.74 -23.58
C LYS A 393 -15.48 7.31 -23.15
N LEU A 394 -14.46 7.13 -22.31
CA LEU A 394 -14.10 5.83 -21.73
C LEU A 394 -15.19 5.30 -20.80
N GLN A 395 -15.76 6.17 -19.96
CA GLN A 395 -16.86 5.76 -19.03
C GLN A 395 -18.13 5.45 -19.83
N ALA A 396 -18.46 6.24 -20.85
CA ALA A 396 -19.61 6.00 -21.72
C ALA A 396 -19.46 4.67 -22.51
N THR A 397 -18.25 4.36 -23.00
CA THR A 397 -17.93 3.06 -23.60
C THR A 397 -18.09 1.91 -22.61
N ASN A 398 -17.62 2.10 -21.36
CA ASN A 398 -17.83 1.13 -20.28
C ASN A 398 -19.33 0.93 -19.95
N ALA A 399 -20.15 1.99 -19.99
CA ALA A 399 -21.60 1.90 -19.79
C ALA A 399 -22.32 1.08 -20.88
N ARG A 400 -21.93 1.25 -22.16
CA ARG A 400 -22.39 0.41 -23.28
C ARG A 400 -22.11 -1.08 -23.01
N ASP A 401 -20.87 -1.40 -22.67
CA ASP A 401 -20.41 -2.78 -22.49
C ASP A 401 -20.97 -3.44 -21.22
N ALA A 402 -21.05 -2.72 -20.09
CA ALA A 402 -21.69 -3.20 -18.87
C ALA A 402 -23.17 -3.53 -19.07
N LEU A 403 -23.90 -2.68 -19.83
CA LEU A 403 -25.28 -2.94 -20.20
C LEU A 403 -25.42 -4.17 -21.12
N ALA A 404 -24.60 -4.29 -22.16
CA ALA A 404 -24.62 -5.43 -23.08
C ALA A 404 -24.37 -6.77 -22.35
N LYS A 405 -23.38 -6.81 -21.43
CA LYS A 405 -23.09 -7.95 -20.55
C LYS A 405 -24.30 -8.33 -19.69
N HIS A 406 -24.94 -7.32 -19.09
CA HIS A 406 -26.13 -7.55 -18.21
C HIS A 406 -27.25 -8.19 -19.02
N ILE A 407 -27.65 -7.57 -20.13
CA ILE A 407 -28.74 -8.09 -20.98
C ILE A 407 -28.44 -9.54 -21.41
N TYR A 408 -27.17 -9.84 -21.73
CA TYR A 408 -26.82 -11.25 -22.07
C TYR A 408 -27.11 -12.16 -20.88
N ALA A 409 -26.71 -11.77 -19.66
CA ALA A 409 -27.04 -12.57 -18.46
C ALA A 409 -28.55 -12.76 -18.40
N LYS A 410 -29.27 -11.65 -18.39
CA LYS A 410 -30.74 -11.70 -18.26
C LYS A 410 -31.35 -12.67 -19.28
N LEU A 411 -30.75 -12.83 -20.47
CA LEU A 411 -31.46 -13.69 -21.45
C LEU A 411 -30.96 -15.15 -21.31
N PHE A 412 -29.70 -15.34 -20.91
CA PHE A 412 -29.15 -16.71 -20.69
C PHE A 412 -29.89 -17.32 -19.48
N ASN A 413 -30.00 -16.57 -18.39
CA ASN A 413 -30.73 -17.06 -17.18
C ASN A 413 -32.18 -17.39 -17.57
N TRP A 414 -32.77 -16.60 -18.47
CA TRP A 414 -34.16 -16.87 -18.93
C TRP A 414 -34.21 -18.22 -19.63
N ILE A 415 -33.31 -18.44 -20.60
CA ILE A 415 -33.34 -19.71 -21.39
C ILE A 415 -33.16 -20.90 -20.45
N VAL A 416 -32.19 -20.86 -19.54
CA VAL A 416 -31.95 -22.07 -18.67
C VAL A 416 -33.16 -22.29 -17.76
N ASP A 417 -33.89 -21.23 -17.41
CA ASP A 417 -35.12 -21.39 -16.58
C ASP A 417 -36.22 -21.95 -17.49
N HIS A 418 -36.26 -21.52 -18.76
CA HIS A 418 -37.28 -22.00 -19.71
C HIS A 418 -37.11 -23.49 -19.97
N VAL A 419 -35.87 -23.96 -20.12
CA VAL A 419 -35.66 -25.40 -20.46
C VAL A 419 -36.00 -26.24 -19.21
N ASN A 420 -35.67 -25.76 -18.01
CA ASN A 420 -36.06 -26.48 -16.79
C ASN A 420 -37.59 -26.60 -16.63
N GLN A 421 -38.38 -25.62 -17.09
CA GLN A 421 -39.84 -25.73 -17.16
C GLN A 421 -40.29 -26.75 -18.23
N ALA A 422 -39.63 -26.79 -19.39
CA ALA A 422 -39.90 -27.77 -20.46
C ALA A 422 -39.53 -29.21 -20.07
N LEU A 423 -38.48 -29.35 -19.26
CA LEU A 423 -38.07 -30.70 -18.76
C LEU A 423 -38.78 -30.96 -17.43
N HIS A 424 -40.12 -31.02 -17.45
CA HIS A 424 -40.90 -31.24 -16.20
C HIS A 424 -40.76 -32.70 -15.74
N SER A 425 -40.78 -32.93 -14.43
CA SER A 425 -40.64 -34.31 -13.87
C SER A 425 -41.59 -34.51 -12.68
N ALA A 426 -41.83 -35.77 -12.28
CA ALA A 426 -42.65 -36.08 -11.11
C ALA A 426 -42.10 -35.46 -9.80
N VAL A 427 -42.97 -35.27 -8.80
CA VAL A 427 -42.68 -34.55 -7.55
C VAL A 427 -41.60 -35.20 -6.66
N LYS A 428 -41.33 -36.50 -6.85
CA LYS A 428 -40.28 -37.27 -6.16
C LYS A 428 -39.70 -38.36 -7.06
N GLN A 429 -38.37 -38.37 -7.20
CA GLN A 429 -37.68 -39.40 -8.00
C GLN A 429 -37.22 -40.51 -7.05
N HIS A 430 -37.22 -41.77 -7.52
CA HIS A 430 -36.72 -42.89 -6.67
C HIS A 430 -35.20 -42.75 -6.52
N SER A 431 -34.45 -42.70 -7.62
CA SER A 431 -32.97 -42.58 -7.57
C SER A 431 -32.47 -41.77 -8.77
N PHE A 432 -31.26 -41.23 -8.73
CA PHE A 432 -30.83 -40.35 -9.85
C PHE A 432 -29.37 -40.57 -10.24
N ILE A 433 -29.01 -40.22 -11.49
CA ILE A 433 -27.59 -40.30 -11.95
C ILE A 433 -27.21 -38.90 -12.44
N GLY A 434 -26.05 -38.37 -12.02
CA GLY A 434 -25.71 -36.98 -12.37
C GLY A 434 -24.48 -36.86 -13.26
N VAL A 435 -24.66 -36.67 -14.56
CA VAL A 435 -23.49 -36.45 -15.46
C VAL A 435 -23.02 -34.99 -15.30
N LEU A 436 -21.71 -34.78 -15.21
CA LEU A 436 -21.17 -33.41 -14.98
C LEU A 436 -20.22 -33.00 -16.11
N ASP A 437 -20.31 -31.79 -16.64
CA ASP A 437 -19.31 -31.27 -17.59
C ASP A 437 -18.97 -29.80 -17.28
N ILE A 438 -17.69 -29.45 -17.38
CA ILE A 438 -17.10 -28.18 -16.91
C ILE A 438 -15.98 -27.76 -17.88
N TYR A 439 -15.71 -26.44 -18.03
CA TYR A 439 -14.51 -25.93 -18.75
C TYR A 439 -13.26 -26.57 -18.15
N GLY A 440 -12.20 -26.78 -18.93
CA GLY A 440 -10.97 -27.46 -18.48
C GLY A 440 -9.88 -26.49 -18.06
N PHE A 441 -8.70 -27.00 -17.70
CA PHE A 441 -7.55 -26.15 -17.40
C PHE A 441 -7.13 -25.29 -18.60
N GLU A 442 -6.84 -24.02 -18.37
CA GLU A 442 -6.61 -23.05 -19.43
C GLU A 442 -5.35 -22.22 -19.20
N THR A 443 -4.59 -22.00 -20.27
CA THR A 443 -3.50 -21.04 -20.33
C THR A 443 -3.55 -20.30 -21.66
N PHE A 444 -3.23 -19.02 -21.64
CA PHE A 444 -2.90 -18.21 -22.80
C PHE A 444 -1.70 -17.33 -22.44
N GLU A 445 -1.18 -16.58 -23.41
CA GLU A 445 -0.08 -15.63 -23.22
C GLU A 445 -0.47 -14.44 -22.31
N ILE A 446 -1.77 -14.27 -22.05
CA ILE A 446 -2.35 -13.40 -21.04
C ILE A 446 -3.31 -14.24 -20.20
N ASN A 447 -3.25 -14.20 -18.86
CA ASN A 447 -4.22 -14.89 -18.01
C ASN A 447 -4.86 -13.93 -16.99
N SER A 448 -6.15 -14.11 -16.73
CA SER A 448 -7.00 -13.13 -16.06
C SER A 448 -7.94 -13.82 -15.09
N PHE A 449 -8.76 -13.03 -14.39
CA PHE A 449 -9.61 -13.49 -13.30
C PHE A 449 -10.51 -14.68 -13.70
N GLU A 450 -10.98 -14.73 -14.94
CA GLU A 450 -11.74 -15.88 -15.42
C GLU A 450 -10.89 -17.15 -15.46
N GLN A 451 -9.66 -17.09 -15.99
CA GLN A 451 -8.74 -18.26 -15.99
C GLN A 451 -8.48 -18.65 -14.54
N PHE A 452 -8.24 -17.67 -13.67
CA PHE A 452 -8.01 -17.95 -12.23
C PHE A 452 -9.19 -18.76 -11.68
N CYS A 453 -10.41 -18.39 -12.06
CA CYS A 453 -11.63 -19.07 -11.53
C CYS A 453 -11.74 -20.49 -12.09
N ILE A 454 -11.65 -20.66 -13.42
CA ILE A 454 -11.86 -22.01 -14.02
C ILE A 454 -10.74 -22.97 -13.60
N ASN A 455 -9.53 -22.46 -13.38
CA ASN A 455 -8.39 -23.31 -12.95
C ASN A 455 -8.60 -23.70 -11.48
N TYR A 456 -9.21 -22.81 -10.69
CA TYR A 456 -9.51 -23.12 -9.26
C TYR A 456 -10.64 -24.16 -9.21
N ALA A 457 -11.57 -24.11 -10.16
CA ALA A 457 -12.64 -25.13 -10.22
C ALA A 457 -12.03 -26.51 -10.47
N ASN A 458 -11.10 -26.59 -11.43
CA ASN A 458 -10.43 -27.89 -11.74
C ASN A 458 -9.62 -28.32 -10.50
N GLU A 459 -8.95 -27.37 -9.84
CA GLU A 459 -8.19 -27.66 -8.62
C GLU A 459 -9.07 -28.33 -7.55
N LYS A 460 -10.31 -27.85 -7.36
CA LYS A 460 -11.31 -28.42 -6.44
C LYS A 460 -11.82 -29.80 -6.89
N LEU A 461 -12.00 -30.02 -8.21
CA LEU A 461 -12.32 -31.35 -8.76
C LEU A 461 -11.20 -32.37 -8.48
N GLN A 462 -9.96 -31.97 -8.76
CA GLN A 462 -8.79 -32.88 -8.53
C GLN A 462 -8.66 -33.15 -7.03
N GLN A 463 -9.01 -32.17 -6.19
CA GLN A 463 -8.87 -32.32 -4.72
C GLN A 463 -9.79 -33.44 -4.23
N GLN A 464 -11.08 -33.40 -4.59
CA GLN A 464 -12.05 -34.44 -4.16
C GLN A 464 -11.56 -35.80 -4.65
N PHE A 465 -11.06 -35.87 -5.90
CA PHE A 465 -10.54 -37.15 -6.45
C PHE A 465 -9.39 -37.65 -5.56
N ASN A 466 -8.41 -36.79 -5.27
CA ASN A 466 -7.21 -37.18 -4.49
C ASN A 466 -7.60 -37.65 -3.09
N MET A 467 -8.82 -37.33 -2.65
CA MET A 467 -9.25 -37.71 -1.28
C MET A 467 -10.00 -39.05 -1.37
N HIS A 468 -11.13 -39.08 -2.07
CA HIS A 468 -11.95 -40.32 -2.18
C HIS A 468 -11.09 -41.51 -2.58
N VAL A 469 -10.25 -41.36 -3.61
CA VAL A 469 -9.46 -42.52 -4.14
C VAL A 469 -8.25 -42.81 -3.24
N PHE A 470 -7.63 -41.79 -2.65
CA PHE A 470 -6.37 -42.05 -1.89
C PHE A 470 -6.49 -41.72 -0.40
N LYS A 471 -6.56 -40.43 -0.03
CA LYS A 471 -6.56 -40.03 1.41
C LYS A 471 -7.63 -40.77 2.22
N LEU A 472 -8.90 -40.57 1.89
CA LEU A 472 -10.00 -41.20 2.67
C LEU A 472 -9.87 -42.73 2.65
N GLU A 473 -9.47 -43.29 1.51
CA GLU A 473 -9.33 -44.77 1.37
C GLU A 473 -8.32 -45.30 2.39
N GLN A 474 -7.14 -44.67 2.48
CA GLN A 474 -6.09 -45.20 3.40
C GLN A 474 -6.54 -45.03 4.87
N GLU A 475 -7.26 -43.95 5.18
CA GLU A 475 -7.78 -43.76 6.55
C GLU A 475 -8.74 -44.90 6.90
N GLU A 476 -9.58 -45.31 5.94
CA GLU A 476 -10.53 -46.43 6.18
C GLU A 476 -9.73 -47.68 6.58
N TYR A 477 -8.67 -47.99 5.83
CA TYR A 477 -7.83 -49.17 6.13
C TYR A 477 -7.27 -49.06 7.55
N MET A 478 -6.66 -47.92 7.89
CA MET A 478 -6.05 -47.75 9.24
C MET A 478 -7.12 -47.90 10.32
N LYS A 479 -8.28 -47.26 10.14
CA LYS A 479 -9.39 -47.37 11.11
C LYS A 479 -9.86 -48.80 11.32
N GLU A 480 -9.97 -49.57 10.23
CA GLU A 480 -10.41 -50.99 10.32
C GLU A 480 -9.21 -51.85 10.72
N GLN A 481 -8.04 -51.23 10.96
CA GLN A 481 -6.81 -51.97 11.37
C GLN A 481 -6.59 -53.20 10.48
N ILE A 482 -6.62 -53.02 9.16
CA ILE A 482 -6.32 -54.16 8.23
C ILE A 482 -4.94 -53.92 7.61
N PRO A 483 -4.03 -54.92 7.62
CA PRO A 483 -2.68 -54.77 7.02
C PRO A 483 -2.69 -54.03 5.68
N TRP A 484 -1.96 -52.93 5.57
CA TRP A 484 -1.99 -52.09 4.33
C TRP A 484 -0.74 -51.19 4.21
N THR A 485 -0.35 -50.81 2.98
CA THR A 485 0.82 -49.92 2.76
C THR A 485 0.35 -48.53 2.30
N LEU A 486 0.75 -47.46 3.02
CA LEU A 486 0.28 -46.09 2.73
C LEU A 486 0.59 -45.64 1.29
N ILE A 487 -0.34 -44.92 0.67
CA ILE A 487 -0.28 -44.49 -0.74
C ILE A 487 0.30 -43.06 -0.86
N ASP A 488 1.17 -42.84 -1.85
CA ASP A 488 1.68 -41.50 -2.21
C ASP A 488 0.80 -40.85 -3.30
N PHE A 489 0.49 -39.56 -3.11
CA PHE A 489 -0.36 -38.82 -4.10
C PHE A 489 -0.06 -37.32 -3.98
N TYR A 490 -0.46 -36.54 -4.99
CA TYR A 490 -0.22 -35.08 -4.97
C TYR A 490 -1.30 -34.38 -4.15
N ASP A 491 -0.93 -33.80 -3.00
CA ASP A 491 -1.92 -33.02 -2.22
C ASP A 491 -1.99 -31.62 -2.83
N ASN A 492 -3.12 -31.31 -3.47
CA ASN A 492 -3.30 -29.98 -4.14
C ASN A 492 -4.13 -29.10 -3.20
N GLN A 493 -4.44 -29.61 -2.01
CA GLN A 493 -5.16 -28.78 -0.98
C GLN A 493 -4.40 -27.48 -0.72
N PRO A 494 -3.04 -27.42 -0.64
CA PRO A 494 -2.34 -26.13 -0.53
C PRO A 494 -2.69 -25.14 -1.66
N CYS A 495 -2.69 -25.57 -2.93
CA CYS A 495 -2.98 -24.67 -4.09
C CYS A 495 -4.37 -24.09 -3.89
N ILE A 496 -5.05 -24.56 -2.86
CA ILE A 496 -6.41 -24.12 -2.53
C ILE A 496 -6.42 -23.19 -1.30
N ASN A 497 -5.61 -23.47 -0.27
CA ASN A 497 -5.51 -22.63 0.93
C ASN A 497 -5.01 -21.20 0.63
N LEU A 498 -4.12 -21.07 -0.36
CA LEU A 498 -3.67 -19.79 -0.94
C LEU A 498 -4.83 -18.92 -1.48
N ILE A 499 -5.95 -19.54 -1.87
CA ILE A 499 -7.14 -18.90 -2.44
C ILE A 499 -8.26 -18.75 -1.40
N GLU A 500 -8.52 -19.80 -0.61
CA GLU A 500 -9.66 -19.88 0.33
C GLU A 500 -9.44 -19.24 1.72
N SER A 501 -8.20 -19.23 2.22
CA SER A 501 -7.93 -18.87 3.62
C SER A 501 -8.06 -17.35 3.87
N LYS A 502 -8.05 -16.94 5.14
CA LYS A 502 -8.40 -15.57 5.58
C LYS A 502 -7.51 -14.45 5.02
N LEU A 503 -6.26 -14.75 4.64
CA LEU A 503 -5.34 -13.83 3.96
C LEU A 503 -5.13 -14.19 2.48
N GLY A 504 -5.98 -15.07 1.96
CA GLY A 504 -5.88 -15.59 0.60
C GLY A 504 -6.23 -14.58 -0.50
N ILE A 505 -5.86 -14.92 -1.74
CA ILE A 505 -5.86 -14.01 -2.88
C ILE A 505 -7.24 -13.35 -3.12
N LEU A 506 -8.32 -14.12 -3.08
CA LEU A 506 -9.67 -13.59 -3.33
C LEU A 506 -10.24 -12.72 -2.20
N ASP A 507 -9.83 -12.98 -0.96
CA ASP A 507 -10.18 -12.15 0.19
C ASP A 507 -9.52 -10.77 0.07
N LEU A 508 -8.23 -10.75 -0.25
CA LEU A 508 -7.48 -9.51 -0.53
C LEU A 508 -8.04 -8.78 -1.77
N LEU A 509 -8.52 -9.51 -2.79
CA LEU A 509 -9.20 -8.92 -3.94
C LEU A 509 -10.51 -8.23 -3.54
N ASP A 510 -11.31 -8.84 -2.65
CA ASP A 510 -12.52 -8.25 -2.10
C ASP A 510 -12.23 -7.00 -1.23
N GLU A 511 -11.17 -7.00 -0.42
CA GLU A 511 -10.74 -5.81 0.36
C GLU A 511 -10.42 -4.60 -0.53
N GLU A 512 -9.65 -4.81 -1.60
CA GLU A 512 -9.29 -3.73 -2.53
C GLU A 512 -10.45 -3.37 -3.49
N CYS A 513 -11.54 -4.14 -3.51
CA CYS A 513 -12.83 -3.71 -4.07
C CYS A 513 -13.63 -2.83 -3.07
N LYS A 514 -13.57 -3.14 -1.77
CA LYS A 514 -14.24 -2.38 -0.70
C LYS A 514 -13.62 -1.00 -0.44
N MET A 515 -12.29 -0.91 -0.40
CA MET A 515 -11.55 0.33 -0.18
C MET A 515 -11.54 1.22 -1.46
N PRO A 516 -11.97 2.50 -1.39
CA PRO A 516 -12.08 3.37 -2.57
C PRO A 516 -10.72 3.73 -3.21
N LYS A 517 -9.65 3.72 -2.40
CA LYS A 517 -8.25 3.87 -2.83
C LYS A 517 -7.52 2.55 -3.08
N GLY A 518 -8.24 1.43 -3.11
CA GLY A 518 -7.73 0.19 -3.71
C GLY A 518 -7.59 0.35 -5.22
N THR A 519 -6.49 -0.16 -5.79
CA THR A 519 -6.14 0.06 -7.19
C THR A 519 -5.11 -0.96 -7.67
N ASP A 520 -4.85 -0.98 -8.99
CA ASP A 520 -4.22 -2.09 -9.69
C ASP A 520 -2.89 -2.53 -9.07
N ASP A 521 -1.92 -1.62 -9.09
CA ASP A 521 -0.60 -1.89 -8.51
C ASP A 521 -0.72 -2.27 -7.03
N THR A 522 -1.64 -1.64 -6.34
CA THR A 522 -1.73 -1.67 -4.90
C THR A 522 -2.18 -3.02 -4.42
N TRP A 523 -3.14 -3.65 -5.10
CA TRP A 523 -3.48 -5.03 -4.79
C TRP A 523 -2.32 -5.98 -5.11
N ALA A 524 -1.71 -5.86 -6.30
CA ALA A 524 -0.62 -6.73 -6.70
C ALA A 524 0.54 -6.64 -5.69
N GLN A 525 0.89 -5.43 -5.32
CA GLN A 525 1.87 -5.15 -4.30
C GLN A 525 1.44 -5.73 -2.95
N LYS A 526 0.16 -5.64 -2.57
CA LYS A 526 -0.31 -6.26 -1.32
C LYS A 526 -0.06 -7.75 -1.33
N LEU A 527 -0.26 -8.44 -2.45
CA LEU A 527 0.11 -9.86 -2.56
C LEU A 527 1.61 -10.03 -2.36
N TYR A 528 2.44 -9.23 -3.04
CA TYR A 528 3.88 -9.28 -2.91
C TYR A 528 4.29 -9.08 -1.45
N ASN A 529 3.67 -8.14 -0.74
CA ASN A 529 3.93 -7.87 0.66
C ASN A 529 3.51 -9.03 1.57
N THR A 530 2.55 -9.85 1.13
CA THR A 530 1.91 -10.85 1.99
C THR A 530 2.49 -12.25 1.81
N HIS A 531 2.83 -12.64 0.57
CA HIS A 531 3.02 -14.04 0.22
C HIS A 531 4.39 -14.43 -0.34
N LEU A 532 5.13 -13.54 -1.01
CA LEU A 532 6.47 -13.89 -1.54
C LEU A 532 7.48 -14.24 -0.42
N ASN A 533 7.30 -13.58 0.71
CA ASN A 533 8.01 -13.76 1.98
C ASN A 533 7.85 -15.15 2.62
N LYS A 534 6.89 -15.97 2.16
CA LYS A 534 6.45 -17.18 2.86
C LYS A 534 6.20 -18.35 1.92
N CYS A 535 5.17 -18.27 1.09
CA CYS A 535 4.55 -19.46 0.52
C CYS A 535 5.42 -20.11 -0.55
N ALA A 536 5.22 -21.41 -0.78
CA ALA A 536 5.96 -22.16 -1.78
C ALA A 536 5.43 -21.93 -3.21
N LEU A 537 4.10 -21.89 -3.37
CA LEU A 537 3.44 -22.10 -4.66
C LEU A 537 3.41 -20.88 -5.57
N PHE A 538 3.56 -19.69 -4.99
CA PHE A 538 3.35 -18.42 -5.66
C PHE A 538 4.65 -17.63 -5.74
N GLU A 539 4.86 -16.95 -6.85
CA GLU A 539 6.06 -16.19 -7.14
C GLU A 539 5.75 -14.93 -7.95
N LYS A 540 6.74 -14.02 -8.00
CA LYS A 540 6.77 -12.93 -8.97
C LYS A 540 7.77 -13.24 -10.10
N PRO A 541 7.42 -13.08 -11.39
CA PRO A 541 8.41 -13.06 -12.47
C PRO A 541 9.41 -11.90 -12.29
N ARG A 542 10.67 -12.04 -12.73
CA ARG A 542 11.67 -10.97 -12.56
C ARG A 542 11.26 -9.66 -13.26
N MET A 543 11.16 -9.67 -14.58
CA MET A 543 11.01 -8.45 -15.37
C MET A 543 9.60 -7.86 -15.26
N SER A 544 8.57 -8.70 -15.28
CA SER A 544 7.19 -8.24 -15.24
C SER A 544 6.81 -7.77 -13.84
N ASN A 545 6.32 -6.54 -13.72
CA ASN A 545 6.02 -5.90 -12.43
C ASN A 545 4.51 -5.73 -12.18
N LYS A 546 3.68 -6.28 -13.07
CA LYS A 546 2.19 -6.24 -12.97
C LYS A 546 1.68 -7.68 -13.12
N ALA A 547 2.50 -8.68 -12.77
CA ALA A 547 2.12 -10.09 -12.99
C ALA A 547 2.51 -10.99 -11.82
N PHE A 548 1.89 -12.16 -11.70
CA PHE A 548 2.19 -13.13 -10.61
C PHE A 548 2.02 -14.55 -11.16
N ILE A 549 2.77 -15.52 -10.64
CA ILE A 549 2.75 -16.90 -11.17
C ILE A 549 2.49 -17.92 -10.05
N ILE A 550 1.52 -18.80 -10.26
CA ILE A 550 1.12 -19.78 -9.21
C ILE A 550 1.23 -21.20 -9.76
N LYS A 551 1.75 -22.15 -8.98
CA LYS A 551 1.83 -23.56 -9.42
C LYS A 551 0.45 -24.22 -9.24
N HIS A 552 -0.03 -24.94 -10.25
CA HIS A 552 -1.33 -25.66 -10.15
C HIS A 552 -1.10 -27.17 -10.31
N PHE A 553 -2.16 -27.96 -10.19
CA PHE A 553 -2.03 -29.45 -10.30
C PHE A 553 -1.35 -29.82 -11.61
N ALA A 554 -1.74 -29.16 -12.72
CA ALA A 554 -1.13 -29.46 -14.04
C ALA A 554 0.22 -28.76 -14.14
N ASP A 555 0.22 -27.43 -14.20
CA ASP A 555 1.49 -26.66 -14.36
C ASP A 555 1.32 -25.23 -13.84
N LYS A 556 2.41 -24.46 -13.82
CA LYS A 556 2.35 -23.06 -13.38
C LYS A 556 1.62 -22.19 -14.41
N VAL A 557 0.83 -21.22 -13.93
CA VAL A 557 0.09 -20.29 -14.84
C VAL A 557 0.34 -18.86 -14.35
N GLU A 558 0.82 -17.97 -15.23
CA GLU A 558 1.10 -16.57 -14.84
C GLU A 558 -0.13 -15.69 -15.09
N TYR A 559 -0.81 -15.26 -14.01
CA TYR A 559 -1.98 -14.36 -14.16
C TYR A 559 -1.52 -12.90 -14.10
N GLN A 560 -2.09 -12.06 -14.96
CA GLN A 560 -1.73 -10.62 -14.96
C GLN A 560 -2.71 -9.89 -14.04
N CYS A 561 -2.21 -9.01 -13.16
CA CYS A 561 -3.08 -8.32 -12.17
C CYS A 561 -4.11 -7.41 -12.85
N GLU A 562 -3.84 -7.00 -14.10
CA GLU A 562 -4.77 -6.11 -14.84
C GLU A 562 -6.08 -6.84 -15.10
N GLY A 563 -7.22 -6.16 -14.90
CA GLY A 563 -8.54 -6.77 -15.15
C GLY A 563 -8.89 -7.77 -14.05
N PHE A 564 -8.77 -7.36 -12.80
CA PHE A 564 -9.13 -8.26 -11.66
C PHE A 564 -10.21 -7.59 -10.81
N LEU A 565 -9.92 -6.40 -10.24
CA LEU A 565 -10.90 -5.75 -9.35
C LEU A 565 -12.22 -5.46 -10.07
N GLU A 566 -12.16 -4.95 -11.30
CA GLU A 566 -13.38 -4.55 -12.05
C GLU A 566 -14.25 -5.75 -12.44
N LYS A 567 -13.64 -6.89 -12.82
CA LYS A 567 -14.40 -8.13 -13.06
C LYS A 567 -14.93 -8.76 -11.76
N ASN A 568 -14.27 -8.55 -10.62
CA ASN A 568 -14.75 -8.97 -9.31
C ASN A 568 -15.93 -8.12 -8.80
N LYS A 569 -15.92 -6.80 -9.04
CA LYS A 569 -17.02 -5.87 -8.72
C LYS A 569 -18.27 -6.13 -9.57
N ASP A 570 -18.11 -6.29 -10.87
CA ASP A 570 -19.18 -6.56 -11.85
C ASP A 570 -20.38 -5.58 -11.77
N THR A 571 -20.08 -4.28 -11.61
CA THR A 571 -21.09 -3.21 -11.48
C THR A 571 -21.77 -2.86 -12.81
N VAL A 572 -23.00 -2.32 -12.74
CA VAL A 572 -23.82 -1.89 -13.89
C VAL A 572 -24.49 -0.54 -13.57
N PHE A 573 -24.51 0.36 -14.57
CA PHE A 573 -25.09 1.72 -14.39
C PHE A 573 -26.60 1.62 -14.18
N GLU A 574 -27.10 2.18 -13.07
CA GLU A 574 -28.55 2.18 -12.79
C GLU A 574 -29.27 3.02 -13.84
N GLU A 575 -28.70 4.17 -14.21
CA GLU A 575 -29.32 5.07 -15.19
C GLU A 575 -29.67 4.33 -16.50
N GLN A 576 -28.86 3.34 -16.89
CA GLN A 576 -29.10 2.47 -18.03
C GLN A 576 -30.11 1.35 -17.74
N ILE A 577 -30.09 0.73 -16.55
CA ILE A 577 -31.09 -0.29 -16.20
C ILE A 577 -32.51 0.30 -16.07
N LYS A 578 -32.63 1.58 -15.66
CA LYS A 578 -33.91 2.31 -15.60
C LYS A 578 -34.60 2.37 -16.96
N VAL A 579 -33.89 2.81 -18.01
CA VAL A 579 -34.47 2.92 -19.36
C VAL A 579 -34.74 1.54 -19.99
N LEU A 580 -33.97 0.51 -19.66
CA LEU A 580 -34.26 -0.87 -20.06
C LEU A 580 -35.53 -1.42 -19.38
N LYS A 581 -35.72 -1.18 -18.08
CA LYS A 581 -36.95 -1.52 -17.35
C LYS A 581 -38.16 -0.73 -17.86
N SER A 582 -37.94 0.46 -18.42
CA SER A 582 -38.94 1.33 -19.06
C SER A 582 -39.27 0.96 -20.53
N SER A 583 -38.67 -0.10 -21.10
CA SER A 583 -38.87 -0.52 -22.50
C SER A 583 -40.35 -0.80 -22.82
N LYS A 584 -40.87 -0.23 -23.92
CA LYS A 584 -42.23 -0.50 -24.42
C LYS A 584 -42.33 -1.89 -25.09
N PHE A 585 -41.18 -2.46 -25.49
CA PHE A 585 -41.16 -3.87 -25.96
C PHE A 585 -41.39 -4.69 -24.69
N LYS A 586 -42.37 -5.61 -24.67
CA LYS A 586 -42.76 -6.31 -23.40
C LYS A 586 -41.71 -7.26 -22.81
N MET A 587 -40.85 -7.87 -23.61
CA MET A 587 -39.90 -8.87 -23.07
C MET A 587 -38.91 -8.28 -22.06
N LEU A 588 -38.31 -7.13 -22.36
CA LEU A 588 -37.22 -6.56 -21.56
C LEU A 588 -37.62 -6.15 -20.12
N PRO A 589 -38.81 -5.56 -19.86
CA PRO A 589 -39.25 -5.30 -18.49
C PRO A 589 -39.34 -6.55 -17.61
N GLU A 590 -39.69 -7.73 -18.17
CA GLU A 590 -39.74 -8.99 -17.41
C GLU A 590 -38.35 -9.50 -17.01
N LEU A 591 -37.38 -9.27 -17.90
CA LEU A 591 -35.97 -9.69 -17.63
C LEU A 591 -35.39 -8.72 -16.60
N PHE A 592 -35.78 -7.45 -16.67
CA PHE A 592 -35.20 -6.43 -15.76
C PHE A 592 -35.97 -6.41 -14.44
N GLN A 593 -37.14 -7.05 -14.39
CA GLN A 593 -37.88 -7.16 -13.10
C GLN A 593 -37.35 -8.42 -12.39
N ALA A 594 -37.38 -8.43 -11.06
CA ALA A 594 -36.88 -9.60 -10.31
C ALA A 594 -37.59 -10.93 -10.66
N ALA A 624 -32.60 -8.58 8.87
CA ALA A 624 -32.32 -7.25 9.46
C ALA A 624 -30.92 -6.78 9.06
N LYS A 625 -30.15 -7.63 8.36
CA LYS A 625 -28.77 -7.28 7.92
C LYS A 625 -28.54 -7.83 6.52
N GLU A 626 -27.36 -7.61 5.94
CA GLU A 626 -26.96 -8.07 4.60
C GLU A 626 -25.44 -8.30 4.55
N HIS A 627 -24.99 -9.19 3.65
CA HIS A 627 -23.59 -9.23 3.19
C HIS A 627 -23.54 -8.94 1.68
N LYS A 628 -22.80 -7.92 1.27
CA LYS A 628 -22.62 -7.49 -0.14
C LYS A 628 -21.59 -8.39 -0.83
N LYS A 629 -21.94 -8.95 -1.99
CA LYS A 629 -21.21 -10.08 -2.60
C LYS A 629 -20.62 -9.76 -3.98
N THR A 630 -19.32 -9.95 -4.09
CA THR A 630 -18.54 -9.91 -5.34
C THR A 630 -18.66 -11.24 -6.09
N VAL A 631 -18.17 -11.25 -7.33
CA VAL A 631 -18.05 -12.49 -8.09
C VAL A 631 -17.18 -13.51 -7.36
N GLY A 632 -16.04 -13.10 -6.81
CA GLY A 632 -15.14 -14.03 -6.10
C GLY A 632 -15.81 -14.72 -4.91
N HIS A 633 -16.62 -13.96 -4.15
CA HIS A 633 -17.45 -14.52 -3.07
C HIS A 633 -18.58 -15.40 -3.62
N GLN A 634 -19.38 -14.86 -4.51
CA GLN A 634 -20.58 -15.48 -5.08
C GLN A 634 -20.24 -16.81 -5.77
N PHE A 635 -19.19 -16.82 -6.56
CA PHE A 635 -18.72 -18.02 -7.23
C PHE A 635 -18.21 -19.06 -6.23
N ARG A 636 -17.34 -18.71 -5.27
CA ARG A 636 -16.82 -19.73 -4.35
C ARG A 636 -17.94 -20.44 -3.62
N ASN A 637 -18.98 -19.70 -3.19
CA ASN A 637 -20.16 -20.32 -2.60
C ASN A 637 -20.82 -21.32 -3.56
N SER A 638 -21.08 -20.88 -4.79
CA SER A 638 -21.71 -21.71 -5.81
C SER A 638 -20.94 -23.01 -6.03
N LEU A 639 -19.61 -22.94 -5.98
CA LEU A 639 -18.76 -24.10 -6.14
C LEU A 639 -18.82 -25.04 -4.94
N HIS A 640 -18.80 -24.53 -3.69
CA HIS A 640 -18.89 -25.40 -2.51
C HIS A 640 -20.17 -26.21 -2.53
N LEU A 641 -21.27 -25.54 -2.89
CA LEU A 641 -22.61 -26.17 -2.98
C LEU A 641 -22.55 -27.31 -4.01
N LEU A 642 -21.98 -27.06 -5.19
CA LEU A 642 -21.88 -28.08 -6.23
C LEU A 642 -21.10 -29.32 -5.74
N MET A 643 -19.89 -29.14 -5.22
CA MET A 643 -19.02 -30.24 -4.79
C MET A 643 -19.63 -31.07 -3.65
N GLU A 644 -20.40 -30.45 -2.75
CA GLU A 644 -21.15 -31.18 -1.71
C GLU A 644 -22.25 -32.08 -2.30
N THR A 645 -23.00 -31.60 -3.30
CA THR A 645 -24.03 -32.40 -3.98
C THR A 645 -23.47 -33.53 -4.86
N LEU A 646 -22.27 -33.36 -5.42
CA LEU A 646 -21.53 -34.47 -6.06
C LEU A 646 -21.14 -35.54 -5.01
N ASN A 647 -20.51 -35.12 -3.91
CA ASN A 647 -19.96 -36.03 -2.90
C ASN A 647 -21.02 -36.84 -2.14
N ALA A 648 -22.30 -36.42 -2.17
CA ALA A 648 -23.44 -37.16 -1.62
C ALA A 648 -23.80 -38.45 -2.39
N THR A 649 -23.38 -38.58 -3.66
CA THR A 649 -23.65 -39.73 -4.53
C THR A 649 -22.55 -40.82 -4.46
N THR A 650 -22.67 -41.84 -5.32
CA THR A 650 -21.58 -42.83 -5.48
C THR A 650 -20.82 -42.39 -6.74
N PRO A 651 -19.57 -41.88 -6.67
CA PRO A 651 -18.89 -41.32 -7.86
C PRO A 651 -18.19 -42.23 -8.87
N HIS A 652 -18.10 -41.79 -10.12
CA HIS A 652 -17.39 -42.55 -11.20
C HIS A 652 -16.46 -41.54 -11.89
N TYR A 653 -15.23 -41.93 -12.25
CA TYR A 653 -14.30 -40.90 -12.77
C TYR A 653 -13.67 -41.22 -14.14
N VAL A 654 -13.92 -40.38 -15.14
CA VAL A 654 -13.19 -40.49 -16.43
C VAL A 654 -12.16 -39.38 -16.53
N ARG A 655 -10.92 -39.75 -16.87
CA ARG A 655 -9.83 -38.74 -17.02
C ARG A 655 -9.56 -38.56 -18.52
N CYS A 656 -9.83 -37.37 -19.05
CA CYS A 656 -9.69 -37.15 -20.52
C CYS A 656 -8.29 -36.66 -20.89
N ILE A 657 -7.71 -37.20 -21.97
CA ILE A 657 -6.35 -36.88 -22.40
C ILE A 657 -6.35 -36.29 -23.82
N LYS A 658 -5.64 -35.18 -24.03
CA LYS A 658 -5.48 -34.64 -25.41
C LYS A 658 -4.16 -35.15 -25.99
N PRO A 659 -4.13 -35.78 -27.18
CA PRO A 659 -2.88 -36.25 -27.82
C PRO A 659 -1.97 -35.32 -28.66
N ASN A 660 -2.48 -34.27 -29.30
CA ASN A 660 -1.57 -33.31 -30.01
C ASN A 660 -2.20 -31.92 -30.13
N ASP A 661 -1.44 -30.84 -29.79
CA ASP A 661 -2.08 -29.52 -30.04
C ASP A 661 -2.27 -29.32 -31.56
N PHE A 662 -1.57 -30.10 -32.36
CA PHE A 662 -1.64 -29.83 -33.82
C PHE A 662 -3.07 -30.11 -34.26
N LYS A 663 -3.89 -30.67 -33.35
CA LYS A 663 -5.28 -31.10 -33.71
C LYS A 663 -5.17 -32.06 -34.88
N PHE A 664 -4.02 -32.71 -35.06
CA PHE A 664 -3.89 -33.69 -36.16
C PHE A 664 -4.55 -35.02 -35.74
N PRO A 665 -5.26 -35.73 -36.64
CA PRO A 665 -5.95 -36.96 -36.26
C PRO A 665 -4.99 -38.08 -35.86
N PHE A 666 -5.28 -38.79 -34.76
CA PHE A 666 -4.44 -39.94 -34.31
C PHE A 666 -2.96 -39.55 -34.26
N THR A 667 -2.63 -38.52 -33.49
CA THR A 667 -1.22 -38.05 -33.35
C THR A 667 -0.83 -38.07 -31.87
N PHE A 668 -0.07 -39.07 -31.42
CA PHE A 668 0.27 -39.20 -29.98
C PHE A 668 1.60 -38.50 -29.69
N ASP A 669 1.60 -37.49 -28.82
CA ASP A 669 2.88 -36.85 -28.40
C ASP A 669 3.20 -37.36 -26.99
N GLU A 670 4.42 -37.87 -26.78
CA GLU A 670 4.79 -38.47 -25.47
C GLU A 670 4.85 -37.39 -24.38
N LYS A 671 5.59 -36.30 -24.63
CA LYS A 671 5.70 -35.20 -23.66
C LYS A 671 4.29 -34.72 -23.28
N ARG A 672 3.39 -34.60 -24.26
CA ARG A 672 2.01 -34.11 -23.99
C ARG A 672 1.28 -35.10 -23.08
N ALA A 673 1.38 -36.40 -23.37
CA ALA A 673 0.62 -37.40 -22.59
C ALA A 673 1.24 -37.58 -21.20
N VAL A 674 2.56 -37.70 -21.11
CA VAL A 674 3.20 -37.98 -19.79
C VAL A 674 2.85 -36.85 -18.82
N GLN A 675 2.69 -35.63 -19.34
CA GLN A 675 2.33 -34.47 -18.48
C GLN A 675 0.88 -34.64 -18.03
N GLN A 676 -0.02 -35.03 -18.94
CA GLN A 676 -1.46 -35.16 -18.61
C GLN A 676 -1.67 -36.28 -17.58
N LEU A 677 -0.97 -37.42 -17.73
CA LEU A 677 -1.22 -38.57 -16.81
C LEU A 677 -0.62 -38.30 -15.42
N ARG A 678 0.41 -37.44 -15.34
CA ARG A 678 0.99 -37.09 -14.02
C ARG A 678 0.14 -35.98 -13.38
N ALA A 679 -0.56 -35.18 -14.19
CA ALA A 679 -1.44 -34.13 -13.64
C ALA A 679 -2.67 -34.78 -13.01
N CYS A 680 -3.10 -35.92 -13.55
CA CYS A 680 -4.27 -36.64 -13.00
C CYS A 680 -3.83 -37.56 -11.85
N GLY A 681 -2.63 -38.12 -11.93
CA GLY A 681 -2.15 -39.08 -10.90
C GLY A 681 -2.61 -40.48 -11.22
N VAL A 682 -2.69 -40.77 -12.52
CA VAL A 682 -3.08 -42.11 -13.06
C VAL A 682 -2.17 -43.18 -12.45
N LEU A 683 -0.86 -42.94 -12.42
CA LEU A 683 0.10 -43.96 -11.91
C LEU A 683 -0.31 -44.39 -10.50
N GLU A 684 -0.58 -43.42 -9.62
CA GLU A 684 -0.93 -43.75 -8.22
C GLU A 684 -2.32 -44.42 -8.18
N THR A 685 -3.21 -44.04 -9.09
CA THR A 685 -4.55 -44.69 -9.15
C THR A 685 -4.38 -46.15 -9.55
N ILE A 686 -3.51 -46.45 -10.52
CA ILE A 686 -3.27 -47.87 -10.90
C ILE A 686 -2.65 -48.59 -9.70
N ARG A 687 -1.67 -47.95 -9.05
CA ARG A 687 -0.97 -48.58 -7.89
C ARG A 687 -2.00 -49.01 -6.83
N ILE A 688 -2.86 -48.10 -6.39
CA ILE A 688 -3.86 -48.42 -5.35
C ILE A 688 -4.92 -49.42 -5.83
N SER A 689 -5.35 -49.37 -7.10
CA SER A 689 -6.30 -50.35 -7.65
C SER A 689 -5.67 -51.73 -7.91
N ALA A 690 -4.35 -51.82 -8.15
CA ALA A 690 -3.61 -53.07 -8.13
C ALA A 690 -3.47 -53.65 -6.71
N ALA A 691 -3.26 -52.79 -5.72
CA ALA A 691 -3.28 -53.27 -4.31
C ALA A 691 -4.63 -53.94 -4.08
N GLY A 692 -5.70 -53.43 -4.73
CA GLY A 692 -7.02 -54.09 -4.67
C GLY A 692 -7.82 -53.89 -3.40
N PHE A 693 -8.72 -54.83 -3.08
CA PHE A 693 -9.62 -54.75 -1.90
C PHE A 693 -10.49 -53.49 -1.86
N PRO A 694 -11.31 -53.14 -2.88
CA PRO A 694 -12.22 -51.99 -2.78
C PRO A 694 -13.60 -52.32 -2.17
N SER A 695 -14.07 -53.57 -2.30
CA SER A 695 -15.42 -53.95 -1.80
C SER A 695 -15.39 -54.13 -0.28
N ARG A 696 -16.45 -53.71 0.42
CA ARG A 696 -16.47 -53.77 1.90
C ARG A 696 -17.87 -54.10 2.42
N TRP A 697 -17.96 -55.01 3.41
CA TRP A 697 -19.27 -55.33 4.04
C TRP A 697 -19.02 -55.50 5.54
N THR A 698 -19.89 -54.94 6.40
CA THR A 698 -19.75 -55.15 7.86
C THR A 698 -19.99 -56.63 8.20
N TYR A 699 -19.48 -57.09 9.34
CA TYR A 699 -19.64 -58.52 9.71
C TYR A 699 -21.14 -58.88 9.76
N GLN A 700 -21.94 -58.06 10.44
CA GLN A 700 -23.39 -58.36 10.57
C GLN A 700 -24.08 -58.22 9.21
N GLU A 701 -23.63 -57.29 8.37
CA GLU A 701 -24.22 -57.11 7.02
C GLU A 701 -23.97 -58.38 6.19
N PHE A 702 -22.74 -58.91 6.22
CA PHE A 702 -22.44 -60.19 5.51
C PHE A 702 -23.29 -61.30 6.14
N PHE A 703 -23.38 -61.31 7.47
CA PHE A 703 -24.19 -62.34 8.18
C PHE A 703 -25.64 -62.29 7.68
N SER A 704 -26.17 -61.10 7.39
CA SER A 704 -27.61 -60.99 6.99
C SER A 704 -27.77 -61.24 5.50
N ARG A 705 -26.87 -60.68 4.68
CA ARG A 705 -27.00 -60.80 3.19
C ARG A 705 -26.77 -62.26 2.79
N TYR A 706 -25.67 -62.88 3.23
CA TYR A 706 -25.35 -64.24 2.75
C TYR A 706 -25.68 -65.29 3.82
N ARG A 707 -26.79 -65.11 4.55
CA ARG A 707 -27.22 -66.14 5.55
C ARG A 707 -27.65 -67.40 4.81
N VAL A 708 -28.24 -67.26 3.62
CA VAL A 708 -28.64 -68.41 2.79
C VAL A 708 -27.45 -69.32 2.41
N LEU A 709 -26.22 -68.78 2.38
CA LEU A 709 -24.98 -69.54 2.14
C LEU A 709 -24.41 -70.18 3.43
N MET A 710 -24.89 -69.78 4.61
CA MET A 710 -24.42 -70.26 5.92
C MET A 710 -25.16 -71.53 6.37
N LYS A 711 -24.42 -72.55 6.82
CA LYS A 711 -24.97 -73.82 7.32
C LYS A 711 -25.29 -73.74 8.82
N GLN A 712 -26.35 -74.43 9.25
CA GLN A 712 -26.88 -74.39 10.62
C GLN A 712 -25.92 -74.93 11.69
N LYS A 713 -24.93 -75.75 11.31
CA LYS A 713 -23.82 -76.20 12.18
C LYS A 713 -22.56 -75.30 12.12
N ASP A 714 -22.43 -74.46 11.09
CA ASP A 714 -21.28 -73.56 10.91
C ASP A 714 -21.49 -72.16 11.54
N VAL A 715 -22.75 -71.72 11.69
CA VAL A 715 -23.11 -70.48 12.43
C VAL A 715 -22.78 -70.59 13.92
N LEU A 716 -22.28 -69.50 14.49
CA LEU A 716 -21.86 -69.33 15.88
C LEU A 716 -22.46 -68.07 16.50
N GLY A 717 -22.45 -67.98 17.84
CA GLY A 717 -22.84 -66.75 18.56
C GLY A 717 -21.94 -65.55 18.22
N ASP A 718 -20.70 -65.85 17.83
CA ASP A 718 -19.81 -64.77 17.33
C ASP A 718 -20.02 -64.68 15.82
N ARG A 719 -20.60 -63.59 15.33
CA ARG A 719 -20.92 -63.49 13.87
C ARG A 719 -19.64 -63.23 13.08
N LYS A 720 -18.63 -62.64 13.72
CA LYS A 720 -17.33 -62.38 13.04
C LYS A 720 -16.73 -63.72 12.64
N GLN A 721 -16.77 -64.69 13.55
CA GLN A 721 -16.22 -66.04 13.26
C GLN A 721 -17.10 -66.72 12.21
N THR A 722 -18.42 -66.60 12.33
CA THR A 722 -19.35 -67.17 11.33
C THR A 722 -18.93 -66.71 9.92
N CYS A 723 -18.78 -65.40 9.73
CA CYS A 723 -18.39 -64.85 8.42
C CYS A 723 -17.05 -65.41 7.93
N LYS A 724 -16.04 -65.46 8.81
CA LYS A 724 -14.71 -66.04 8.52
C LYS A 724 -14.79 -67.52 8.13
N ASN A 725 -15.56 -68.32 8.89
CA ASN A 725 -15.71 -69.76 8.66
C ASN A 725 -16.33 -70.09 7.30
N VAL A 726 -17.35 -69.34 6.85
CA VAL A 726 -17.96 -69.59 5.53
C VAL A 726 -17.14 -69.00 4.38
N LEU A 727 -16.54 -67.81 4.52
CA LEU A 727 -15.75 -67.21 3.44
C LEU A 727 -14.48 -68.04 3.12
N GLU A 728 -13.90 -68.67 4.14
CA GLU A 728 -12.83 -69.69 4.01
C GLU A 728 -13.21 -70.86 3.09
N LYS A 729 -14.50 -71.28 3.11
CA LYS A 729 -15.04 -72.35 2.25
C LYS A 729 -15.47 -71.85 0.86
N LEU A 730 -16.08 -70.66 0.80
CA LEU A 730 -16.63 -70.06 -0.41
C LEU A 730 -15.55 -69.55 -1.39
N ILE A 731 -14.41 -69.05 -0.89
CA ILE A 731 -13.28 -68.58 -1.71
C ILE A 731 -11.98 -69.20 -1.20
N LEU A 732 -11.37 -70.08 -2.01
CA LEU A 732 -10.13 -70.79 -1.68
C LEU A 732 -8.89 -69.88 -1.78
N ASP A 733 -8.92 -68.90 -2.69
CA ASP A 733 -7.83 -67.95 -2.93
C ASP A 733 -7.75 -66.84 -1.85
N LYS A 734 -6.84 -67.01 -0.88
CA LYS A 734 -6.68 -66.13 0.29
C LYS A 734 -6.28 -64.69 -0.06
N ASP A 735 -5.73 -64.49 -1.26
CA ASP A 735 -5.30 -63.20 -1.82
C ASP A 735 -6.47 -62.28 -2.28
N LYS A 736 -7.68 -62.83 -2.35
CA LYS A 736 -8.82 -62.05 -2.89
C LYS A 736 -9.66 -61.45 -1.76
N TYR A 737 -9.43 -61.87 -0.52
CA TYR A 737 -10.30 -61.38 0.59
C TYR A 737 -9.46 -61.02 1.82
N GLN A 738 -9.88 -60.00 2.57
CA GLN A 738 -9.17 -59.62 3.82
C GLN A 738 -10.23 -59.42 4.90
N PHE A 739 -9.81 -59.11 6.14
CA PHE A 739 -10.78 -58.86 7.24
C PHE A 739 -10.37 -57.61 8.00
N GLY A 740 -11.36 -56.85 8.50
CA GLY A 740 -11.06 -55.65 9.29
C GLY A 740 -11.62 -55.77 10.70
N LYS A 741 -11.57 -54.68 11.48
CA LYS A 741 -12.10 -54.68 12.87
C LYS A 741 -13.57 -55.05 12.84
N THR A 742 -14.37 -54.28 12.09
CA THR A 742 -15.84 -54.53 11.99
C THR A 742 -16.23 -54.61 10.52
N LYS A 743 -15.35 -55.13 9.66
CA LYS A 743 -15.65 -55.17 8.20
C LYS A 743 -14.96 -56.37 7.55
N ILE A 744 -15.31 -56.66 6.29
CA ILE A 744 -14.65 -57.76 5.51
C ILE A 744 -14.28 -57.12 4.17
N PHE A 745 -13.05 -57.30 3.69
CA PHE A 745 -12.59 -56.60 2.46
C PHE A 745 -12.55 -57.58 1.29
N PHE A 746 -12.78 -57.10 0.06
CA PHE A 746 -12.84 -58.02 -1.11
C PHE A 746 -12.34 -57.34 -2.38
N ARG A 747 -11.70 -58.10 -3.28
CA ARG A 747 -11.18 -57.54 -4.56
C ARG A 747 -12.31 -57.33 -5.57
N ALA A 748 -11.97 -56.93 -6.80
CA ALA A 748 -13.00 -56.62 -7.81
C ALA A 748 -13.71 -57.90 -8.30
N GLY A 749 -15.00 -57.79 -8.63
CA GLY A 749 -15.78 -58.93 -9.15
C GLY A 749 -16.19 -59.98 -8.11
N GLN A 750 -15.55 -60.03 -6.93
CA GLN A 750 -15.84 -61.06 -5.91
C GLN A 750 -17.22 -60.88 -5.27
N VAL A 751 -17.72 -59.63 -5.16
CA VAL A 751 -19.11 -59.36 -4.74
C VAL A 751 -20.12 -59.92 -5.75
N ALA A 752 -19.87 -59.81 -7.05
CA ALA A 752 -20.73 -60.39 -8.08
C ALA A 752 -20.75 -61.94 -8.03
N TYR A 753 -19.61 -62.53 -7.63
CA TYR A 753 -19.54 -64.00 -7.45
C TYR A 753 -20.41 -64.39 -6.24
N LEU A 754 -20.25 -63.70 -5.11
CA LEU A 754 -21.08 -63.92 -3.92
C LEU A 754 -22.58 -63.72 -4.19
N GLU A 755 -22.96 -62.72 -4.98
CA GLU A 755 -24.36 -62.51 -5.42
C GLU A 755 -24.86 -63.63 -6.35
N LYS A 756 -24.01 -64.16 -7.24
CA LYS A 756 -24.34 -65.33 -8.09
C LYS A 756 -24.55 -66.58 -7.24
N LEU A 757 -23.68 -66.84 -6.26
CA LEU A 757 -23.86 -67.90 -5.26
C LEU A 757 -25.16 -67.72 -4.47
N ARG A 758 -25.47 -66.49 -4.02
CA ARG A 758 -26.71 -66.16 -3.30
C ARG A 758 -27.96 -66.49 -4.12
N ALA A 759 -27.99 -66.11 -5.39
CA ALA A 759 -29.09 -66.42 -6.31
C ALA A 759 -29.23 -67.93 -6.58
N ASP A 760 -28.12 -68.62 -6.88
CA ASP A 760 -28.11 -70.05 -7.16
C ASP A 760 -28.50 -70.91 -5.95
N LYS A 761 -27.98 -70.59 -4.75
CA LYS A 761 -28.32 -71.30 -3.52
C LYS A 761 -29.77 -71.07 -3.10
N LEU A 762 -30.26 -69.83 -3.22
CA LEU A 762 -31.69 -69.54 -2.91
C LEU A 762 -32.56 -70.37 -3.85
N ARG A 763 -32.15 -70.47 -5.11
CA ARG A 763 -32.93 -71.23 -6.13
C ARG A 763 -32.91 -72.73 -5.75
N ALA A 764 -31.73 -73.28 -5.49
CA ALA A 764 -31.61 -74.71 -5.12
C ALA A 764 -32.46 -74.98 -3.87
N ALA A 765 -32.41 -74.08 -2.88
CA ALA A 765 -33.18 -74.24 -1.65
C ALA A 765 -34.70 -74.24 -1.91
N CYS A 766 -35.19 -73.33 -2.76
CA CYS A 766 -36.59 -73.30 -3.19
C CYS A 766 -37.02 -74.61 -3.88
N ILE A 767 -36.19 -75.13 -4.79
CA ILE A 767 -36.41 -76.43 -5.46
C ILE A 767 -36.39 -77.59 -4.46
N ARG A 768 -35.51 -77.57 -3.46
CA ARG A 768 -35.37 -78.61 -2.43
C ARG A 768 -36.59 -78.73 -1.51
N ILE A 769 -37.15 -77.59 -1.10
CA ILE A 769 -38.32 -77.59 -0.18
C ILE A 769 -39.60 -77.78 -1.01
N GLN A 770 -39.49 -77.76 -2.34
CA GLN A 770 -40.67 -78.02 -3.20
C GLN A 770 -41.06 -79.50 -3.08
C ACE B 1 -18.31 -11.58 7.83
O ACE B 1 -17.87 -11.01 6.84
CH3 ACE B 1 -18.34 -10.88 9.16
N ASP B 2 -18.84 -12.80 7.79
CA ASP B 2 -18.97 -13.65 6.60
C ASP B 2 -20.08 -14.72 6.80
N GLU B 3 -20.17 -15.71 5.92
CA GLU B 3 -20.98 -16.91 6.08
C GLU B 3 -20.58 -17.72 7.33
N ASP B 4 -19.29 -18.02 7.46
CA ASP B 4 -18.70 -18.82 8.53
C ASP B 4 -18.35 -18.00 9.80
N GLU B 5 -18.64 -16.70 9.82
CA GLU B 5 -18.10 -15.78 10.83
C GLU B 5 -19.09 -14.66 11.16
N THR B 6 -19.39 -14.51 12.45
CA THR B 6 -20.34 -13.48 12.93
C THR B 6 -19.76 -12.07 12.86
N THR B 7 -20.61 -11.06 13.06
CA THR B 7 -20.26 -9.64 12.97
C THR B 7 -19.18 -9.20 13.95
N ALA B 8 -18.59 -8.04 13.67
CA ALA B 8 -17.97 -7.19 14.68
C ALA B 8 -18.80 -5.91 14.84
N LEU B 9 -18.76 -5.32 16.03
CA LEU B 9 -19.66 -4.26 16.45
C LEU B 9 -18.93 -2.92 16.49
N VAL B 10 -19.44 -1.94 15.79
CA VAL B 10 -18.81 -0.63 15.62
C VAL B 10 -19.51 0.33 16.55
N CYS B 11 -18.80 1.06 17.40
CA CYS B 11 -19.54 2.02 18.27
C CYS B 11 -18.76 3.33 18.41
N ASP B 12 -19.38 4.45 18.04
CA ASP B 12 -18.73 5.78 18.24
C ASP B 12 -19.15 6.31 19.61
N ASN B 13 -18.18 6.71 20.45
CA ASN B 13 -18.49 7.24 21.79
C ASN B 13 -18.77 8.75 21.66
N GLY B 14 -19.95 9.12 21.18
CA GLY B 14 -20.29 10.55 20.96
C GLY B 14 -20.60 11.26 22.26
N SER B 15 -20.17 12.51 22.42
CA SER B 15 -20.32 13.18 23.73
C SER B 15 -21.74 13.57 24.11
N GLY B 16 -22.55 14.01 23.13
CA GLY B 16 -23.99 14.28 23.29
C GLY B 16 -24.90 13.23 22.65
N LEU B 17 -24.35 12.38 21.76
CA LEU B 17 -25.09 11.47 20.89
C LEU B 17 -24.23 10.24 20.56
N VAL B 18 -24.60 9.07 21.11
CA VAL B 18 -23.91 7.79 20.88
C VAL B 18 -24.50 7.08 19.66
N LYS B 19 -23.61 6.51 18.82
CA LYS B 19 -24.05 5.78 17.59
C LYS B 19 -23.39 4.40 17.58
N ALA B 20 -24.13 3.35 17.24
CA ALA B 20 -23.58 1.98 17.21
C ALA B 20 -24.28 1.17 16.13
N GLY B 21 -23.68 0.05 15.69
CA GLY B 21 -24.25 -0.89 14.74
C GLY B 21 -23.23 -1.97 14.37
N PHE B 22 -23.55 -2.74 13.35
CA PHE B 22 -22.69 -3.82 12.85
C PHE B 22 -21.66 -3.31 11.84
N ALA B 23 -20.52 -3.97 11.78
CA ALA B 23 -19.56 -3.79 10.71
C ALA B 23 -20.20 -4.03 9.34
N GLY B 24 -19.82 -3.22 8.35
CA GLY B 24 -20.30 -3.31 6.98
C GLY B 24 -21.69 -2.74 6.72
N ASP B 25 -22.51 -2.42 7.73
CA ASP B 25 -23.74 -1.65 7.48
C ASP B 25 -23.41 -0.22 7.03
N ASP B 26 -24.25 0.36 6.17
CA ASP B 26 -23.97 1.67 5.56
C ASP B 26 -24.31 2.86 6.47
N ALA B 27 -25.22 2.67 7.43
CA ALA B 27 -25.54 3.62 8.51
C ALA B 27 -25.66 2.86 9.85
N PRO B 28 -25.47 3.53 11.01
CA PRO B 28 -25.61 2.87 12.32
C PRO B 28 -27.03 2.35 12.55
N ARG B 29 -27.17 1.08 12.97
CA ARG B 29 -28.49 0.58 13.35
C ARG B 29 -29.00 1.32 14.58
N ALA B 30 -28.12 1.98 15.35
CA ALA B 30 -28.59 2.68 16.56
C ALA B 30 -28.01 4.09 16.71
N VAL B 31 -28.84 5.05 17.10
CA VAL B 31 -28.37 6.46 17.33
C VAL B 31 -29.28 7.08 18.40
N PHE B 32 -28.74 7.43 19.56
CA PHE B 32 -29.57 7.97 20.68
C PHE B 32 -28.72 8.93 21.52
N PRO B 33 -29.32 9.91 22.24
CA PRO B 33 -28.56 10.83 23.12
C PRO B 33 -27.74 10.08 24.19
N SER B 34 -26.51 10.54 24.44
CA SER B 34 -25.68 9.92 25.51
C SER B 34 -26.29 10.30 26.86
N ILE B 35 -27.19 11.29 26.87
CA ILE B 35 -27.79 11.83 28.14
C ILE B 35 -28.39 10.74 29.04
N VAL B 36 -28.07 10.78 30.34
CA VAL B 36 -28.68 9.83 31.34
C VAL B 36 -29.55 10.68 32.28
N GLY B 37 -30.80 10.30 32.52
CA GLY B 37 -31.72 11.11 33.33
C GLY B 37 -32.02 10.46 34.68
N ARG B 38 -32.20 11.30 35.71
CA ARG B 38 -32.47 10.78 37.10
C ARG B 38 -33.63 11.57 37.70
N PRO B 39 -34.73 10.94 38.24
CA PRO B 39 -35.88 11.71 38.74
C PRO B 39 -35.54 12.84 39.71
N ARG B 40 -35.78 14.09 39.28
CA ARG B 40 -35.51 15.28 40.14
C ARG B 40 -36.84 15.81 40.65
N HIS B 41 -37.90 14.99 40.56
CA HIS B 41 -39.26 15.43 40.97
C HIS B 41 -39.58 15.06 42.42
N GLN B 42 -40.77 14.50 42.66
CA GLN B 42 -41.21 14.21 44.06
C GLN B 42 -42.19 13.03 44.06
N GLY B 43 -42.70 12.66 45.24
CA GLY B 43 -43.69 11.55 45.35
C GLY B 43 -45.00 11.90 44.68
N VAL B 44 -45.46 11.06 43.74
CA VAL B 44 -46.70 11.36 42.97
C VAL B 44 -47.61 10.12 42.88
N MET B 45 -47.07 8.97 42.47
CA MET B 45 -47.94 7.79 42.22
C MET B 45 -47.82 6.80 43.39
N VAL B 46 -48.93 6.17 43.78
CA VAL B 46 -48.91 5.16 44.89
C VAL B 46 -47.93 4.06 44.48
N GLY B 47 -48.16 3.43 43.33
CA GLY B 47 -47.21 2.42 42.83
C GLY B 47 -46.26 3.06 41.83
N MET B 48 -45.52 4.08 42.28
CA MET B 48 -44.58 4.81 41.38
C MET B 48 -43.54 3.84 40.83
N GLY B 49 -43.54 3.64 39.51
CA GLY B 49 -42.53 2.78 38.88
C GLY B 49 -41.37 3.62 38.35
N GLN B 50 -41.04 4.71 39.04
CA GLN B 50 -39.95 5.61 38.58
C GLN B 50 -38.63 4.82 38.58
N LYS B 51 -38.15 4.46 37.39
CA LYS B 51 -36.86 3.73 37.28
C LYS B 51 -35.77 4.63 37.87
N ASP B 52 -34.97 4.10 38.80
CA ASP B 52 -33.82 4.86 39.38
C ASP B 52 -33.18 5.71 38.29
N SER B 53 -32.95 5.13 37.10
CA SER B 53 -32.27 5.87 36.01
C SER B 53 -32.98 5.65 34.68
N TYR B 54 -32.99 6.67 33.80
CA TYR B 54 -33.56 6.52 32.43
C TYR B 54 -32.45 6.75 31.41
N VAL B 55 -32.62 6.33 30.15
CA VAL B 55 -31.52 6.41 29.15
C VAL B 55 -32.00 6.94 27.79
N GLY B 56 -31.40 8.02 27.27
CA GLY B 56 -31.70 8.48 25.91
C GLY B 56 -33.13 9.01 25.75
N ASP B 57 -33.90 8.34 24.88
CA ASP B 57 -35.30 8.76 24.60
C ASP B 57 -36.14 8.77 25.89
N GLU B 58 -36.06 7.72 26.70
CA GLU B 58 -36.90 7.64 27.93
C GLU B 58 -36.62 8.87 28.78
N ALA B 59 -35.38 9.37 28.74
CA ALA B 59 -35.01 10.54 29.53
C ALA B 59 -35.54 11.84 28.88
N GLN B 60 -35.44 11.96 27.55
CA GLN B 60 -35.93 13.13 26.79
C GLN B 60 -37.46 13.31 26.90
N SER B 61 -38.24 12.23 26.94
CA SER B 61 -39.71 12.28 27.13
C SER B 61 -40.12 12.71 28.55
N LYS B 62 -39.17 12.78 29.50
CA LYS B 62 -39.37 13.12 30.92
C LYS B 62 -38.58 14.38 31.35
N ARG B 63 -38.19 15.24 30.41
CA ARG B 63 -37.59 16.57 30.68
C ARG B 63 -38.46 17.37 31.65
N GLY B 64 -37.85 17.90 32.72
CA GLY B 64 -38.52 18.62 33.82
C GLY B 64 -39.00 17.73 34.97
N ILE B 65 -39.19 16.43 34.69
CA ILE B 65 -39.51 15.46 35.78
C ILE B 65 -38.17 14.91 36.27
N LEU B 66 -37.18 14.82 35.36
CA LEU B 66 -35.81 14.37 35.76
C LEU B 66 -34.75 15.37 35.33
N THR B 67 -33.53 15.24 35.86
CA THR B 67 -32.40 16.12 35.46
C THR B 67 -31.56 15.39 34.42
N LEU B 68 -30.80 16.11 33.58
CA LEU B 68 -30.07 15.42 32.49
C LEU B 68 -28.55 15.44 32.73
N LYS B 69 -27.94 14.28 32.91
CA LYS B 69 -26.49 14.14 33.10
C LYS B 69 -25.82 13.55 31.85
N TYR B 70 -24.73 14.21 31.45
CA TYR B 70 -23.91 13.74 30.31
C TYR B 70 -22.80 12.81 30.85
N PRO B 71 -22.64 11.52 30.43
CA PRO B 71 -21.54 10.66 30.86
C PRO B 71 -20.19 11.06 30.23
N ILE B 72 -20.16 12.07 29.36
CA ILE B 72 -18.98 12.56 28.62
C ILE B 72 -18.93 14.09 28.67
N GLU B 73 -17.74 14.63 28.99
CA GLU B 73 -17.53 16.11 28.94
C GLU B 73 -16.07 16.34 28.54
N HIS B 74 -15.84 17.19 27.53
CA HIS B 74 -14.46 17.46 27.03
C HIS B 74 -13.82 16.18 26.50
N GLY B 75 -14.59 15.36 25.75
CA GLY B 75 -14.02 14.15 25.13
C GLY B 75 -13.79 13.01 26.10
N ILE B 76 -13.80 13.27 27.41
CA ILE B 76 -13.46 12.20 28.38
C ILE B 76 -14.67 11.77 29.23
N ILE B 77 -14.62 10.58 29.81
CA ILE B 77 -15.73 10.02 30.62
C ILE B 77 -15.85 10.74 31.98
N THR B 78 -17.06 11.16 32.33
CA THR B 78 -17.38 11.81 33.63
C THR B 78 -17.80 10.80 34.71
N ASN B 79 -18.56 9.79 34.30
CA ASN B 79 -19.02 8.72 35.25
C ASN B 79 -18.98 7.38 34.51
N TRP B 80 -18.17 6.43 35.01
CA TRP B 80 -18.01 5.13 34.30
C TRP B 80 -19.23 4.24 34.50
N ASP B 81 -19.96 4.41 35.62
CA ASP B 81 -21.19 3.61 35.86
C ASP B 81 -22.22 3.99 34.80
N ASP B 82 -22.40 5.28 34.53
CA ASP B 82 -23.31 5.73 33.48
C ASP B 82 -22.82 5.37 32.08
N MET B 83 -21.51 5.39 31.80
CA MET B 83 -21.00 4.89 30.52
C MET B 83 -21.22 3.37 30.36
N GLU B 84 -21.05 2.58 31.43
CA GLU B 84 -21.46 1.17 31.46
C GLU B 84 -22.97 0.99 31.22
N LYS B 85 -23.81 1.86 31.78
CA LYS B 85 -25.27 1.88 31.53
C LYS B 85 -25.60 2.11 30.05
N ILE B 86 -24.91 3.06 29.39
CA ILE B 86 -25.07 3.32 27.94
C ILE B 86 -24.63 2.11 27.09
N TRP B 87 -23.46 1.56 27.40
CA TRP B 87 -22.96 0.37 26.67
C TRP B 87 -23.98 -0.77 26.83
N HIS B 88 -24.52 -0.95 28.03
CA HIS B 88 -25.56 -1.98 28.25
C HIS B 88 -26.76 -1.70 27.34
N HIS B 89 -27.36 -0.50 27.45
CA HIS B 89 -28.51 -0.14 26.58
C HIS B 89 -28.18 -0.43 25.11
N THR B 90 -26.96 -0.08 24.67
CA THR B 90 -26.56 -0.31 23.27
C THR B 90 -26.67 -1.80 22.91
N PHE B 91 -25.88 -2.68 23.53
CA PHE B 91 -25.88 -4.11 23.08
C PHE B 91 -26.99 -4.96 23.73
N TYR B 92 -27.89 -4.37 24.51
CA TYR B 92 -28.89 -5.24 25.21
C TYR B 92 -30.31 -4.69 25.00
N ASN B 93 -30.45 -3.58 24.28
CA ASN B 93 -31.80 -3.04 23.98
C ASN B 93 -31.86 -2.63 22.50
N GLU B 94 -30.96 -1.74 22.07
CA GLU B 94 -30.95 -1.26 20.67
C GLU B 94 -30.58 -2.41 19.73
N LEU B 95 -29.37 -2.96 19.91
CA LEU B 95 -28.91 -4.07 19.03
C LEU B 95 -29.32 -5.41 19.64
N ARG B 96 -29.53 -5.45 20.97
CA ARG B 96 -30.01 -6.68 21.65
C ARG B 96 -29.24 -7.92 21.17
N VAL B 97 -27.92 -7.91 21.34
CA VAL B 97 -26.95 -8.96 20.94
C VAL B 97 -26.24 -9.53 22.17
N ALA B 98 -25.27 -10.43 21.98
CA ALA B 98 -24.37 -10.82 23.09
C ALA B 98 -22.97 -10.21 22.84
N PRO B 99 -22.45 -9.15 23.55
CA PRO B 99 -21.11 -8.67 23.24
C PRO B 99 -20.07 -9.74 23.56
N GLU B 100 -20.47 -10.79 24.31
CA GLU B 100 -19.52 -11.85 24.69
C GLU B 100 -19.06 -12.62 23.44
N GLU B 101 -19.88 -12.66 22.39
CA GLU B 101 -19.58 -13.41 21.16
C GLU B 101 -18.95 -12.59 20.03
N HIS B 102 -18.90 -11.25 20.10
CA HIS B 102 -18.57 -10.43 18.94
C HIS B 102 -17.44 -9.44 19.22
N PRO B 103 -16.42 -9.32 18.36
CA PRO B 103 -15.43 -8.27 18.51
C PRO B 103 -16.06 -6.88 18.45
N THR B 104 -15.51 -5.90 19.18
CA THR B 104 -16.09 -4.55 19.25
C THR B 104 -15.06 -3.45 19.06
N LEU B 105 -15.34 -2.49 18.18
CA LEU B 105 -14.48 -1.34 17.94
C LEU B 105 -15.08 -0.13 18.65
N LEU B 106 -14.27 0.50 19.48
CA LEU B 106 -14.52 1.80 20.10
C LEU B 106 -13.66 2.89 19.45
N THR B 107 -13.99 4.18 19.67
CA THR B 107 -13.20 5.29 19.11
C THR B 107 -13.28 6.58 19.96
N GLU B 108 -12.15 7.28 20.10
CA GLU B 108 -12.00 8.49 20.93
C GLU B 108 -11.14 9.60 20.26
N ALA B 109 -11.15 10.80 20.85
CA ALA B 109 -10.39 11.95 20.38
C ALA B 109 -8.86 11.82 20.63
N PRO B 110 -7.94 12.35 19.78
CA PRO B 110 -6.50 12.30 20.07
C PRO B 110 -6.14 13.17 21.28
N LEU B 111 -4.93 13.00 21.83
CA LEU B 111 -4.48 13.75 23.04
C LEU B 111 -5.45 13.47 24.20
N ASN B 112 -5.89 12.21 24.32
CA ASN B 112 -6.80 11.82 25.43
C ASN B 112 -5.96 11.14 26.53
N PRO B 113 -6.26 11.37 27.83
CA PRO B 113 -5.54 10.72 28.93
C PRO B 113 -5.40 9.19 28.79
N LYS B 114 -4.18 8.66 28.99
CA LYS B 114 -3.96 7.20 28.97
C LYS B 114 -4.94 6.43 29.87
N ALA B 115 -5.25 7.00 31.05
CA ALA B 115 -6.18 6.42 32.01
C ALA B 115 -7.63 6.31 31.48
N ASN B 116 -8.05 7.28 30.67
CA ASN B 116 -9.43 7.28 30.12
C ASN B 116 -9.57 6.18 29.06
N ARG B 117 -8.43 5.68 28.55
CA ARG B 117 -8.46 4.62 27.51
C ARG B 117 -8.26 3.26 28.19
N GLU B 118 -7.37 3.20 29.18
CA GLU B 118 -7.09 1.92 29.88
C GLU B 118 -8.34 1.49 30.65
N LYS B 119 -8.97 2.43 31.38
CA LYS B 119 -10.21 2.12 32.11
C LYS B 119 -11.36 1.69 31.17
N MET B 120 -11.48 2.34 30.00
CA MET B 120 -12.46 1.99 28.97
C MET B 120 -12.28 0.53 28.48
N THR B 121 -11.06 0.11 28.14
CA THR B 121 -10.80 -1.28 27.74
C THR B 121 -10.97 -2.26 28.91
N GLN B 122 -10.54 -1.91 30.13
CA GLN B 122 -10.75 -2.74 31.32
C GLN B 122 -12.24 -3.08 31.53
N ILE B 123 -13.11 -2.08 31.54
CA ILE B 123 -14.55 -2.29 31.78
C ILE B 123 -15.16 -3.15 30.66
N MET B 124 -14.82 -2.89 29.40
CA MET B 124 -15.37 -3.63 28.26
C MET B 124 -14.92 -5.11 28.20
N PHE B 125 -13.71 -5.38 28.69
CA PHE B 125 -13.23 -6.79 28.74
C PHE B 125 -13.77 -7.52 29.98
N GLU B 126 -13.84 -6.83 31.13
CA GLU B 126 -14.26 -7.48 32.39
C GLU B 126 -15.78 -7.62 32.55
N THR B 127 -16.53 -6.57 32.22
CA THR B 127 -18.01 -6.61 32.45
C THR B 127 -18.76 -7.08 31.20
N PHE B 128 -18.15 -7.03 30.02
CA PHE B 128 -18.89 -7.38 28.78
C PHE B 128 -18.27 -8.63 28.12
N ASN B 129 -17.18 -9.16 28.69
CA ASN B 129 -16.55 -10.40 28.18
C ASN B 129 -16.34 -10.33 26.66
N VAL B 130 -16.07 -9.13 26.13
CA VAL B 130 -15.85 -8.96 24.68
C VAL B 130 -14.65 -9.80 24.21
N PRO B 131 -14.76 -10.61 23.14
CA PRO B 131 -13.69 -11.52 22.76
C PRO B 131 -12.49 -10.82 22.15
N ALA B 132 -12.71 -9.74 21.39
CA ALA B 132 -11.64 -8.88 20.87
C ALA B 132 -12.14 -7.44 20.67
N MET B 133 -11.24 -6.46 20.79
CA MET B 133 -11.55 -5.02 20.81
C MET B 133 -10.44 -4.19 20.17
N TYR B 134 -10.82 -3.01 19.63
CA TYR B 134 -9.85 -2.05 19.06
C TYR B 134 -10.29 -0.60 19.37
N VAL B 135 -9.36 0.32 19.66
CA VAL B 135 -9.62 1.73 19.95
C VAL B 135 -9.01 2.62 18.86
N ALA B 136 -9.85 3.08 17.93
CA ALA B 136 -9.44 3.98 16.83
C ALA B 136 -9.46 5.46 17.25
N ILE B 137 -8.69 6.30 16.55
CA ILE B 137 -8.81 7.77 16.62
C ILE B 137 -9.93 8.25 15.71
N GLN B 138 -10.88 9.02 16.26
CA GLN B 138 -12.07 9.50 15.48
C GLN B 138 -11.65 10.17 14.17
N ALA B 139 -10.59 10.99 14.19
CA ALA B 139 -10.20 11.77 12.99
C ALA B 139 -9.84 10.86 11.81
N VAL B 140 -9.14 9.74 12.08
CA VAL B 140 -8.68 8.85 10.98
C VAL B 140 -9.88 8.17 10.32
N LEU B 141 -10.96 7.95 11.09
CA LEU B 141 -12.17 7.29 10.54
C LEU B 141 -12.91 8.27 9.65
N SER B 142 -12.86 9.56 9.99
CA SER B 142 -13.51 10.60 9.16
C SER B 142 -12.77 10.69 7.81
N LEU B 143 -11.45 10.51 7.84
CA LEU B 143 -10.62 10.55 6.60
C LEU B 143 -10.90 9.30 5.75
N TYR B 144 -11.16 8.16 6.40
CA TYR B 144 -11.49 6.93 5.65
C TYR B 144 -12.82 7.13 4.92
N ALA B 145 -13.80 7.72 5.61
CA ALA B 145 -15.12 7.98 4.98
C ALA B 145 -14.95 9.00 3.86
N SER B 146 -13.99 9.94 3.99
CA SER B 146 -13.75 10.94 2.93
C SER B 146 -13.25 10.23 1.67
N GLY B 147 -12.60 9.07 1.82
CA GLY B 147 -12.11 8.29 0.67
C GLY B 147 -10.85 8.90 0.07
N ARG B 148 -9.91 9.34 0.94
CA ARG B 148 -8.62 9.88 0.44
C ARG B 148 -7.48 9.48 1.38
N THR B 149 -6.24 9.54 0.89
CA THR B 149 -5.06 9.22 1.75
C THR B 149 -4.49 10.55 2.27
N THR B 150 -4.76 11.65 1.57
CA THR B 150 -4.27 12.98 1.99
C THR B 150 -5.43 13.93 2.28
N GLY B 151 -5.38 14.59 3.44
CA GLY B 151 -6.29 15.65 3.83
C GLY B 151 -6.08 16.12 5.26
N ILE B 152 -6.24 17.42 5.49
CA ILE B 152 -6.29 18.02 6.83
C ILE B 152 -7.74 17.99 7.33
N VAL B 153 -8.03 17.11 8.28
CA VAL B 153 -9.38 16.94 8.83
C VAL B 153 -9.59 17.78 10.09
N LEU B 154 -10.60 18.63 10.06
CA LEU B 154 -11.15 19.37 11.20
C LEU B 154 -12.43 18.67 11.67
N ASP B 155 -12.37 18.03 12.84
CA ASP B 155 -13.48 17.29 13.44
C ASP B 155 -13.98 18.02 14.69
N SER B 156 -15.16 18.63 14.63
CA SER B 156 -15.81 19.35 15.74
C SER B 156 -17.11 18.68 16.16
N GLY B 157 -17.10 18.07 17.35
CA GLY B 157 -18.26 17.43 17.97
C GLY B 157 -19.03 18.37 18.91
N ASP B 158 -19.87 17.79 19.76
CA ASP B 158 -20.55 18.49 20.85
C ASP B 158 -19.57 18.88 21.98
N GLY B 159 -18.74 17.95 22.45
CA GLY B 159 -17.93 18.12 23.66
C GLY B 159 -16.43 18.38 23.44
N VAL B 160 -15.93 18.24 22.21
CA VAL B 160 -14.52 18.48 21.85
C VAL B 160 -14.36 18.77 20.35
N THR B 161 -13.32 19.56 20.00
CA THR B 161 -12.98 19.81 18.58
C THR B 161 -11.50 19.42 18.41
N HIS B 162 -11.11 18.79 17.30
CA HIS B 162 -9.68 18.49 17.07
C HIS B 162 -9.28 18.70 15.60
N ASN B 163 -7.98 18.85 15.33
CA ASN B 163 -7.50 19.08 13.94
C ASN B 163 -6.21 18.31 13.68
N VAL B 164 -6.24 17.33 12.76
CA VAL B 164 -5.03 16.52 12.44
C VAL B 164 -4.77 16.52 10.94
N PRO B 165 -3.68 17.14 10.44
CA PRO B 165 -3.33 17.08 9.01
C PRO B 165 -2.67 15.73 8.67
N ILE B 166 -3.14 15.08 7.60
CA ILE B 166 -2.61 13.72 7.25
C ILE B 166 -2.08 13.77 5.81
N TYR B 167 -0.80 13.40 5.62
CA TYR B 167 -0.26 13.31 4.24
C TYR B 167 0.07 11.85 3.92
N GLU B 168 -0.49 11.30 2.84
CA GLU B 168 -0.26 9.88 2.45
C GLU B 168 -0.64 8.94 3.60
N GLY B 169 0.02 7.79 3.69
CA GLY B 169 -0.25 6.84 4.78
C GLY B 169 0.56 7.16 6.01
N TYR B 170 0.67 8.45 6.39
CA TYR B 170 1.52 8.86 7.54
C TYR B 170 0.86 10.02 8.29
N ALA B 171 1.18 10.17 9.58
CA ALA B 171 0.61 11.27 10.39
C ALA B 171 1.74 12.22 10.80
N LEU B 172 1.40 13.45 11.21
CA LEU B 172 2.42 14.41 11.68
C LEU B 172 2.13 14.72 13.16
N PRO B 173 2.89 14.17 14.13
CA PRO B 173 2.60 14.34 15.56
C PRO B 173 2.69 15.77 16.10
N HIS B 174 3.44 16.64 15.42
CA HIS B 174 3.64 18.03 15.91
C HIS B 174 2.48 18.91 15.43
N ALA B 175 1.71 18.44 14.44
CA ALA B 175 0.64 19.29 13.87
C ALA B 175 -0.73 18.91 14.45
N ILE B 176 -0.78 17.95 15.39
CA ILE B 176 -2.09 17.64 16.05
C ILE B 176 -2.51 18.84 16.89
N MET B 177 -3.79 19.21 16.84
CA MET B 177 -4.26 20.45 17.54
C MET B 177 -5.65 20.23 18.14
N ARG B 178 -5.71 19.91 19.44
CA ARG B 178 -7.03 19.74 20.11
C ARG B 178 -7.57 21.13 20.49
N LEU B 179 -8.89 21.31 20.44
CA LEU B 179 -9.51 22.62 20.77
C LEU B 179 -10.59 22.43 21.84
N ASP B 180 -10.54 23.22 22.91
CA ASP B 180 -11.50 23.13 24.02
C ASP B 180 -12.93 23.56 23.61
N LEU B 181 -13.04 24.53 22.69
CA LEU B 181 -14.30 25.02 22.12
C LEU B 181 -14.99 23.95 21.26
N ALA B 182 -16.26 23.66 21.58
CA ALA B 182 -17.12 22.71 20.86
C ALA B 182 -18.61 23.11 20.96
N GLY B 183 -19.50 22.30 20.35
CA GLY B 183 -20.93 22.61 20.22
C GLY B 183 -21.69 22.87 21.55
N ARG B 184 -21.20 22.32 22.66
CA ARG B 184 -21.84 22.59 23.98
C ARG B 184 -21.67 24.08 24.34
N ASP B 185 -20.47 24.62 24.17
CA ASP B 185 -20.19 26.03 24.45
C ASP B 185 -21.01 26.99 23.57
N LEU B 186 -21.28 26.59 22.32
CA LEU B 186 -22.16 27.35 21.42
C LEU B 186 -23.61 27.36 21.95
N THR B 187 -24.07 26.26 22.55
CA THR B 187 -25.40 26.18 23.20
C THR B 187 -25.46 27.08 24.44
N ASP B 188 -24.41 27.05 25.25
CA ASP B 188 -24.35 27.92 26.46
C ASP B 188 -24.29 29.39 26.02
N TYR B 189 -23.63 29.65 24.89
CA TYR B 189 -23.52 31.05 24.37
C TYR B 189 -24.88 31.49 23.85
N LEU B 190 -25.60 30.59 23.17
CA LEU B 190 -26.96 30.94 22.69
C LEU B 190 -27.85 31.27 23.89
N MET B 191 -27.82 30.45 24.96
CA MET B 191 -28.59 30.80 26.16
C MET B 191 -28.25 32.21 26.67
N LYS B 192 -26.97 32.61 26.68
CA LYS B 192 -26.54 33.94 27.12
C LYS B 192 -27.08 35.07 26.23
N ILE B 193 -27.01 34.94 24.90
CA ILE B 193 -27.51 35.97 23.97
C ILE B 193 -29.05 35.97 23.83
N LEU B 194 -29.74 34.84 24.08
CA LEU B 194 -31.19 34.84 24.27
C LEU B 194 -31.59 35.48 25.61
N THR B 195 -30.80 35.31 26.68
CA THR B 195 -30.96 36.05 27.95
C THR B 195 -30.76 37.56 27.75
N GLU B 196 -29.77 37.92 26.92
CA GLU B 196 -29.52 39.36 26.62
C GLU B 196 -30.78 39.94 25.99
N ARG B 197 -31.48 39.16 25.17
CA ARG B 197 -32.74 39.63 24.54
C ARG B 197 -33.82 39.69 25.63
N GLY B 198 -33.95 38.63 26.44
CA GLY B 198 -34.94 38.60 27.53
C GLY B 198 -35.36 37.19 27.91
N TYR B 199 -34.90 36.18 27.16
CA TYR B 199 -35.33 34.77 27.42
C TYR B 199 -34.32 34.09 28.36
N SER B 200 -34.60 34.08 29.66
CA SER B 200 -33.65 33.50 30.63
C SER B 200 -33.92 32.01 30.84
N PHE B 201 -32.97 31.15 30.43
CA PHE B 201 -33.09 29.70 30.65
C PHE B 201 -32.17 29.22 31.78
N VAL B 202 -32.62 28.24 32.58
CA VAL B 202 -32.03 27.93 33.90
C VAL B 202 -31.90 26.42 34.22
N THR B 203 -32.28 25.52 33.31
CA THR B 203 -32.24 24.05 33.53
C THR B 203 -31.94 23.25 32.26
N THR B 204 -31.45 22.01 32.41
CA THR B 204 -31.07 21.11 31.31
C THR B 204 -32.25 20.77 30.39
N ALA B 205 -33.48 20.75 30.92
CA ALA B 205 -34.70 20.56 30.13
C ALA B 205 -34.91 21.70 29.10
N GLU B 206 -34.59 22.94 29.48
CA GLU B 206 -34.65 24.11 28.59
C GLU B 206 -33.43 24.20 27.67
N ARG B 207 -32.23 23.82 28.16
CA ARG B 207 -30.99 23.76 27.38
C ARG B 207 -31.12 22.88 26.14
N GLU B 208 -31.83 21.76 26.23
CA GLU B 208 -32.14 20.88 25.10
C GLU B 208 -33.06 21.54 24.04
N ILE B 209 -34.02 22.37 24.46
CA ILE B 209 -34.84 23.17 23.53
C ILE B 209 -33.98 24.25 22.84
N VAL B 210 -33.06 24.89 23.58
CA VAL B 210 -32.10 25.84 23.01
C VAL B 210 -31.12 25.16 22.03
N ARG B 211 -30.75 23.92 22.33
CA ARG B 211 -29.87 23.13 21.43
C ARG B 211 -30.64 22.83 20.14
N ASP B 212 -31.95 22.56 20.24
CA ASP B 212 -32.77 22.35 19.03
C ASP B 212 -32.79 23.66 18.23
N ILE B 213 -33.22 24.75 18.87
CA ILE B 213 -33.24 26.09 18.24
C ILE B 213 -31.91 26.36 17.50
N LYS B 214 -30.77 26.05 18.13
CA LYS B 214 -29.41 26.19 17.57
C LYS B 214 -29.28 25.43 16.25
N GLU B 215 -29.58 24.13 16.26
CA GLU B 215 -29.43 23.26 15.09
C GLU B 215 -30.44 23.58 13.97
N LYS B 216 -31.64 24.09 14.30
CA LYS B 216 -32.67 24.49 13.32
C LYS B 216 -32.39 25.82 12.64
N LEU B 217 -31.97 26.86 13.38
CA LEU B 217 -32.02 28.26 12.91
C LEU B 217 -30.67 28.97 12.75
N CYS B 218 -29.62 28.45 13.40
CA CYS B 218 -28.29 29.16 13.37
C CYS B 218 -27.53 28.89 12.07
N TYR B 219 -26.69 29.85 11.65
CA TYR B 219 -25.89 29.72 10.40
C TYR B 219 -24.57 30.48 10.57
N VAL B 220 -23.59 30.20 9.70
CA VAL B 220 -22.26 30.88 9.80
C VAL B 220 -22.24 32.08 8.84
N ALA B 221 -21.82 33.26 9.33
CA ALA B 221 -21.72 34.45 8.49
C ALA B 221 -20.58 34.34 7.47
N LEU B 222 -20.82 34.80 6.23
CA LEU B 222 -19.75 34.96 5.22
C LEU B 222 -18.88 36.20 5.50
N ASP B 223 -19.51 37.22 6.10
CA ASP B 223 -18.81 38.45 6.53
C ASP B 223 -19.58 38.92 7.77
N PHE B 224 -19.02 38.77 8.97
CA PHE B 224 -19.77 39.08 10.21
C PHE B 224 -20.39 40.49 10.16
N GLU B 225 -19.59 41.50 9.81
CA GLU B 225 -20.10 42.90 9.82
C GLU B 225 -21.32 43.02 8.91
N ASN B 226 -21.25 42.47 7.69
CA ASN B 226 -22.38 42.53 6.76
C ASN B 226 -23.67 41.99 7.39
N GLU B 227 -23.60 40.87 8.12
CA GLU B 227 -24.76 40.27 8.78
C GLU B 227 -25.27 41.14 9.95
N MET B 228 -24.36 41.72 10.76
CA MET B 228 -24.72 42.70 11.80
C MET B 228 -25.44 43.92 11.22
N ALA B 229 -24.93 44.51 10.13
CA ALA B 229 -25.54 45.64 9.45
C ALA B 229 -26.91 45.25 8.82
N THR B 230 -27.01 44.07 8.21
CA THR B 230 -28.25 43.56 7.60
C THR B 230 -29.35 43.33 8.65
N ALA B 231 -29.02 42.72 9.80
CA ALA B 231 -29.96 42.50 10.90
C ALA B 231 -30.51 43.81 11.46
N ALA B 232 -29.66 44.82 11.66
CA ALA B 232 -30.06 46.14 12.16
C ALA B 232 -30.87 46.97 11.13
N SER B 233 -30.50 46.91 9.84
CA SER B 233 -31.11 47.70 8.78
C SER B 233 -32.43 47.13 8.26
N SER B 234 -32.45 45.84 7.88
CA SER B 234 -33.59 45.21 7.19
C SER B 234 -34.59 44.53 8.13
N SER B 235 -34.13 44.04 9.29
CA SER B 235 -34.83 43.07 10.17
C SER B 235 -35.23 41.76 9.48
N SER B 236 -34.76 41.47 8.25
CA SER B 236 -35.18 40.31 7.45
C SER B 236 -34.69 38.95 8.00
N LEU B 237 -33.61 38.97 8.79
CA LEU B 237 -33.02 37.79 9.45
C LEU B 237 -33.80 37.36 10.71
N GLU B 238 -34.67 38.22 11.24
CA GLU B 238 -35.58 37.93 12.37
C GLU B 238 -36.68 36.93 11.96
N LYS B 239 -36.87 35.88 12.75
CA LYS B 239 -37.88 34.83 12.60
C LYS B 239 -38.53 34.48 13.95
N SER B 240 -39.60 33.68 13.92
CA SER B 240 -40.23 33.24 15.20
C SER B 240 -40.03 31.73 15.43
N TYR B 241 -40.21 31.26 16.67
CA TYR B 241 -40.07 29.82 17.01
C TYR B 241 -41.13 29.45 18.05
N GLU B 242 -41.75 28.26 17.91
CA GLU B 242 -42.82 27.83 18.85
C GLU B 242 -42.25 26.92 19.94
N LEU B 243 -42.30 27.34 21.21
CA LEU B 243 -41.84 26.54 22.35
C LEU B 243 -42.84 25.42 22.72
N PRO B 244 -42.43 24.40 23.50
CA PRO B 244 -43.29 23.25 23.86
C PRO B 244 -44.60 23.59 24.60
N ASP B 245 -44.69 24.75 25.27
CA ASP B 245 -45.91 25.25 25.93
C ASP B 245 -46.91 25.91 24.94
N GLY B 246 -46.56 26.03 23.66
CA GLY B 246 -47.37 26.65 22.61
C GLY B 246 -47.19 28.17 22.45
N GLN B 247 -46.38 28.82 23.30
CA GLN B 247 -46.00 30.24 23.14
C GLN B 247 -44.89 30.40 22.09
N VAL B 248 -44.79 31.59 21.49
CA VAL B 248 -43.76 31.91 20.47
C VAL B 248 -42.71 32.90 20.99
N ILE B 249 -41.48 32.78 20.48
CA ILE B 249 -40.34 33.66 20.75
C ILE B 249 -39.66 34.10 19.45
N THR B 250 -39.09 35.31 19.44
CA THR B 250 -38.37 35.86 18.28
C THR B 250 -36.85 35.67 18.38
N ILE B 251 -36.18 35.48 17.23
CA ILE B 251 -34.75 35.19 17.11
C ILE B 251 -34.22 35.64 15.74
N GLY B 252 -33.06 36.31 15.70
CA GLY B 252 -32.55 36.83 14.41
C GLY B 252 -31.06 37.14 14.43
N ASN B 253 -30.63 38.00 15.35
CA ASN B 253 -29.18 38.33 15.48
C ASN B 253 -28.48 37.13 16.12
N GLU B 254 -29.22 36.34 16.91
CA GLU B 254 -28.62 35.17 17.61
C GLU B 254 -28.33 34.03 16.64
N ARG B 255 -28.72 34.19 15.37
CA ARG B 255 -28.56 33.08 14.39
C ARG B 255 -27.12 33.06 13.86
N PHE B 256 -26.44 34.21 13.83
CA PHE B 256 -25.08 34.24 13.25
C PHE B 256 -24.04 34.55 14.32
N ARG B 257 -24.46 35.21 15.40
CA ARG B 257 -23.54 35.54 16.52
C ARG B 257 -23.06 34.24 17.17
N CYS B 258 -23.97 33.27 17.33
CA CYS B 258 -23.61 32.00 18.03
C CYS B 258 -22.53 31.21 17.26
N PRO B 259 -22.67 30.81 15.98
CA PRO B 259 -21.60 30.10 15.27
C PRO B 259 -20.33 30.93 15.04
N GLU B 260 -20.45 32.26 14.93
CA GLU B 260 -19.26 33.12 14.78
C GLU B 260 -18.22 32.91 15.90
N THR B 261 -18.63 32.40 17.07
CA THR B 261 -17.73 32.06 18.19
C THR B 261 -16.62 31.09 17.76
N LEU B 262 -16.85 30.21 16.77
CA LEU B 262 -15.83 29.32 16.20
C LEU B 262 -14.68 30.10 15.52
N PHE B 263 -15.00 31.24 14.92
CA PHE B 263 -13.97 32.08 14.25
C PHE B 263 -13.54 33.18 15.22
N GLN B 264 -14.34 33.44 16.27
CA GLN B 264 -14.02 34.52 17.25
C GLN B 264 -14.24 34.01 18.68
N PRO B 265 -13.34 33.17 19.25
CA PRO B 265 -13.53 32.61 20.60
C PRO B 265 -13.44 33.70 21.69
N SER B 266 -13.16 34.94 21.30
CA SER B 266 -13.13 36.07 22.28
C SER B 266 -14.55 36.29 22.79
N PHE B 267 -15.56 35.75 22.10
CA PHE B 267 -16.98 35.90 22.52
C PHE B 267 -17.19 35.25 23.89
N ILE B 268 -16.48 34.14 24.15
CA ILE B 268 -16.63 33.43 25.45
C ILE B 268 -15.46 33.76 26.37
N GLY B 269 -14.50 34.58 25.91
CA GLY B 269 -13.40 35.02 26.79
C GLY B 269 -12.14 34.19 26.63
N MET B 270 -12.07 33.34 25.60
CA MET B 270 -10.86 32.56 25.34
C MET B 270 -9.74 33.41 24.70
N GLU B 271 -8.48 33.15 25.08
CA GLU B 271 -7.29 33.59 24.33
C GLU B 271 -7.08 32.77 23.03
N SER B 272 -7.65 31.57 22.97
CA SER B 272 -7.49 30.57 21.90
C SER B 272 -7.82 31.10 20.50
N ALA B 273 -7.06 30.64 19.50
CA ALA B 273 -7.24 30.98 18.09
C ALA B 273 -8.54 30.38 17.48
N GLY B 274 -9.08 31.01 16.44
CA GLY B 274 -10.25 30.54 15.71
C GLY B 274 -9.99 29.26 14.89
N ILE B 275 -11.04 28.54 14.50
CA ILE B 275 -10.91 27.22 13.83
C ILE B 275 -10.07 27.28 12.54
N HIS B 276 -10.22 28.36 11.78
CA HIS B 276 -9.44 28.54 10.53
C HIS B 276 -7.96 28.75 10.88
N GLU B 277 -7.68 29.50 11.95
CA GLU B 277 -6.27 29.79 12.33
C GLU B 277 -5.57 28.47 12.70
N THR B 278 -6.21 27.64 13.53
CA THR B 278 -5.60 26.36 13.96
C THR B 278 -5.28 25.45 12.77
N THR B 279 -6.20 25.35 11.81
CA THR B 279 -5.95 24.53 10.59
C THR B 279 -4.78 25.13 9.80
N TYR B 280 -4.75 26.46 9.65
CA TYR B 280 -3.67 27.11 8.86
C TYR B 280 -2.33 26.91 9.57
N ASN B 281 -2.28 27.14 10.88
CA ASN B 281 -1.01 27.03 11.65
C ASN B 281 -0.47 25.61 11.53
N SER B 282 -1.35 24.60 11.62
CA SER B 282 -0.91 23.20 11.49
C SER B 282 -0.31 22.88 10.10
N ILE B 283 -0.82 23.48 9.02
CA ILE B 283 -0.22 23.37 7.68
C ILE B 283 1.17 24.01 7.65
N MET B 284 1.37 25.15 8.32
CA MET B 284 2.70 25.77 8.44
C MET B 284 3.67 24.99 9.35
N LYS B 285 3.18 24.21 10.33
CA LYS B 285 3.99 23.24 11.10
C LYS B 285 4.33 21.97 10.30
N CYS B 286 3.54 21.62 9.28
CA CYS B 286 3.85 20.54 8.33
C CYS B 286 5.01 20.91 7.37
N ASP B 287 5.55 19.88 6.70
CA ASP B 287 6.67 20.08 5.74
C ASP B 287 6.20 20.91 4.54
N ILE B 288 7.08 21.72 3.97
CA ILE B 288 6.71 22.63 2.83
C ILE B 288 6.21 21.84 1.61
N ASP B 289 6.84 20.70 1.29
CA ASP B 289 6.48 19.95 0.06
C ASP B 289 5.04 19.40 0.15
N ILE B 290 4.46 19.32 1.35
CA ILE B 290 3.11 18.67 1.49
C ILE B 290 2.02 19.71 1.74
N ARG B 291 2.39 20.97 2.02
CA ARG B 291 1.39 22.01 2.37
C ARG B 291 0.35 22.15 1.26
N LYS B 292 0.77 22.15 -0.01
CA LYS B 292 -0.16 22.36 -1.16
C LYS B 292 -1.25 21.29 -1.19
N ASP B 293 -0.91 20.02 -0.97
CA ASP B 293 -1.86 18.91 -1.02
C ASP B 293 -2.82 18.91 0.18
N LEU B 294 -2.42 19.54 1.29
CA LEU B 294 -3.34 19.70 2.45
C LEU B 294 -4.23 20.91 2.17
N TYR B 295 -3.69 21.94 1.51
CA TYR B 295 -4.47 23.17 1.17
C TYR B 295 -5.62 22.81 0.24
N ALA B 296 -5.43 21.79 -0.61
CA ALA B 296 -6.47 21.39 -1.58
C ALA B 296 -7.30 20.22 -1.01
N ASN B 297 -7.12 19.88 0.26
CA ASN B 297 -7.83 18.70 0.82
C ASN B 297 -8.33 18.98 2.25
N ASN B 298 -8.73 20.22 2.56
CA ASN B 298 -9.32 20.48 3.88
C ASN B 298 -10.62 19.68 4.00
N VAL B 299 -10.82 18.93 5.09
CA VAL B 299 -11.99 18.05 5.29
C VAL B 299 -12.76 18.47 6.56
N MET B 300 -14.02 18.86 6.40
CA MET B 300 -14.94 19.15 7.51
C MET B 300 -15.56 17.84 8.05
N SER B 301 -15.69 17.71 9.37
CA SER B 301 -16.22 16.51 10.03
C SER B 301 -16.86 16.84 11.40
N GLY B 302 -17.83 16.03 11.82
CA GLY B 302 -18.53 16.19 13.11
C GLY B 302 -19.69 17.19 13.08
N GLY B 303 -20.61 17.05 14.04
CA GLY B 303 -21.92 17.72 14.04
C GLY B 303 -21.88 19.24 14.14
N THR B 304 -20.83 19.83 14.73
CA THR B 304 -20.69 21.31 14.81
C THR B 304 -20.34 21.94 13.46
N THR B 305 -19.93 21.17 12.44
CA THR B 305 -19.76 21.66 11.06
C THR B 305 -21.06 21.73 10.25
N MET B 306 -22.18 21.28 10.84
CA MET B 306 -23.44 21.24 10.04
C MET B 306 -24.11 22.62 10.05
N TYR B 307 -23.33 23.68 9.87
CA TYR B 307 -23.87 25.07 9.87
C TYR B 307 -23.90 25.62 8.44
N PRO B 308 -25.01 26.23 7.99
CA PRO B 308 -25.07 26.85 6.66
C PRO B 308 -24.03 27.95 6.45
N GLY B 309 -23.26 27.89 5.35
CA GLY B 309 -22.26 28.92 5.03
C GLY B 309 -20.82 28.65 5.53
N ILE B 310 -20.60 27.65 6.40
CA ILE B 310 -19.30 27.42 7.05
C ILE B 310 -18.18 27.06 6.06
N ALA B 311 -18.46 26.28 5.03
CA ALA B 311 -17.46 25.87 4.04
C ALA B 311 -16.99 27.04 3.16
N ASP B 312 -17.94 27.90 2.76
CA ASP B 312 -17.58 29.09 1.94
C ASP B 312 -16.78 30.06 2.79
N ARG B 313 -17.18 30.26 4.05
CA ARG B 313 -16.44 31.16 4.97
C ARG B 313 -15.04 30.58 5.20
N MET B 314 -14.95 29.29 5.53
CA MET B 314 -13.64 28.62 5.75
C MET B 314 -12.74 28.90 4.55
N GLN B 315 -13.26 28.70 3.33
CA GLN B 315 -12.48 28.96 2.10
C GLN B 315 -11.95 30.40 2.14
N LYS B 316 -12.84 31.38 2.24
CA LYS B 316 -12.45 32.81 2.25
C LYS B 316 -11.38 33.05 3.33
N GLU B 317 -11.59 32.56 4.55
CA GLU B 317 -10.64 32.78 5.64
C GLU B 317 -9.27 32.16 5.36
N ILE B 318 -9.20 30.92 4.87
CA ILE B 318 -7.94 30.26 4.51
C ILE B 318 -7.29 30.90 3.28
N THR B 319 -8.08 31.33 2.28
CA THR B 319 -7.57 32.06 1.10
C THR B 319 -6.95 33.41 1.48
N ALA B 320 -7.45 34.08 2.52
CA ALA B 320 -6.86 35.31 3.05
C ALA B 320 -5.53 35.09 3.79
N LEU B 321 -5.34 33.94 4.44
CA LEU B 321 -4.12 33.57 5.18
C LEU B 321 -3.03 32.99 4.26
N ALA B 322 -3.36 32.02 3.42
CA ALA B 322 -2.45 31.31 2.52
C ALA B 322 -2.01 32.13 1.29
N PRO B 323 -0.90 31.77 0.61
CA PRO B 323 -0.51 32.37 -0.67
C PRO B 323 -1.57 32.17 -1.76
N SER B 324 -1.85 33.21 -2.55
CA SER B 324 -2.96 33.26 -3.53
C SER B 324 -2.84 32.24 -4.68
N THR B 325 -1.63 31.73 -4.95
CA THR B 325 -1.36 30.69 -5.96
C THR B 325 -1.86 29.29 -5.54
N MET B 326 -2.03 29.03 -4.24
CA MET B 326 -2.56 27.75 -3.73
C MET B 326 -4.07 27.61 -3.97
N LYS B 327 -4.49 26.45 -4.51
CA LYS B 327 -5.90 26.10 -4.71
C LYS B 327 -6.54 25.62 -3.40
N ILE B 328 -7.11 26.57 -2.64
CA ILE B 328 -7.81 26.28 -1.39
C ILE B 328 -9.15 25.58 -1.67
N LYS B 329 -9.31 24.34 -1.19
CA LYS B 329 -10.53 23.53 -1.35
C LYS B 329 -11.03 22.99 -0.01
N ILE B 330 -12.33 23.15 0.26
CA ILE B 330 -13.01 22.70 1.48
C ILE B 330 -14.01 21.59 1.13
N ILE B 331 -13.68 20.35 1.52
CA ILE B 331 -14.50 19.16 1.37
C ILE B 331 -15.48 19.08 2.55
N ALA B 332 -16.78 19.12 2.26
CA ALA B 332 -17.81 19.03 3.32
C ALA B 332 -18.81 17.93 2.96
N PRO B 333 -18.53 16.65 3.28
CA PRO B 333 -19.41 15.55 2.88
C PRO B 333 -20.79 15.56 3.57
N PRO B 334 -21.93 15.14 2.94
CA PRO B 334 -23.21 15.07 3.65
C PRO B 334 -23.10 14.15 4.87
N GLU B 335 -23.81 14.47 5.97
CA GLU B 335 -23.72 13.68 7.23
C GLU B 335 -22.27 13.72 7.73
N ARG B 336 -21.84 14.86 8.27
CA ARG B 336 -20.45 14.97 8.79
C ARG B 336 -20.42 14.39 10.21
N LYS B 337 -21.50 14.55 10.98
CA LYS B 337 -21.57 13.90 12.32
C LYS B 337 -21.46 12.40 12.12
N TYR B 338 -22.18 11.86 11.13
CA TYR B 338 -22.11 10.41 10.84
C TYR B 338 -21.06 10.18 9.76
N SER B 339 -19.78 10.19 10.12
CA SER B 339 -18.69 9.89 9.15
C SER B 339 -17.67 9.05 9.93
N VAL B 340 -17.48 9.39 11.21
CA VAL B 340 -16.59 8.60 12.10
C VAL B 340 -17.10 7.16 12.19
N TRP B 341 -18.39 6.96 12.52
CA TRP B 341 -18.96 5.58 12.59
C TRP B 341 -18.77 4.88 11.24
N ILE B 342 -19.19 5.51 10.15
CA ILE B 342 -19.09 4.90 8.81
C ILE B 342 -17.65 4.44 8.54
N GLY B 343 -16.65 5.27 8.87
CA GLY B 343 -15.23 4.92 8.78
C GLY B 343 -14.82 3.74 9.67
N GLY B 344 -15.36 3.66 10.88
CA GLY B 344 -15.19 2.50 11.77
C GLY B 344 -15.77 1.22 11.16
N SER B 345 -16.94 1.32 10.51
CA SER B 345 -17.58 0.22 9.79
C SER B 345 -16.78 -0.25 8.57
N ILE B 346 -16.21 0.69 7.80
CA ILE B 346 -15.29 0.42 6.67
C ILE B 346 -14.04 -0.31 7.16
N LEU B 347 -13.39 0.18 8.23
CA LEU B 347 -12.19 -0.42 8.82
C LEU B 347 -12.46 -1.86 9.32
N ALA B 348 -13.55 -2.05 10.07
CA ALA B 348 -13.95 -3.32 10.63
C ALA B 348 -14.34 -4.39 9.60
N SER B 349 -14.69 -3.98 8.38
CA SER B 349 -15.05 -4.85 7.26
C SER B 349 -13.84 -5.50 6.57
N LEU B 350 -12.62 -5.01 6.79
CA LEU B 350 -11.37 -5.58 6.23
C LEU B 350 -10.96 -6.88 6.95
N SER B 351 -10.40 -7.83 6.20
CA SER B 351 -9.99 -9.14 6.79
C SER B 351 -8.58 -9.06 7.36
N THR B 352 -7.72 -8.19 6.79
CA THR B 352 -6.34 -8.01 7.31
C THR B 352 -6.41 -7.13 8.56
N PHE B 353 -7.59 -6.56 8.84
CA PHE B 353 -7.75 -5.76 10.08
C PHE B 353 -8.25 -6.69 11.18
N GLN B 354 -8.81 -7.87 10.88
CA GLN B 354 -9.35 -8.78 11.90
C GLN B 354 -8.31 -9.24 12.90
N GLN B 355 -7.03 -9.06 12.59
CA GLN B 355 -5.97 -9.50 13.53
C GLN B 355 -5.45 -8.29 14.32
N MET B 356 -5.90 -7.08 13.94
CA MET B 356 -5.39 -5.84 14.60
C MET B 356 -6.18 -5.58 15.89
N TRP B 357 -7.02 -6.47 16.39
CA TRP B 357 -7.86 -6.32 17.59
C TRP B 357 -7.15 -6.89 18.81
N ILE B 358 -7.09 -6.15 19.91
CA ILE B 358 -6.55 -6.67 21.21
C ILE B 358 -7.54 -7.75 21.66
N THR B 359 -7.07 -8.98 21.86
CA THR B 359 -8.01 -10.09 22.20
C THR B 359 -8.17 -10.22 23.72
N LYS B 360 -9.20 -10.93 24.16
CA LYS B 360 -9.40 -11.18 25.61
C LYS B 360 -8.20 -11.90 26.23
N GLN B 361 -7.57 -12.82 25.49
CA GLN B 361 -6.36 -13.54 25.92
C GLN B 361 -5.14 -12.62 26.01
N GLU B 362 -4.94 -11.72 25.04
CA GLU B 362 -3.89 -10.69 25.09
C GLU B 362 -4.07 -9.75 26.28
N TYR B 363 -5.31 -9.30 26.52
CA TYR B 363 -5.59 -8.44 27.70
C TYR B 363 -5.22 -9.17 28.99
N ASP B 364 -5.78 -10.37 29.20
CA ASP B 364 -5.55 -11.11 30.46
C ASP B 364 -4.05 -11.30 30.70
N GLU B 365 -3.33 -11.76 29.68
CA GLU B 365 -1.90 -12.05 29.84
C GLU B 365 -1.03 -10.79 30.01
N ALA B 366 -1.23 -9.76 29.17
CA ALA B 366 -0.36 -8.59 29.08
C ALA B 366 -0.79 -7.38 29.94
N GLY B 367 -2.02 -7.36 30.47
CA GLY B 367 -2.58 -6.26 31.25
C GLY B 367 -3.03 -5.03 30.43
N PRO B 368 -3.67 -4.02 31.06
CA PRO B 368 -4.34 -2.92 30.36
C PRO B 368 -3.46 -2.08 29.41
N SER B 369 -2.15 -1.97 29.68
CA SER B 369 -1.19 -1.23 28.84
C SER B 369 -1.00 -1.83 27.43
N ILE B 370 -1.55 -3.03 27.16
CA ILE B 370 -1.60 -3.63 25.83
C ILE B 370 -2.28 -2.70 24.79
N VAL B 371 -3.24 -1.88 25.24
CA VAL B 371 -3.98 -1.01 24.27
C VAL B 371 -3.04 0.11 23.81
N HIS B 372 -2.15 0.56 24.70
CA HIS B 372 -1.17 1.62 24.34
C HIS B 372 0.08 0.97 23.73
N ARG B 373 0.03 -0.33 23.46
CA ARG B 373 1.16 -1.03 22.80
C ARG B 373 0.66 -1.56 21.46
N LYS B 374 -0.66 -1.53 21.24
CA LYS B 374 -1.24 -2.01 19.96
C LYS B 374 -1.76 -0.81 19.17
N CYS B 375 -2.82 -0.16 19.67
CA CYS B 375 -3.38 1.05 18.99
C CYS B 375 -2.33 2.18 19.07
N PHE B 376 -1.70 2.36 20.23
CA PHE B 376 -0.63 3.38 20.36
C PHE B 376 0.73 2.68 20.39
N THR C 6 33.36 57.29 30.66
CA THR C 6 31.94 56.96 30.94
C THR C 6 31.78 55.45 31.11
N THR C 7 30.84 55.01 31.97
CA THR C 7 30.64 53.57 32.22
C THR C 7 30.01 52.91 30.97
N ALA C 8 30.83 52.24 30.16
CA ALA C 8 30.33 51.57 28.94
C ALA C 8 29.25 50.56 29.34
N LEU C 9 28.04 50.68 28.77
CA LEU C 9 26.92 49.77 29.10
C LEU C 9 27.08 48.47 28.29
N VAL C 10 26.76 47.33 28.89
CA VAL C 10 26.79 46.04 28.12
C VAL C 10 25.40 45.41 28.25
N CYS C 11 24.91 44.76 27.20
CA CYS C 11 23.52 44.23 27.25
C CYS C 11 23.40 42.92 26.46
N ASP C 12 23.01 41.83 27.11
CA ASP C 12 22.75 40.57 26.38
C ASP C 12 21.28 40.56 25.96
N ASN C 13 21.01 40.62 24.65
CA ASN C 13 19.61 40.54 24.16
C ASN C 13 19.15 39.10 24.32
N GLY C 14 18.33 38.81 25.34
CA GLY C 14 17.93 37.41 25.61
C GLY C 14 16.53 37.08 25.12
N SER C 15 16.36 35.96 24.40
CA SER C 15 15.06 35.57 23.81
C SER C 15 13.92 35.57 24.84
N GLY C 16 14.13 34.99 26.03
CA GLY C 16 13.13 34.97 27.10
C GLY C 16 13.47 35.87 28.30
N LEU C 17 14.72 36.33 28.41
CA LEU C 17 15.28 37.00 29.58
C LEU C 17 16.42 37.94 29.15
N VAL C 18 16.19 39.26 29.24
CA VAL C 18 17.17 40.31 28.92
C VAL C 18 18.02 40.64 30.14
N LYS C 19 19.33 40.88 29.94
CA LYS C 19 20.28 41.26 31.00
C LYS C 19 21.17 42.43 30.59
N ALA C 20 21.38 43.39 31.49
CA ALA C 20 22.14 44.62 31.20
C ALA C 20 22.88 45.18 32.44
N GLY C 21 23.90 45.99 32.19
CA GLY C 21 24.65 46.61 33.31
C GLY C 21 25.92 47.29 32.85
N PHE C 22 26.73 47.77 33.79
CA PHE C 22 27.97 48.51 33.42
C PHE C 22 29.12 47.54 33.16
N ALA C 23 30.11 47.99 32.38
CA ALA C 23 31.30 47.15 32.12
C ALA C 23 32.17 47.13 33.38
N GLY C 24 32.80 46.00 33.67
CA GLY C 24 33.64 45.88 34.87
C GLY C 24 32.92 45.16 36.00
N ASP C 25 31.59 45.29 36.04
CA ASP C 25 30.78 44.56 37.06
C ASP C 25 30.85 43.07 36.75
N ASP C 26 30.94 42.23 37.77
CA ASP C 26 30.95 40.76 37.55
C ASP C 26 29.52 40.26 37.34
N ALA C 27 28.52 41.10 37.67
CA ALA C 27 27.11 40.66 37.58
C ALA C 27 26.23 41.72 36.88
N PRO C 28 25.22 41.41 36.02
CA PRO C 28 24.36 42.47 35.47
C PRO C 28 23.57 43.21 36.57
N ARG C 29 23.41 44.52 36.42
CA ARG C 29 22.58 45.27 37.39
C ARG C 29 21.10 44.95 37.11
N ALA C 30 20.72 44.76 35.84
CA ALA C 30 19.34 44.47 35.45
C ALA C 30 19.22 43.06 34.86
N VAL C 31 18.21 42.32 35.30
CA VAL C 31 17.91 40.96 34.72
C VAL C 31 16.39 40.77 34.82
N PHE C 32 15.68 40.80 33.68
CA PHE C 32 14.20 40.72 33.71
C PHE C 32 13.68 40.00 32.45
N PRO C 33 12.47 39.39 32.46
CA PRO C 33 11.91 38.73 31.27
C PRO C 33 11.78 39.66 30.06
N SER C 34 12.11 39.16 28.86
CA SER C 34 11.97 39.97 27.63
C SER C 34 10.48 40.07 27.29
N ILE C 35 9.68 39.10 27.75
CA ILE C 35 8.22 39.04 27.41
C ILE C 35 7.51 40.34 27.84
N VAL C 36 6.68 40.91 26.96
CA VAL C 36 5.87 42.11 27.32
C VAL C 36 4.43 41.66 27.60
N GLY C 37 3.52 42.59 27.89
CA GLY C 37 2.13 42.23 28.24
C GLY C 37 1.12 43.18 27.62
N ARG C 38 -0.07 42.67 27.28
CA ARG C 38 -1.16 43.52 26.72
C ARG C 38 -2.48 43.04 27.31
N PRO C 39 -3.31 43.93 27.90
CA PRO C 39 -4.55 43.52 28.59
C PRO C 39 -5.62 42.92 27.69
N ARG C 40 -6.77 42.55 28.27
CA ARG C 40 -7.89 41.96 27.49
C ARG C 40 -9.20 42.42 28.14
N HIS C 41 -10.22 41.56 28.13
CA HIS C 41 -11.52 41.88 28.80
C HIS C 41 -11.99 43.30 28.45
N GLN C 42 -12.13 44.17 29.46
CA GLN C 42 -12.66 45.54 29.21
C GLN C 42 -11.99 46.55 30.15
N GLY C 43 -12.40 47.82 30.10
CA GLY C 43 -11.87 48.84 31.02
C GLY C 43 -12.49 48.69 32.39
N VAL C 44 -11.69 48.34 33.40
CA VAL C 44 -12.24 48.08 34.77
C VAL C 44 -12.92 49.36 35.29
N MET C 45 -12.31 50.52 35.06
CA MET C 45 -12.86 51.78 35.58
C MET C 45 -12.50 52.95 34.64
N VAL C 46 -13.11 54.13 34.81
CA VAL C 46 -12.69 55.37 34.12
C VAL C 46 -11.31 55.81 34.64
N GLY C 47 -10.30 55.79 33.78
CA GLY C 47 -8.92 56.16 34.18
C GLY C 47 -8.22 55.06 34.96
N MET C 48 -8.18 55.15 36.29
CA MET C 48 -7.59 54.09 37.18
C MET C 48 -6.15 53.70 36.81
N GLY C 49 -5.30 54.63 36.37
CA GLY C 49 -3.88 54.33 36.11
C GLY C 49 -3.65 53.17 35.16
N GLN C 50 -4.71 52.65 34.53
CA GLN C 50 -4.60 51.56 33.55
C GLN C 50 -3.58 51.89 32.43
N LYS C 51 -2.79 50.89 32.02
CA LYS C 51 -1.83 50.98 30.89
C LYS C 51 -2.30 50.18 29.68
N ASP C 52 -1.88 50.61 28.49
CA ASP C 52 -2.08 49.87 27.23
C ASP C 52 -1.03 48.76 27.01
N SER C 53 0.04 48.77 27.82
CA SER C 53 1.13 47.74 27.69
C SER C 53 1.89 47.60 29.02
N TYR C 54 2.47 46.42 29.28
CA TYR C 54 3.26 46.18 30.52
C TYR C 54 4.61 45.56 30.16
N VAL C 55 5.60 45.59 31.07
CA VAL C 55 6.98 45.13 30.71
C VAL C 55 7.58 44.23 31.81
N GLY C 56 7.97 42.99 31.48
CA GLY C 56 8.68 42.13 32.42
C GLY C 56 7.84 41.75 33.66
N ASP C 57 8.35 42.05 34.86
CA ASP C 57 7.73 41.66 36.13
C ASP C 57 6.32 42.25 36.35
N GLU C 58 6.05 43.48 35.90
CA GLU C 58 4.71 44.08 35.96
C GLU C 58 3.72 43.49 34.94
N ALA C 59 4.19 42.72 33.96
CA ALA C 59 3.36 41.86 33.12
C ALA C 59 3.15 40.47 33.74
N GLN C 60 4.20 39.88 34.34
CA GLN C 60 4.12 38.60 35.05
C GLN C 60 3.16 38.62 36.25
N SER C 61 3.03 39.74 36.96
CA SER C 61 2.06 39.92 38.05
C SER C 61 0.60 40.03 37.58
N LYS C 62 0.36 40.09 36.26
CA LYS C 62 -0.97 40.26 35.61
C LYS C 62 -1.27 39.16 34.57
N ARG C 63 -0.61 38.01 34.68
CA ARG C 63 -0.89 36.80 33.89
C ARG C 63 -2.38 36.45 33.92
N GLY C 64 -2.96 36.22 32.74
CA GLY C 64 -4.39 35.93 32.54
C GLY C 64 -5.26 37.18 32.31
N ILE C 65 -4.90 38.34 32.87
CA ILE C 65 -5.48 39.66 32.52
C ILE C 65 -4.83 40.20 31.23
N LEU C 66 -3.55 39.84 31.08
CA LEU C 66 -2.79 40.28 29.88
C LEU C 66 -2.50 39.12 28.93
N THR C 67 -2.14 39.43 27.68
CA THR C 67 -1.71 38.42 26.68
C THR C 67 -0.20 38.63 26.55
N LEU C 68 0.60 37.59 26.78
CA LEU C 68 2.06 37.77 26.79
C LEU C 68 2.65 37.60 25.38
N LYS C 69 3.53 38.54 25.00
CA LYS C 69 4.13 38.51 23.63
C LYS C 69 5.66 38.56 23.75
N TYR C 70 6.37 37.72 23.00
CA TYR C 70 7.85 37.69 23.05
C TYR C 70 8.42 38.64 21.98
N PRO C 71 9.31 39.64 22.24
CA PRO C 71 9.87 40.45 21.16
C PRO C 71 10.97 39.72 20.37
N ILE C 72 11.31 38.47 20.75
CA ILE C 72 12.36 37.64 20.15
C ILE C 72 11.86 36.21 19.94
N GLU C 73 12.09 35.67 18.74
CA GLU C 73 11.76 34.24 18.47
C GLU C 73 12.81 33.71 17.49
N HIS C 74 13.41 32.57 17.78
CA HIS C 74 14.48 31.99 16.93
C HIS C 74 15.67 32.96 16.80
N GLY C 75 16.06 33.59 17.91
CA GLY C 75 17.24 34.47 17.91
C GLY C 75 17.01 35.82 17.26
N ILE C 76 15.92 35.98 16.50
CA ILE C 76 15.71 37.24 15.76
C ILE C 76 14.53 38.06 16.32
N ILE C 77 14.51 39.37 16.05
CA ILE C 77 13.48 40.29 16.55
C ILE C 77 12.13 40.06 15.84
N THR C 78 11.04 39.92 16.60
CA THR C 78 9.67 39.76 16.09
C THR C 78 8.94 41.10 15.89
N ASN C 79 9.16 42.02 16.82
CA ASN C 79 8.53 43.38 16.75
C ASN C 79 9.56 44.40 17.24
N TRP C 80 9.95 45.34 16.37
CA TRP C 80 11.01 46.32 16.73
C TRP C 80 10.47 47.37 17.71
N ASP C 81 9.16 47.64 17.68
CA ASP C 81 8.54 48.61 18.62
C ASP C 81 8.65 48.04 20.04
N ASP C 82 8.34 46.76 20.23
CA ASP C 82 8.47 46.10 21.53
C ASP C 82 9.93 45.93 21.96
N MET C 83 10.86 45.67 21.04
CA MET C 83 12.29 45.68 21.39
C MET C 83 12.79 47.09 21.77
N GLU C 84 12.32 48.15 21.09
CA GLU C 84 12.54 49.54 21.49
C GLU C 84 11.93 49.85 22.87
N LYS C 85 10.75 49.30 23.20
CA LYS C 85 10.15 49.40 24.54
C LYS C 85 11.03 48.75 25.61
N ILE C 86 11.58 47.57 25.36
CA ILE C 86 12.51 46.88 26.28
C ILE C 86 13.81 47.70 26.48
N TRP C 87 14.41 48.15 25.38
CA TRP C 87 15.65 48.96 25.47
C TRP C 87 15.38 50.19 26.35
N HIS C 88 14.29 50.92 26.06
CA HIS C 88 13.94 52.13 26.86
C HIS C 88 13.74 51.75 28.33
N HIS C 89 13.03 50.64 28.60
CA HIS C 89 12.74 50.25 30.00
C HIS C 89 14.05 50.11 30.77
N THR C 90 15.03 49.39 30.22
CA THR C 90 16.34 49.28 30.90
C THR C 90 16.96 50.67 31.05
N PHE C 91 17.20 51.37 29.95
CA PHE C 91 17.90 52.68 30.00
C PHE C 91 17.33 53.64 31.04
N TYR C 92 16.04 53.98 30.94
CA TYR C 92 15.48 55.04 31.83
C TYR C 92 14.78 54.50 33.09
N ASN C 93 14.00 53.41 32.98
CA ASN C 93 13.23 52.95 34.13
C ASN C 93 14.07 52.11 35.11
N GLU C 94 14.90 51.19 34.57
CA GLU C 94 15.69 50.28 35.44
C GLU C 94 17.05 50.88 35.78
N LEU C 95 17.96 50.99 34.80
CA LEU C 95 19.34 51.50 35.07
C LEU C 95 19.30 53.02 35.33
N ARG C 96 18.19 53.68 34.98
CA ARG C 96 18.02 55.14 35.26
C ARG C 96 19.22 55.93 34.74
N VAL C 97 19.69 55.62 33.53
CA VAL C 97 20.82 56.39 32.91
C VAL C 97 20.40 56.85 31.52
N ALA C 98 21.33 57.41 30.76
CA ALA C 98 21.02 57.85 29.37
C ALA C 98 21.93 57.10 28.39
N PRO C 99 21.37 56.42 27.36
CA PRO C 99 22.19 55.73 26.35
C PRO C 99 23.07 56.71 25.57
N GLU C 100 22.67 57.98 25.47
CA GLU C 100 23.43 59.00 24.69
C GLU C 100 24.69 59.43 25.47
N GLU C 101 24.87 58.93 26.69
CA GLU C 101 26.08 59.26 27.49
C GLU C 101 26.97 58.02 27.62
N HIS C 102 26.38 56.81 27.56
CA HIS C 102 27.18 55.59 27.79
C HIS C 102 27.25 54.72 26.53
N PRO C 103 28.46 54.39 26.02
CA PRO C 103 28.59 53.49 24.87
C PRO C 103 27.92 52.15 25.20
N THR C 104 27.11 51.61 24.27
CA THR C 104 26.35 50.38 24.58
C THR C 104 26.74 49.22 23.67
N LEU C 105 27.33 48.17 24.25
CA LEU C 105 27.61 46.91 23.56
C LEU C 105 26.36 46.03 23.52
N LEU C 106 26.04 45.50 22.34
CA LEU C 106 24.97 44.54 22.08
C LEU C 106 25.55 43.18 21.67
N THR C 107 24.76 42.11 21.72
CA THR C 107 25.22 40.78 21.29
C THR C 107 24.09 39.86 20.79
N GLU C 108 24.36 39.12 19.72
CA GLU C 108 23.40 38.23 19.03
C GLU C 108 24.02 36.87 18.62
N ALA C 109 23.16 35.92 18.21
CA ALA C 109 23.57 34.58 17.76
C ALA C 109 24.28 34.60 16.38
N PRO C 110 25.28 33.71 16.08
CA PRO C 110 25.90 33.68 14.74
C PRO C 110 24.92 33.24 13.65
N LEU C 111 25.24 33.53 12.38
CA LEU C 111 24.32 33.23 11.24
C LEU C 111 22.98 33.94 11.46
N ASN C 112 23.01 35.12 12.08
CA ASN C 112 21.77 35.92 12.24
C ASN C 112 21.59 36.76 10.96
N PRO C 113 20.39 37.14 10.45
CA PRO C 113 20.31 37.86 9.18
C PRO C 113 21.02 39.21 9.22
N LYS C 114 21.61 39.64 8.10
CA LYS C 114 22.25 40.98 7.98
C LYS C 114 21.27 42.12 8.26
N ALA C 115 20.02 41.99 7.80
CA ALA C 115 18.96 42.97 8.05
C ALA C 115 18.61 43.14 9.54
N ASN C 116 18.67 42.03 10.30
CA ASN C 116 18.37 42.10 11.76
C ASN C 116 19.39 43.01 12.42
N ARG C 117 20.67 42.84 12.07
CA ARG C 117 21.74 43.64 12.73
C ARG C 117 21.65 45.10 12.29
N GLU C 118 21.43 45.35 11.00
CA GLU C 118 21.40 46.76 10.50
C GLU C 118 20.25 47.53 11.15
N LYS C 119 19.04 46.95 11.16
CA LYS C 119 17.88 47.59 11.81
C LYS C 119 18.11 47.82 13.31
N MET C 120 18.72 46.87 14.02
CA MET C 120 19.10 46.98 15.44
C MET C 120 20.03 48.17 15.69
N THR C 121 21.10 48.29 14.90
CA THR C 121 22.05 49.41 15.03
C THR C 121 21.44 50.75 14.62
N GLN C 122 20.58 50.79 13.59
CA GLN C 122 19.89 52.01 13.17
C GLN C 122 19.03 52.59 14.30
N ILE C 123 18.24 51.75 14.98
CA ILE C 123 17.40 52.19 16.11
C ILE C 123 18.27 52.71 17.26
N MET C 124 19.33 51.96 17.60
CA MET C 124 20.21 52.35 18.75
C MET C 124 20.91 53.69 18.45
N PHE C 125 21.37 53.89 17.22
CA PHE C 125 22.14 55.11 16.88
C PHE C 125 21.23 56.32 16.70
N GLU C 126 19.95 56.11 16.38
CA GLU C 126 19.06 57.26 16.10
C GLU C 126 18.10 57.48 17.26
N THR C 127 17.21 56.51 17.53
CA THR C 127 16.21 56.65 18.63
C THR C 127 16.91 56.89 19.97
N PHE C 128 18.09 56.27 20.18
CA PHE C 128 18.76 56.39 21.49
C PHE C 128 20.03 57.24 21.36
N ASN C 129 20.37 57.66 20.13
CA ASN C 129 21.55 58.55 19.89
C ASN C 129 22.76 58.11 20.70
N VAL C 130 23.02 56.80 20.76
CA VAL C 130 24.19 56.27 21.49
C VAL C 130 25.51 56.84 20.91
N PRO C 131 26.50 57.28 21.73
CA PRO C 131 27.73 57.88 21.23
C PRO C 131 28.63 56.87 20.48
N ALA C 132 28.66 55.63 20.99
CA ALA C 132 29.48 54.56 20.37
C ALA C 132 28.77 53.22 20.59
N MET C 133 29.02 52.22 19.74
CA MET C 133 28.28 50.93 19.84
C MET C 133 29.10 49.82 19.20
N TYR C 134 28.95 48.57 19.67
CA TYR C 134 29.64 47.43 18.98
C TYR C 134 28.79 46.17 19.14
N VAL C 135 28.80 45.31 18.11
CA VAL C 135 27.97 44.06 18.16
C VAL C 135 28.88 42.83 18.28
N ALA C 136 28.76 42.10 19.40
CA ALA C 136 29.51 40.85 19.62
C ALA C 136 28.68 39.60 19.28
N ILE C 137 29.34 38.46 19.02
CA ILE C 137 28.69 37.14 18.92
C ILE C 137 28.58 36.50 20.32
N GLN C 138 27.39 36.02 20.69
CA GLN C 138 27.14 35.53 22.06
C GLN C 138 28.07 34.38 22.49
N ALA C 139 28.44 33.50 21.56
CA ALA C 139 29.31 32.34 21.81
C ALA C 139 30.74 32.70 22.22
N VAL C 140 31.36 33.73 21.60
CA VAL C 140 32.77 34.09 21.94
C VAL C 140 32.87 34.70 23.33
N LEU C 141 31.84 35.44 23.77
CA LEU C 141 31.81 36.08 25.09
C LEU C 141 31.83 35.05 26.22
N SER C 142 31.02 33.99 26.16
CA SER C 142 31.05 32.94 27.18
C SER C 142 32.35 32.13 27.18
N LEU C 143 33.03 32.06 26.02
CA LEU C 143 34.37 31.39 25.98
C LEU C 143 35.40 32.33 26.61
N TYR C 144 35.16 33.64 26.58
CA TYR C 144 36.08 34.60 27.26
C TYR C 144 35.90 34.43 28.76
N ALA C 145 34.67 34.12 29.21
CA ALA C 145 34.43 33.87 30.64
C ALA C 145 35.07 32.52 31.02
N SER C 146 35.06 31.56 30.09
CA SER C 146 35.74 30.26 30.33
C SER C 146 37.25 30.52 30.47
N GLY C 147 37.71 31.70 30.08
CA GLY C 147 39.13 32.06 30.19
C GLY C 147 40.03 31.14 29.37
N ARG C 148 39.58 30.71 28.19
CA ARG C 148 40.49 29.91 27.32
C ARG C 148 40.44 30.43 25.89
N THR C 149 41.50 30.19 25.13
CA THR C 149 41.58 30.68 23.73
C THR C 149 41.19 29.54 22.78
N THR C 150 41.22 28.30 23.27
CA THR C 150 40.82 27.13 22.45
C THR C 150 39.66 26.42 23.15
N GLY C 151 38.52 26.24 22.47
CA GLY C 151 37.42 25.48 23.09
C GLY C 151 36.17 25.43 22.24
N ILE C 152 35.55 24.25 22.11
CA ILE C 152 34.28 24.15 21.39
C ILE C 152 33.13 24.51 22.34
N VAL C 153 32.52 25.67 22.11
CA VAL C 153 31.40 26.17 22.93
C VAL C 153 30.06 25.77 22.31
N LEU C 154 29.25 25.06 23.08
CA LEU C 154 27.84 24.77 22.82
C LEU C 154 26.98 25.71 23.67
N ASP C 155 26.24 26.62 23.03
CA ASP C 155 25.42 27.64 23.66
C ASP C 155 23.94 27.45 23.30
N SER C 156 23.13 27.02 24.28
CA SER C 156 21.69 26.77 24.13
C SER C 156 20.88 27.71 25.02
N GLY C 157 20.20 28.69 24.42
CA GLY C 157 19.29 29.62 25.09
C GLY C 157 17.84 29.13 25.13
N ASP C 158 16.93 30.05 25.40
CA ASP C 158 15.48 29.81 25.32
C ASP C 158 15.01 29.66 23.85
N GLY C 159 15.43 30.57 22.95
CA GLY C 159 14.88 30.68 21.60
C GLY C 159 15.78 30.15 20.48
N VAL C 160 17.06 29.90 20.76
CA VAL C 160 18.02 29.45 19.71
C VAL C 160 19.16 28.64 20.32
N THR C 161 19.88 27.84 19.51
CA THR C 161 21.04 27.04 19.99
C THR C 161 22.14 27.10 18.92
N HIS C 162 23.41 27.18 19.33
CA HIS C 162 24.54 27.24 18.36
C HIS C 162 25.81 26.62 18.95
N ASN C 163 26.58 25.89 18.13
CA ASN C 163 27.88 25.31 18.60
C ASN C 163 29.03 25.96 17.82
N VAL C 164 30.10 26.39 18.51
CA VAL C 164 31.21 27.13 17.83
C VAL C 164 32.60 26.58 18.19
N PRO C 165 33.32 25.80 17.33
CA PRO C 165 34.71 25.40 17.66
C PRO C 165 35.69 26.58 17.47
N ILE C 166 36.49 26.87 18.50
CA ILE C 166 37.46 28.01 18.43
C ILE C 166 38.87 27.45 18.69
N TYR C 167 39.88 27.93 17.97
CA TYR C 167 41.28 27.49 18.23
C TYR C 167 42.20 28.71 18.24
N GLU C 168 42.89 28.95 19.36
CA GLU C 168 43.82 30.12 19.49
C GLU C 168 43.08 31.43 19.20
N GLY C 169 41.81 31.52 19.62
CA GLY C 169 41.02 32.75 19.41
C GLY C 169 40.48 32.85 18.01
N TYR C 170 40.59 31.77 17.22
CA TYR C 170 40.14 31.82 15.80
C TYR C 170 39.04 30.79 15.56
N ALA C 171 37.79 31.26 15.37
CA ALA C 171 36.69 30.36 15.02
C ALA C 171 36.90 29.73 13.63
N LEU C 172 36.13 28.68 13.31
CA LEU C 172 36.15 27.99 12.02
C LEU C 172 34.79 28.14 11.29
N PRO C 173 34.58 29.17 10.44
CA PRO C 173 33.27 29.50 9.84
C PRO C 173 32.66 28.45 8.90
N HIS C 174 33.38 27.34 8.66
CA HIS C 174 32.81 26.22 7.86
C HIS C 174 32.28 25.17 8.83
N ALA C 175 32.82 25.11 10.05
CA ALA C 175 32.47 24.11 11.06
C ALA C 175 31.46 24.60 12.11
N ILE C 176 31.26 25.92 12.21
CA ILE C 176 30.27 26.48 13.19
C ILE C 176 28.87 26.03 12.78
N MET C 177 27.97 25.82 13.75
CA MET C 177 26.62 25.30 13.42
C MET C 177 25.53 26.05 14.18
N ARG C 178 24.26 25.78 13.87
CA ARG C 178 23.12 26.43 14.57
C ARG C 178 22.00 25.39 14.66
N LEU C 179 21.17 25.45 15.70
CA LEU C 179 20.10 24.43 15.89
C LEU C 179 18.76 25.11 16.18
N ASP C 180 17.71 24.74 15.44
CA ASP C 180 16.36 25.30 15.64
C ASP C 180 15.76 24.95 17.02
N LEU C 181 16.10 23.76 17.55
CA LEU C 181 15.70 23.29 18.88
C LEU C 181 16.34 24.12 20.01
N ALA C 182 15.51 24.63 20.91
CA ALA C 182 15.92 25.38 22.11
C ALA C 182 14.90 25.22 23.26
N GLY C 183 15.14 25.87 24.40
CA GLY C 183 14.33 25.72 25.63
C GLY C 183 12.84 26.00 25.49
N ARG C 184 12.43 26.82 24.51
CA ARG C 184 10.99 27.09 24.27
C ARG C 184 10.30 25.80 23.81
N ASP C 185 10.90 25.07 22.85
CA ASP C 185 10.35 23.82 22.34
C ASP C 185 10.25 22.73 23.42
N LEU C 186 11.19 22.71 24.37
CA LEU C 186 11.15 21.81 25.52
C LEU C 186 9.94 22.11 26.42
N THR C 187 9.59 23.39 26.59
CA THR C 187 8.37 23.83 27.32
C THR C 187 7.09 23.40 26.59
N ASP C 188 7.07 23.59 25.26
CA ASP C 188 5.90 23.16 24.45
C ASP C 188 5.77 21.64 24.54
N TYR C 189 6.90 20.92 24.55
CA TYR C 189 6.88 19.44 24.63
C TYR C 189 6.35 19.03 26.01
N LEU C 190 6.79 19.72 27.06
CA LEU C 190 6.32 19.39 28.43
C LEU C 190 4.80 19.54 28.48
N MET C 191 4.24 20.62 27.93
CA MET C 191 2.77 20.77 27.92
C MET C 191 2.08 19.56 27.26
N LYS C 192 2.60 19.05 26.13
CA LYS C 192 2.03 17.89 25.42
C LYS C 192 2.12 16.59 26.23
N ILE C 193 3.27 16.31 26.87
CA ILE C 193 3.44 15.10 27.70
C ILE C 193 2.71 15.18 29.05
N LEU C 194 2.48 16.38 29.61
CA LEU C 194 1.54 16.58 30.73
C LEU C 194 0.07 16.39 30.30
N THR C 195 -0.28 16.75 29.06
CA THR C 195 -1.61 16.47 28.48
C THR C 195 -1.91 14.96 28.38
N GLU C 196 -0.86 14.13 28.30
CA GLU C 196 -1.06 12.66 28.27
C GLU C 196 -1.60 12.16 29.62
N ARG C 197 -1.50 12.98 30.68
CA ARG C 197 -2.05 12.61 32.01
C ARG C 197 -3.42 13.26 32.17
N GLY C 198 -3.73 14.24 31.31
CA GLY C 198 -4.99 15.00 31.40
C GLY C 198 -4.74 16.47 31.71
N TYR C 199 -3.48 16.83 32.02
CA TYR C 199 -3.15 18.23 32.38
C TYR C 199 -3.08 19.07 31.10
N SER C 200 -4.22 19.62 30.67
CA SER C 200 -4.26 20.36 29.38
C SER C 200 -4.09 21.88 29.62
N PHE C 201 -3.08 22.49 28.99
CA PHE C 201 -2.86 23.94 29.11
C PHE C 201 -3.13 24.64 27.76
N VAL C 202 -3.56 25.91 27.79
CA VAL C 202 -4.00 26.69 26.61
C VAL C 202 -3.55 28.16 26.59
N THR C 203 -3.29 28.80 27.74
CA THR C 203 -2.91 30.23 27.83
C THR C 203 -1.43 30.43 28.16
N THR C 204 -0.84 31.56 27.74
CA THR C 204 0.55 31.93 28.08
C THR C 204 0.78 32.08 29.59
N ALA C 205 -0.29 32.37 30.35
CA ALA C 205 -0.27 32.38 31.81
C ALA C 205 0.09 31.00 32.40
N GLU C 206 -0.45 29.93 31.82
CA GLU C 206 -0.14 28.54 32.19
C GLU C 206 1.23 28.10 31.66
N ARG C 207 1.59 28.53 30.44
CA ARG C 207 2.89 28.22 29.81
C ARG C 207 4.07 28.67 30.69
N GLU C 208 3.96 29.83 31.32
CA GLU C 208 4.97 30.32 32.28
C GLU C 208 5.07 29.48 33.57
N ILE C 209 3.94 28.94 34.07
CA ILE C 209 3.95 27.98 35.19
C ILE C 209 4.58 26.64 34.76
N VAL C 210 4.33 26.18 33.53
CA VAL C 210 4.98 24.98 32.96
C VAL C 210 6.48 25.20 32.76
N ARG C 211 6.85 26.43 32.38
CA ARG C 211 8.29 26.79 32.20
C ARG C 211 8.96 26.74 33.58
N ASP C 212 8.26 27.16 34.63
CA ASP C 212 8.82 27.07 36.01
C ASP C 212 8.97 25.59 36.37
N ILE C 213 7.87 24.82 36.28
CA ILE C 213 7.91 23.37 36.54
C ILE C 213 9.10 22.70 35.84
N LYS C 214 9.36 23.06 34.57
CA LYS C 214 10.48 22.57 33.77
C LYS C 214 11.83 22.87 34.44
N GLU C 215 12.08 24.13 34.79
CA GLU C 215 13.33 24.56 35.43
C GLU C 215 13.51 24.00 36.85
N LYS C 216 12.42 23.79 37.60
CA LYS C 216 12.46 23.24 38.97
C LYS C 216 12.70 21.72 39.01
N LEU C 217 12.07 20.94 38.14
CA LEU C 217 11.93 19.47 38.33
C LEU C 217 12.58 18.59 37.26
N CYS C 218 12.83 19.14 36.06
CA CYS C 218 13.35 18.32 34.93
C CYS C 218 14.85 18.04 35.06
N TYR C 219 15.31 16.90 34.52
CA TYR C 219 16.75 16.52 34.59
C TYR C 219 17.11 15.69 33.35
N VAL C 220 18.41 15.56 33.05
CA VAL C 220 18.86 14.78 31.85
C VAL C 220 19.22 13.36 32.29
N ALA C 221 18.72 12.35 31.58
CA ALA C 221 19.03 10.94 31.89
C ALA C 221 20.48 10.57 31.49
N LEU C 222 21.16 9.78 32.33
CA LEU C 222 22.43 9.14 31.98
C LEU C 222 22.24 8.00 30.96
N ASP C 223 21.12 7.28 31.12
CA ASP C 223 20.72 6.22 30.14
C ASP C 223 19.20 6.27 30.11
N PHE C 224 18.60 6.73 29.01
CA PHE C 224 17.12 6.91 28.94
C PHE C 224 16.38 5.64 29.38
N GLU C 225 16.78 4.47 28.86
CA GLU C 225 16.05 3.21 29.16
C GLU C 225 16.04 2.94 30.67
N ASN C 226 17.20 3.03 31.33
CA ASN C 226 17.29 2.81 32.78
C ASN C 226 16.31 3.70 33.55
N GLU C 227 16.20 4.98 33.20
CA GLU C 227 15.27 5.91 33.87
C GLU C 227 13.80 5.58 33.56
N MET C 228 13.48 5.18 32.32
CA MET C 228 12.15 4.70 31.93
C MET C 228 11.74 3.43 32.70
N ALA C 229 12.64 2.45 32.80
CA ALA C 229 12.43 1.25 33.60
C ALA C 229 12.29 1.56 35.11
N THR C 230 13.07 2.51 35.63
CA THR C 230 13.00 2.95 37.04
C THR C 230 11.66 3.63 37.34
N ALA C 231 11.17 4.51 36.46
CA ALA C 231 9.87 5.16 36.61
C ALA C 231 8.70 4.14 36.60
N ALA C 232 8.76 3.15 35.70
CA ALA C 232 7.74 2.09 35.61
C ALA C 232 7.78 1.11 36.80
N SER C 233 8.96 0.72 37.26
CA SER C 233 9.16 -0.30 38.30
C SER C 233 9.02 0.24 39.73
N SER C 234 9.77 1.30 40.07
CA SER C 234 9.85 1.83 41.45
C SER C 234 8.80 2.90 41.75
N SER C 235 8.41 3.69 40.73
CA SER C 235 7.67 4.95 40.86
C SER C 235 8.35 6.02 41.76
N SER C 236 9.63 5.83 42.13
CA SER C 236 10.37 6.72 43.05
C SER C 236 10.68 8.09 42.43
N LEU C 237 10.75 8.17 41.10
CA LEU C 237 10.96 9.40 40.33
C LEU C 237 9.73 10.32 40.28
N GLU C 238 8.54 9.82 40.65
CA GLU C 238 7.30 10.59 40.77
C GLU C 238 7.36 11.58 41.96
N LYS C 239 7.02 12.84 41.70
CA LYS C 239 6.96 13.95 42.66
C LYS C 239 5.62 14.71 42.52
N SER C 240 5.38 15.67 43.41
CA SER C 240 4.16 16.52 43.30
C SER C 240 4.55 18.00 43.14
N TYR C 241 3.61 18.85 42.71
CA TYR C 241 3.87 20.30 42.53
C TYR C 241 2.60 21.10 42.84
N GLU C 242 2.73 22.19 43.58
CA GLU C 242 1.55 23.01 43.96
C GLU C 242 1.35 24.17 42.98
N LEU C 243 0.21 24.22 42.28
CA LEU C 243 -0.12 25.28 41.33
C LEU C 243 -0.61 26.57 42.04
N PRO C 244 -0.66 27.74 41.36
CA PRO C 244 -1.03 29.02 41.98
C PRO C 244 -2.45 29.09 42.59
N ASP C 245 -3.38 28.24 42.15
CA ASP C 245 -4.73 28.12 42.72
C ASP C 245 -4.78 27.26 44.01
N GLY C 246 -3.67 26.65 44.40
CA GLY C 246 -3.52 25.79 45.57
C GLY C 246 -3.76 24.28 45.33
N GLN C 247 -4.13 23.84 44.12
CA GLN C 247 -4.21 22.40 43.80
C GLN C 247 -2.82 21.80 43.56
N VAL C 248 -2.65 20.50 43.84
CA VAL C 248 -1.42 19.76 43.52
C VAL C 248 -1.57 18.92 42.24
N ILE C 249 -0.47 18.76 41.50
CA ILE C 249 -0.34 17.89 40.33
C ILE C 249 0.89 16.98 40.45
N THR C 250 0.82 15.79 39.84
CA THR C 250 1.88 14.77 39.86
C THR C 250 2.71 14.77 38.58
N ILE C 251 4.01 14.48 38.70
CA ILE C 251 5.00 14.56 37.61
C ILE C 251 6.21 13.65 37.90
N GLY C 252 6.64 12.86 36.90
CA GLY C 252 7.76 11.92 37.12
C GLY C 252 8.42 11.48 35.82
N ASN C 253 7.68 10.82 34.93
CA ASN C 253 8.23 10.41 33.61
C ASN C 253 8.59 11.67 32.83
N GLU C 254 7.76 12.71 32.95
CA GLU C 254 7.97 13.99 32.22
C GLU C 254 9.33 14.59 32.55
N ARG C 255 9.83 14.39 33.79
CA ARG C 255 11.09 15.01 34.23
C ARG C 255 12.27 14.63 33.32
N PHE C 256 12.29 13.40 32.77
CA PHE C 256 13.48 13.01 31.96
C PHE C 256 13.14 13.04 30.46
N ARG C 257 11.87 12.85 30.11
CA ARG C 257 11.45 12.82 28.68
C ARG C 257 11.65 14.21 28.07
N CYS C 258 11.28 15.26 28.81
CA CYS C 258 11.41 16.63 28.31
C CYS C 258 12.87 16.96 27.88
N PRO C 259 13.91 16.90 28.76
CA PRO C 259 15.29 17.20 28.35
C PRO C 259 15.91 16.21 27.37
N GLU C 260 15.46 14.95 27.33
CA GLU C 260 15.95 13.94 26.36
C GLU C 260 15.76 14.39 24.90
N THR C 261 14.80 15.27 24.61
CA THR C 261 14.57 15.86 23.28
C THR C 261 15.83 16.51 22.69
N LEU C 262 16.69 17.06 23.55
CA LEU C 262 17.97 17.67 23.08
C LEU C 262 18.80 16.59 22.39
N PHE C 263 18.71 15.35 22.87
CA PHE C 263 19.52 14.23 22.30
C PHE C 263 18.67 13.44 21.30
N GLN C 264 17.34 13.49 21.44
CA GLN C 264 16.42 12.75 20.54
C GLN C 264 15.44 13.76 19.86
N PRO C 265 15.82 14.67 18.92
CA PRO C 265 14.87 15.66 18.37
C PRO C 265 13.73 14.99 17.61
N SER C 266 13.74 13.66 17.51
CA SER C 266 12.62 12.92 16.85
C SER C 266 11.38 13.02 17.74
N PHE C 267 11.56 13.40 19.02
CA PHE C 267 10.42 13.54 19.96
C PHE C 267 9.44 14.59 19.43
N ILE C 268 9.96 15.67 18.84
CA ILE C 268 9.09 16.76 18.31
C ILE C 268 8.99 16.64 16.78
N GLY C 269 9.46 15.51 16.21
CA GLY C 269 9.32 15.29 14.76
C GLY C 269 10.42 15.90 13.87
N MET C 270 11.49 16.46 14.44
CA MET C 270 12.62 16.99 13.67
C MET C 270 13.45 15.88 13.01
N GLU C 271 13.91 16.11 11.78
CA GLU C 271 14.94 15.28 11.12
C GLU C 271 16.37 15.59 11.63
N SER C 272 16.53 16.70 12.36
CA SER C 272 17.80 17.22 12.90
C SER C 272 18.49 16.25 13.87
N ALA C 273 19.83 16.27 13.87
CA ALA C 273 20.67 15.50 14.79
C ALA C 273 20.66 16.05 16.23
N GLY C 274 20.95 15.20 17.22
CA GLY C 274 21.03 15.58 18.64
C GLY C 274 22.23 16.49 18.96
N ILE C 275 22.16 17.23 20.07
CA ILE C 275 23.22 18.22 20.42
C ILE C 275 24.60 17.55 20.43
N HIS C 276 24.68 16.32 20.89
CA HIS C 276 25.99 15.60 20.97
C HIS C 276 26.54 15.40 19.54
N GLU C 277 25.67 15.05 18.60
CA GLU C 277 26.11 14.82 17.20
C GLU C 277 26.64 16.14 16.61
N THR C 278 25.92 17.25 16.78
CA THR C 278 26.34 18.53 16.18
C THR C 278 27.74 18.95 16.65
N THR C 279 28.01 18.82 17.95
CA THR C 279 29.35 19.16 18.50
C THR C 279 30.39 18.20 17.91
N TYR C 280 30.07 16.91 17.84
CA TYR C 280 31.03 15.90 17.32
C TYR C 280 31.30 16.17 15.83
N ASN C 281 30.25 16.40 15.05
CA ASN C 281 30.40 16.62 13.58
C ASN C 281 31.23 17.88 13.33
N SER C 282 31.02 18.93 14.12
CA SER C 282 31.83 20.15 13.97
C SER C 282 33.32 19.92 14.27
N ILE C 283 33.67 19.04 15.23
CA ILE C 283 35.06 18.62 15.47
C ILE C 283 35.59 17.81 14.27
N MET C 284 34.79 16.91 13.70
CA MET C 284 35.16 16.17 12.48
C MET C 284 35.31 17.08 11.24
N LYS C 285 34.60 18.21 11.18
CA LYS C 285 34.77 19.26 10.16
C LYS C 285 35.96 20.21 10.42
N CYS C 286 36.51 20.22 11.65
CA CYS C 286 37.78 20.89 11.96
C CYS C 286 39.00 20.06 11.50
N ASP C 287 40.15 20.74 11.36
CA ASP C 287 41.44 20.12 11.01
C ASP C 287 41.89 19.10 12.07
N ILE C 288 42.39 17.94 11.63
CA ILE C 288 42.69 16.78 12.49
C ILE C 288 43.67 17.08 13.63
N ASP C 289 44.60 18.02 13.44
CA ASP C 289 45.57 18.44 14.45
C ASP C 289 44.94 19.15 15.67
N ILE C 290 43.84 19.89 15.46
CA ILE C 290 43.26 20.69 16.58
C ILE C 290 42.13 19.91 17.25
N ARG C 291 41.75 18.74 16.70
CA ARG C 291 40.60 17.96 17.23
C ARG C 291 40.81 17.61 18.71
N LYS C 292 42.00 17.09 19.07
CA LYS C 292 42.26 16.65 20.47
C LYS C 292 42.02 17.82 21.44
N ASP C 293 42.59 19.00 21.15
CA ASP C 293 42.44 20.17 22.03
C ASP C 293 40.98 20.63 22.15
N LEU C 294 40.16 20.39 21.13
CA LEU C 294 38.71 20.71 21.23
C LEU C 294 38.03 19.67 22.14
N TYR C 295 38.49 18.42 22.07
CA TYR C 295 37.90 17.33 22.91
C TYR C 295 38.18 17.61 24.38
N ALA C 296 39.34 18.19 24.69
CA ALA C 296 39.70 18.47 26.11
C ALA C 296 39.09 19.80 26.53
N ASN C 297 38.41 20.50 25.62
CA ASN C 297 37.82 21.82 25.92
C ASN C 297 36.39 21.98 25.33
N ASN C 298 35.49 21.02 25.58
CA ASN C 298 34.06 21.25 25.34
C ASN C 298 33.52 22.18 26.44
N VAL C 299 32.82 23.25 26.06
CA VAL C 299 32.29 24.27 27.00
C VAL C 299 30.78 24.38 26.86
N MET C 300 30.05 24.07 27.94
CA MET C 300 28.59 24.26 28.04
C MET C 300 28.26 25.74 28.35
N SER C 301 27.21 26.28 27.75
CA SER C 301 26.80 27.68 27.91
C SER C 301 25.30 27.88 27.64
N GLY C 302 24.70 28.91 28.25
CA GLY C 302 23.27 29.19 28.04
C GLY C 302 22.40 28.64 29.16
N GLY C 303 21.11 28.99 29.18
CA GLY C 303 20.23 28.56 30.27
C GLY C 303 19.79 27.13 30.12
N THR C 304 19.65 26.66 28.88
CA THR C 304 19.15 25.28 28.66
C THR C 304 20.22 24.28 29.12
N THR C 305 21.50 24.56 28.86
CA THR C 305 22.58 23.66 29.33
C THR C 305 22.53 23.55 30.86
N MET C 306 21.88 24.48 31.56
CA MET C 306 21.73 24.31 33.03
C MET C 306 20.73 23.18 33.26
N TYR C 307 21.20 21.93 33.35
CA TYR C 307 20.30 20.76 33.53
C TYR C 307 21.05 19.67 34.30
N PRO C 308 20.46 19.08 35.36
CA PRO C 308 21.14 18.06 36.16
C PRO C 308 21.54 16.81 35.35
N GLY C 309 22.85 16.57 35.20
CA GLY C 309 23.31 15.35 34.51
C GLY C 309 23.68 15.58 33.06
N ILE C 310 23.49 16.81 32.55
CA ILE C 310 23.75 17.08 31.10
C ILE C 310 25.24 16.90 30.81
N ALA C 311 26.12 17.12 31.79
CA ALA C 311 27.57 17.06 31.56
C ALA C 311 28.09 15.61 31.53
N ASP C 312 27.59 14.74 32.43
CA ASP C 312 27.94 13.32 32.46
C ASP C 312 27.40 12.58 31.23
N ARG C 313 26.16 12.89 30.84
CA ARG C 313 25.58 12.29 29.60
C ARG C 313 26.40 12.77 28.40
N MET C 314 26.64 14.07 28.27
CA MET C 314 27.43 14.62 27.15
C MET C 314 28.81 13.95 27.06
N GLN C 315 29.53 13.80 28.19
CA GLN C 315 30.81 13.11 28.22
C GLN C 315 30.69 11.65 27.72
N LYS C 316 29.67 10.91 28.19
CA LYS C 316 29.37 9.54 27.76
C LYS C 316 29.06 9.44 26.26
N GLU C 317 28.18 10.30 25.75
CA GLU C 317 27.77 10.33 24.34
C GLU C 317 28.94 10.66 23.40
N ILE C 318 29.77 11.66 23.75
CA ILE C 318 30.95 12.02 22.95
C ILE C 318 32.03 10.93 23.03
N THR C 319 32.26 10.32 24.20
CA THR C 319 33.21 9.20 24.37
C THR C 319 32.81 7.97 23.55
N ALA C 320 31.50 7.73 23.36
CA ALA C 320 31.00 6.64 22.51
C ALA C 320 31.23 6.88 21.00
N LEU C 321 31.28 8.14 20.54
CA LEU C 321 31.52 8.50 19.14
C LEU C 321 33.02 8.67 18.80
N ALA C 322 33.77 9.38 19.65
CA ALA C 322 35.20 9.67 19.45
C ALA C 322 36.11 8.42 19.65
N PRO C 323 37.35 8.44 19.11
CA PRO C 323 38.35 7.40 19.39
C PRO C 323 38.64 7.27 20.89
N SER C 324 38.85 6.03 21.37
CA SER C 324 39.03 5.72 22.80
C SER C 324 40.28 6.35 23.44
N THR C 325 41.26 6.75 22.63
CA THR C 325 42.49 7.47 23.05
C THR C 325 42.26 8.96 23.34
N MET C 326 41.15 9.56 22.90
CA MET C 326 40.83 10.98 23.11
C MET C 326 40.34 11.24 24.55
N LYS C 327 40.96 12.21 25.23
CA LYS C 327 40.57 12.64 26.59
C LYS C 327 39.40 13.62 26.53
N ILE C 328 38.17 13.09 26.51
CA ILE C 328 36.93 13.87 26.46
C ILE C 328 36.69 14.60 27.79
N LYS C 329 36.67 15.93 27.77
CA LYS C 329 36.45 16.80 28.96
C LYS C 329 35.32 17.78 28.69
N ILE C 330 34.37 17.89 29.64
CA ILE C 330 33.22 18.79 29.59
C ILE C 330 33.35 19.86 30.70
N ILE C 331 33.58 21.11 30.31
CA ILE C 331 33.57 22.28 31.19
C ILE C 331 32.13 22.81 31.29
N ALA C 332 31.58 22.79 32.50
CA ALA C 332 30.19 23.27 32.72
C ALA C 332 30.19 24.35 33.80
N PRO C 333 30.38 25.64 33.44
CA PRO C 333 30.43 26.73 34.43
C PRO C 333 29.27 26.70 35.43
N PRO C 334 29.51 26.98 36.73
CA PRO C 334 28.44 27.06 37.74
C PRO C 334 27.22 27.80 37.19
N GLU C 335 27.44 28.95 36.55
CA GLU C 335 26.31 29.66 35.89
C GLU C 335 26.60 29.71 34.39
N ARG C 336 25.82 28.97 33.60
CA ARG C 336 26.05 28.93 32.12
C ARG C 336 25.24 30.05 31.47
N LYS C 337 24.03 30.33 31.98
CA LYS C 337 23.23 31.47 31.45
C LYS C 337 24.01 32.74 31.72
N TYR C 338 24.52 32.91 32.94
CA TYR C 338 25.36 34.09 33.27
C TYR C 338 26.79 33.79 32.84
N SER C 339 27.13 34.06 31.57
CA SER C 339 28.51 33.84 31.04
C SER C 339 28.69 34.71 29.81
N VAL C 340 27.66 34.79 28.97
CA VAL C 340 27.70 35.66 27.75
C VAL C 340 27.77 37.13 28.20
N TRP C 341 26.87 37.55 29.10
CA TRP C 341 26.92 38.93 29.63
C TRP C 341 28.29 39.19 30.25
N ILE C 342 28.77 38.28 31.10
CA ILE C 342 30.07 38.47 31.81
C ILE C 342 31.18 38.67 30.76
N GLY C 343 31.23 37.84 29.72
CA GLY C 343 32.23 38.04 28.66
C GLY C 343 32.12 39.44 28.06
N GLY C 344 30.91 39.94 27.84
CA GLY C 344 30.70 41.29 27.33
C GLY C 344 31.26 42.37 28.26
N SER C 345 31.03 42.24 29.57
CA SER C 345 31.55 43.13 30.61
C SER C 345 33.09 43.11 30.67
N ILE C 346 33.71 41.92 30.55
CA ILE C 346 35.16 41.74 30.43
C ILE C 346 35.69 42.43 29.16
N LEU C 347 35.10 42.15 28.00
CA LEU C 347 35.52 42.69 26.69
C LEU C 347 35.47 44.23 26.66
N ALA C 348 34.35 44.82 27.08
CA ALA C 348 34.14 46.27 27.11
C ALA C 348 35.10 47.02 28.06
N SER C 349 35.70 46.33 29.04
CA SER C 349 36.67 46.91 29.99
C SER C 349 38.10 47.02 29.44
N LEU C 350 38.45 46.33 28.35
CA LEU C 350 39.82 46.31 27.80
C LEU C 350 40.19 47.63 27.12
N SER C 351 41.35 48.20 27.45
CA SER C 351 41.88 49.43 26.83
C SER C 351 42.15 49.27 25.33
N THR C 352 42.58 48.07 24.91
CA THR C 352 42.82 47.69 23.51
C THR C 352 41.54 47.55 22.68
N PHE C 353 40.39 47.34 23.35
CA PHE C 353 39.11 47.12 22.62
C PHE C 353 38.43 48.48 22.39
N GLN C 354 38.93 49.53 23.02
CA GLN C 354 38.24 50.86 22.92
C GLN C 354 38.23 51.39 21.49
N GLN C 355 39.10 50.88 20.60
CA GLN C 355 39.07 51.30 19.18
C GLN C 355 37.90 50.62 18.46
N MET C 356 37.52 49.41 18.87
CA MET C 356 36.41 48.67 18.21
C MET C 356 35.07 49.10 18.81
N TRP C 357 34.64 50.33 18.50
CA TRP C 357 33.35 50.85 19.01
C TRP C 357 32.80 51.79 17.93
N ILE C 358 31.98 51.29 16.99
CA ILE C 358 31.52 52.16 15.87
C ILE C 358 30.90 53.41 16.49
N THR C 359 31.41 54.59 16.16
CA THR C 359 30.89 55.86 16.72
C THR C 359 29.64 56.35 15.98
N LYS C 360 28.90 57.26 16.61
CA LYS C 360 27.69 57.84 15.97
C LYS C 360 28.11 58.50 14.65
N GLN C 361 29.20 59.29 14.68
CA GLN C 361 29.68 60.00 13.47
C GLN C 361 30.03 58.97 12.38
N GLU C 362 30.78 57.93 12.74
CA GLU C 362 31.17 56.87 11.77
C GLU C 362 29.90 56.29 11.13
N TYR C 363 28.94 55.85 11.95
CA TYR C 363 27.69 55.26 11.42
C TYR C 363 27.01 56.24 10.45
N ASP C 364 26.81 57.49 10.89
CA ASP C 364 26.13 58.48 10.05
C ASP C 364 26.85 58.74 8.72
N GLU C 365 28.18 58.73 8.70
CA GLU C 365 28.98 58.96 7.49
C GLU C 365 29.05 57.72 6.58
N ALA C 366 29.33 56.54 7.14
CA ALA C 366 29.57 55.30 6.38
C ALA C 366 28.31 54.50 6.02
N GLY C 367 27.17 54.76 6.68
CA GLY C 367 25.89 54.05 6.49
C GLY C 367 25.79 52.70 7.21
N PRO C 368 24.60 52.09 7.30
CA PRO C 368 24.32 50.94 8.19
C PRO C 368 25.21 49.71 8.01
N SER C 369 25.68 49.44 6.79
CA SER C 369 26.55 48.29 6.48
C SER C 369 27.94 48.36 7.12
N ILE C 370 28.31 49.49 7.75
CA ILE C 370 29.58 49.64 8.48
C ILE C 370 29.72 48.61 9.62
N VAL C 371 28.61 48.21 10.22
CA VAL C 371 28.68 47.26 11.39
C VAL C 371 29.25 45.93 10.91
N HIS C 372 28.87 45.50 9.70
CA HIS C 372 29.35 44.20 9.17
C HIS C 372 30.80 44.34 8.69
N ARG C 373 31.20 45.55 8.28
CA ARG C 373 32.60 45.79 7.86
C ARG C 373 33.50 45.82 9.11
N LYS C 374 32.97 46.28 10.25
CA LYS C 374 33.78 46.38 11.48
C LYS C 374 33.88 44.99 12.13
N CYS C 375 32.74 44.31 12.29
CA CYS C 375 32.73 42.96 12.91
C CYS C 375 33.51 41.98 12.02
N PHE C 376 33.21 41.98 10.71
CA PHE C 376 33.94 41.10 9.76
C PHE C 376 34.82 41.98 8.86
N THR D 6 24.56 -10.86 -28.32
CA THR D 6 23.81 -10.06 -27.33
C THR D 6 24.33 -8.62 -27.28
N THR D 7 23.47 -7.65 -26.93
CA THR D 7 23.86 -6.26 -26.62
C THR D 7 24.51 -6.16 -25.22
N ALA D 8 25.50 -5.28 -25.07
CA ALA D 8 26.03 -4.88 -23.77
C ALA D 8 25.20 -3.75 -23.14
N LEU D 9 25.19 -3.67 -21.81
CA LEU D 9 24.74 -2.54 -21.01
C LEU D 9 25.94 -1.68 -20.57
N VAL D 10 25.72 -0.38 -20.45
CA VAL D 10 26.78 0.56 -19.95
C VAL D 10 26.14 1.37 -18.82
N CYS D 11 26.87 1.62 -17.73
CA CYS D 11 26.24 2.31 -16.57
C CYS D 11 27.21 3.32 -15.95
N ASP D 12 26.77 4.57 -15.79
CA ASP D 12 27.60 5.59 -15.09
C ASP D 12 27.18 5.60 -13.62
N ASN D 13 28.07 5.17 -12.71
CA ASN D 13 27.77 5.23 -11.26
C ASN D 13 27.82 6.70 -10.84
N GLY D 14 26.68 7.40 -10.90
CA GLY D 14 26.68 8.85 -10.62
C GLY D 14 26.45 9.18 -9.16
N SER D 15 27.31 10.01 -8.58
CA SER D 15 27.23 10.41 -7.15
C SER D 15 25.81 10.85 -6.77
N GLY D 16 25.20 11.74 -7.54
CA GLY D 16 23.85 12.24 -7.23
C GLY D 16 22.84 11.84 -8.29
N LEU D 17 23.31 11.29 -9.42
CA LEU D 17 22.40 10.97 -10.55
C LEU D 17 22.94 9.77 -11.32
N VAL D 18 22.27 8.61 -11.22
CA VAL D 18 22.71 7.40 -11.93
C VAL D 18 22.10 7.35 -13.34
N LYS D 19 22.88 6.91 -14.33
CA LYS D 19 22.45 6.78 -15.75
C LYS D 19 22.85 5.44 -16.36
N ALA D 20 21.97 4.82 -17.13
CA ALA D 20 22.16 3.49 -17.71
C ALA D 20 21.48 3.30 -19.07
N GLY D 21 21.97 2.36 -19.86
CA GLY D 21 21.34 2.09 -21.18
C GLY D 21 22.13 1.07 -21.99
N PHE D 22 21.69 0.81 -23.22
CA PHE D 22 22.35 -0.23 -24.06
C PHE D 22 23.54 0.38 -24.81
N ALA D 23 24.41 -0.48 -25.34
CA ALA D 23 25.63 0.01 -26.04
C ALA D 23 25.27 0.51 -27.44
N GLY D 24 25.74 1.72 -27.80
CA GLY D 24 25.51 2.27 -29.15
C GLY D 24 24.32 3.23 -29.28
N ASP D 25 23.50 3.40 -28.23
CA ASP D 25 22.42 4.41 -28.21
C ASP D 25 22.96 5.84 -28.03
N ASP D 26 22.24 6.82 -28.59
CA ASP D 26 22.64 8.25 -28.58
C ASP D 26 22.53 8.93 -27.19
N ALA D 27 21.74 8.35 -26.29
CA ALA D 27 21.46 8.84 -24.94
C ALA D 27 21.06 7.66 -24.02
N PRO D 28 21.24 7.75 -22.68
CA PRO D 28 20.86 6.68 -21.76
C PRO D 28 19.35 6.42 -21.77
N ARG D 29 18.96 5.15 -21.67
CA ARG D 29 17.52 4.80 -21.57
C ARG D 29 17.00 5.25 -20.20
N ALA D 30 17.83 5.10 -19.15
CA ALA D 30 17.44 5.44 -17.79
C ALA D 30 18.33 6.53 -17.19
N VAL D 31 17.70 7.51 -16.53
CA VAL D 31 18.45 8.59 -15.82
C VAL D 31 17.61 8.97 -14.59
N PHE D 32 18.10 8.65 -13.38
CA PHE D 32 17.28 8.90 -12.16
C PHE D 32 18.20 9.22 -10.96
N PRO D 33 17.72 9.91 -9.90
CA PRO D 33 18.53 10.17 -8.71
C PRO D 33 18.98 8.88 -7.99
N SER D 34 20.21 8.85 -7.50
CA SER D 34 20.71 7.67 -6.75
C SER D 34 20.18 7.72 -5.30
N ILE D 35 19.76 8.90 -4.84
CA ILE D 35 19.27 9.08 -3.43
C ILE D 35 18.21 8.02 -3.10
N VAL D 36 18.49 7.17 -2.12
CA VAL D 36 17.52 6.12 -1.69
C VAL D 36 16.76 6.65 -0.46
N GLY D 37 15.43 6.72 -0.54
CA GLY D 37 14.61 7.24 0.57
C GLY D 37 14.31 6.18 1.60
N ARG D 38 13.84 6.60 2.79
CA ARG D 38 13.54 5.65 3.91
C ARG D 38 12.53 6.31 4.86
N PRO D 39 11.37 5.69 5.16
CA PRO D 39 10.39 6.25 6.11
C PRO D 39 10.98 6.71 7.45
N ARG D 40 10.64 7.94 7.86
CA ARG D 40 11.09 8.46 9.18
C ARG D 40 9.86 8.94 9.95
N HIS D 41 8.66 8.72 9.38
CA HIS D 41 7.41 9.20 10.03
C HIS D 41 6.58 8.00 10.51
N GLN D 42 5.53 8.25 11.30
CA GLN D 42 4.64 7.15 11.78
C GLN D 42 3.37 7.11 10.93
N GLY D 43 2.95 5.92 10.50
CA GLY D 43 1.75 5.79 9.66
C GLY D 43 0.46 5.87 10.46
N VAL D 44 -0.66 6.15 9.79
CA VAL D 44 -1.98 6.26 10.49
C VAL D 44 -3.06 5.60 9.61
N MET D 45 -2.83 5.55 8.29
CA MET D 45 -3.80 4.90 7.38
C MET D 45 -3.63 3.38 7.48
N VAL D 46 -4.73 2.64 7.67
CA VAL D 46 -4.64 1.15 7.71
C VAL D 46 -4.92 0.62 6.30
N GLY D 47 -3.95 -0.09 5.71
CA GLY D 47 -4.13 -0.65 4.36
C GLY D 47 -3.57 0.28 3.29
N MET D 48 -2.26 0.48 3.27
CA MET D 48 -1.62 1.33 2.22
C MET D 48 -0.41 0.60 1.66
N GLY D 49 -0.22 0.65 0.33
CA GLY D 49 0.97 0.03 -0.29
C GLY D 49 2.23 0.73 0.16
N GLN D 50 2.94 0.16 1.14
CA GLN D 50 4.12 0.86 1.72
C GLN D 50 5.37 -0.02 1.63
N LYS D 51 6.55 0.59 1.69
CA LYS D 51 7.83 -0.18 1.65
C LYS D 51 8.76 0.38 2.73
N ASP D 52 9.86 -0.32 3.01
CA ASP D 52 10.84 0.13 4.03
C ASP D 52 11.91 1.01 3.37
N SER D 53 11.92 1.04 2.04
CA SER D 53 12.91 1.87 1.30
C SER D 53 12.32 2.28 -0.06
N TYR D 54 12.49 3.55 -0.45
CA TYR D 54 12.03 4.02 -1.78
C TYR D 54 13.24 4.42 -2.61
N VAL D 55 13.09 4.51 -3.94
CA VAL D 55 14.23 4.79 -4.84
C VAL D 55 13.94 5.96 -5.79
N GLY D 56 14.91 6.85 -5.98
CA GLY D 56 14.92 7.84 -7.07
C GLY D 56 13.71 8.79 -7.04
N ASP D 57 12.94 8.84 -8.12
CA ASP D 57 11.74 9.66 -8.22
C ASP D 57 10.63 9.24 -7.22
N GLU D 58 10.56 7.97 -6.83
CA GLU D 58 9.63 7.49 -5.79
C GLU D 58 10.04 7.94 -4.37
N ALA D 59 11.33 8.18 -4.13
CA ALA D 59 11.81 8.85 -2.92
C ALA D 59 11.52 10.37 -2.96
N GLN D 60 11.76 11.02 -4.10
CA GLN D 60 11.50 12.46 -4.30
C GLN D 60 10.01 12.83 -4.16
N SER D 61 9.09 11.96 -4.59
CA SER D 61 7.63 12.20 -4.50
C SER D 61 7.06 12.06 -3.08
N LYS D 62 7.89 11.64 -2.11
CA LYS D 62 7.44 11.54 -0.70
C LYS D 62 8.42 12.32 0.19
N ARG D 63 8.84 13.51 -0.24
CA ARG D 63 9.85 14.30 0.52
C ARG D 63 9.29 14.73 1.89
N GLY D 64 10.16 14.85 2.89
CA GLY D 64 9.73 15.22 4.26
C GLY D 64 9.30 13.98 5.02
N ILE D 65 8.25 13.31 4.57
CA ILE D 65 7.79 12.05 5.18
C ILE D 65 8.93 11.01 5.23
N LEU D 66 9.82 11.01 4.22
CA LEU D 66 10.99 10.08 4.29
C LEU D 66 12.28 10.86 4.51
N THR D 67 13.33 10.18 4.96
CA THR D 67 14.67 10.83 5.05
C THR D 67 15.46 10.38 3.81
N LEU D 68 16.22 11.28 3.19
CA LEU D 68 16.89 10.91 1.90
C LEU D 68 18.36 10.55 2.17
N LYS D 69 18.81 9.38 1.70
CA LYS D 69 20.21 8.94 1.95
C LYS D 69 20.94 8.70 0.63
N TYR D 70 22.18 9.20 0.51
CA TYR D 70 22.98 9.00 -0.73
C TYR D 70 23.81 7.73 -0.62
N PRO D 71 23.79 6.83 -1.61
CA PRO D 71 24.63 5.62 -1.58
C PRO D 71 26.08 5.91 -2.01
N ILE D 72 26.39 7.16 -2.40
CA ILE D 72 27.78 7.56 -2.81
C ILE D 72 28.14 8.90 -2.21
N GLU D 73 29.38 9.04 -1.72
CA GLU D 73 29.86 10.36 -1.20
C GLU D 73 31.37 10.43 -1.50
N HIS D 74 31.83 11.54 -2.09
CA HIS D 74 33.25 11.69 -2.48
C HIS D 74 33.65 10.59 -3.47
N GLY D 75 32.72 10.15 -4.33
CA GLY D 75 33.02 9.13 -5.36
C GLY D 75 33.16 7.72 -4.78
N ILE D 76 32.97 7.55 -3.48
CA ILE D 76 33.17 6.21 -2.83
C ILE D 76 31.85 5.71 -2.26
N ILE D 77 31.50 4.44 -2.53
CA ILE D 77 30.25 3.86 -2.01
C ILE D 77 30.14 4.01 -0.49
N THR D 78 29.02 4.53 0.01
CA THR D 78 28.72 4.65 1.45
C THR D 78 28.02 3.42 2.03
N ASN D 79 27.13 2.82 1.23
CA ASN D 79 26.38 1.61 1.67
C ASN D 79 26.23 0.66 0.47
N TRP D 80 26.72 -0.57 0.58
CA TRP D 80 26.70 -1.50 -0.57
C TRP D 80 25.30 -2.07 -0.81
N ASP D 81 24.50 -2.26 0.25
CA ASP D 81 23.11 -2.77 0.10
C ASP D 81 22.29 -1.73 -0.68
N ASP D 82 22.39 -0.46 -0.31
CA ASP D 82 21.71 0.62 -1.05
C ASP D 82 22.16 0.69 -2.50
N MET D 83 23.46 0.60 -2.80
CA MET D 83 23.95 0.52 -4.17
C MET D 83 23.46 -0.75 -4.91
N GLU D 84 23.39 -1.89 -4.20
CA GLU D 84 22.77 -3.12 -4.74
C GLU D 84 21.28 -2.91 -5.08
N LYS D 85 20.51 -2.21 -4.24
CA LYS D 85 19.12 -1.85 -4.55
C LYS D 85 18.99 -0.89 -5.74
N ILE D 86 19.93 0.03 -5.94
CA ILE D 86 19.98 0.89 -7.15
C ILE D 86 20.24 0.06 -8.42
N TRP D 87 21.22 -0.85 -8.35
CA TRP D 87 21.50 -1.74 -9.51
C TRP D 87 20.27 -2.62 -9.77
N HIS D 88 19.64 -3.13 -8.72
CA HIS D 88 18.42 -3.98 -8.87
C HIS D 88 17.33 -3.18 -9.60
N HIS D 89 16.99 -2.00 -9.09
CA HIS D 89 15.95 -1.15 -9.73
C HIS D 89 16.30 -0.95 -11.21
N THR D 90 17.55 -0.59 -11.49
CA THR D 90 17.99 -0.37 -12.89
C THR D 90 17.69 -1.60 -13.75
N PHE D 91 18.17 -2.79 -13.35
CA PHE D 91 18.03 -4.00 -14.21
C PHE D 91 16.60 -4.52 -14.34
N TYR D 92 15.82 -4.58 -13.25
CA TYR D 92 14.51 -5.27 -13.33
C TYR D 92 13.30 -4.33 -13.30
N ASN D 93 13.43 -3.12 -12.74
CA ASN D 93 12.23 -2.26 -12.61
C ASN D 93 12.21 -1.20 -13.72
N GLU D 94 13.39 -0.77 -14.18
CA GLU D 94 13.48 0.25 -15.25
C GLU D 94 13.87 -0.31 -16.63
N LEU D 95 14.99 -1.04 -16.71
CA LEU D 95 15.46 -1.63 -18.01
C LEU D 95 14.68 -2.91 -18.34
N ARG D 96 14.23 -3.67 -17.33
CA ARG D 96 13.41 -4.90 -17.54
C ARG D 96 14.17 -5.98 -18.33
N VAL D 97 15.48 -6.12 -18.14
CA VAL D 97 16.32 -7.18 -18.75
C VAL D 97 17.27 -7.81 -17.73
N ALA D 98 17.61 -9.09 -17.92
CA ALA D 98 18.48 -9.82 -17.02
C ALA D 98 19.98 -9.48 -17.24
N PRO D 99 20.76 -9.12 -16.20
CA PRO D 99 22.21 -8.95 -16.31
C PRO D 99 22.94 -10.26 -16.64
N GLU D 100 22.30 -11.39 -16.32
CA GLU D 100 22.93 -12.72 -16.54
C GLU D 100 23.20 -12.93 -18.03
N GLU D 101 22.60 -12.10 -18.90
CA GLU D 101 22.77 -12.26 -20.36
C GLU D 101 23.44 -11.01 -20.94
N HIS D 102 23.34 -9.87 -20.25
CA HIS D 102 23.89 -8.61 -20.81
C HIS D 102 25.16 -8.18 -20.08
N PRO D 103 26.34 -8.16 -20.75
CA PRO D 103 27.58 -7.70 -20.12
C PRO D 103 27.41 -6.25 -19.62
N THR D 104 27.96 -5.92 -18.45
CA THR D 104 27.68 -4.57 -17.88
C THR D 104 28.95 -3.75 -17.61
N LEU D 105 29.23 -2.74 -18.45
CA LEU D 105 30.32 -1.80 -18.19
C LEU D 105 29.95 -0.83 -17.06
N LEU D 106 30.87 -0.66 -16.12
CA LEU D 106 30.80 0.28 -14.99
C LEU D 106 31.89 1.37 -15.13
N THR D 107 31.78 2.47 -14.40
CA THR D 107 32.80 3.53 -14.41
C THR D 107 32.88 4.35 -13.12
N GLU D 108 34.09 4.69 -12.67
CA GLU D 108 34.37 5.41 -11.41
C GLU D 108 35.49 6.47 -11.56
N ALA D 109 35.66 7.31 -10.52
CA ALA D 109 36.69 8.36 -10.46
C ALA D 109 38.12 7.79 -10.27
N PRO D 110 39.20 8.40 -10.85
CA PRO D 110 40.58 7.91 -10.58
C PRO D 110 40.97 8.18 -9.13
N LEU D 111 42.03 7.52 -8.64
CA LEU D 111 42.46 7.65 -7.21
C LEU D 111 41.33 7.13 -6.31
N ASN D 112 40.58 6.12 -6.79
CA ASN D 112 39.51 5.51 -5.96
C ASN D 112 40.10 4.28 -5.24
N PRO D 113 39.74 3.90 -3.97
CA PRO D 113 40.39 2.77 -3.32
C PRO D 113 40.24 1.46 -4.09
N LYS D 114 41.24 0.57 -4.01
CA LYS D 114 41.18 -0.77 -4.64
C LYS D 114 40.00 -1.60 -4.12
N ALA D 115 39.72 -1.52 -2.81
CA ALA D 115 38.60 -2.19 -2.16
C ALA D 115 37.22 -1.73 -2.70
N ASN D 116 37.11 -0.45 -3.06
CA ASN D 116 35.85 0.10 -3.61
C ASN D 116 35.59 -0.60 -4.96
N ARG D 117 36.63 -0.72 -5.79
CA ARG D 117 36.48 -1.36 -7.12
C ARG D 117 36.22 -2.87 -6.93
N GLU D 118 36.99 -3.52 -6.05
CA GLU D 118 36.86 -4.99 -5.87
C GLU D 118 35.45 -5.36 -5.40
N LYS D 119 34.99 -4.78 -4.29
CA LYS D 119 33.65 -5.08 -3.75
C LYS D 119 32.53 -4.79 -4.76
N MET D 120 32.64 -3.71 -5.54
CA MET D 120 31.72 -3.38 -6.64
C MET D 120 31.64 -4.52 -7.67
N THR D 121 32.79 -5.00 -8.14
CA THR D 121 32.87 -6.09 -9.13
C THR D 121 32.50 -7.45 -8.53
N GLN D 122 32.86 -7.72 -7.27
CA GLN D 122 32.39 -8.92 -6.54
C GLN D 122 30.87 -8.99 -6.48
N ILE D 123 30.18 -7.91 -6.08
CA ILE D 123 28.71 -7.88 -6.02
C ILE D 123 28.09 -8.14 -7.40
N MET D 124 28.63 -7.49 -8.43
CA MET D 124 28.06 -7.61 -9.81
C MET D 124 28.25 -9.03 -10.34
N PHE D 125 29.40 -9.65 -10.08
CA PHE D 125 29.68 -11.00 -10.64
C PHE D 125 28.91 -12.09 -9.90
N GLU D 126 28.50 -11.81 -8.65
CA GLU D 126 27.83 -12.87 -7.85
C GLU D 126 26.32 -12.64 -7.80
N THR D 127 25.88 -11.53 -7.21
CA THR D 127 24.42 -11.28 -7.04
C THR D 127 23.72 -11.09 -8.40
N PHE D 128 24.45 -10.60 -9.40
CA PHE D 128 23.83 -10.33 -10.73
C PHE D 128 24.36 -11.33 -11.76
N ASN D 129 25.30 -12.20 -11.37
CA ASN D 129 25.84 -13.25 -12.27
C ASN D 129 26.09 -12.72 -13.69
N VAL D 130 26.63 -11.51 -13.81
CA VAL D 130 26.96 -10.92 -15.12
C VAL D 130 27.98 -11.81 -15.88
N PRO D 131 27.85 -12.10 -17.21
CA PRO D 131 28.88 -12.87 -17.91
C PRO D 131 30.21 -12.11 -18.09
N ALA D 132 30.15 -10.85 -18.54
CA ALA D 132 31.37 -10.05 -18.76
C ALA D 132 31.23 -8.69 -18.10
N MET D 133 32.34 -8.05 -17.73
CA MET D 133 32.26 -6.75 -16.99
C MET D 133 33.52 -5.94 -17.29
N TYR D 134 33.43 -4.60 -17.24
CA TYR D 134 34.63 -3.75 -17.42
C TYR D 134 34.52 -2.51 -16.52
N VAL D 135 35.64 -2.04 -15.97
CA VAL D 135 35.62 -0.79 -15.15
C VAL D 135 36.45 0.31 -15.83
N ALA D 136 35.78 1.31 -16.40
CA ALA D 136 36.45 2.46 -17.02
C ALA D 136 36.67 3.62 -16.02
N ILE D 137 37.64 4.51 -16.31
CA ILE D 137 37.79 5.80 -15.62
C ILE D 137 36.86 6.84 -16.26
N GLN D 138 36.07 7.55 -15.46
CA GLN D 138 35.04 8.47 -15.97
C GLN D 138 35.59 9.58 -16.90
N ALA D 139 36.81 10.07 -16.62
CA ALA D 139 37.46 11.14 -17.38
C ALA D 139 37.80 10.77 -18.84
N VAL D 140 38.27 9.54 -19.11
CA VAL D 140 38.66 9.15 -20.49
C VAL D 140 37.44 9.01 -21.40
N LEU D 141 36.30 8.58 -20.85
CA LEU D 141 35.05 8.41 -21.59
C LEU D 141 34.53 9.74 -22.16
N SER D 142 34.49 10.81 -21.36
CA SER D 142 34.06 12.12 -21.87
C SER D 142 35.05 12.72 -22.88
N LEU D 143 36.33 12.32 -22.82
CA LEU D 143 37.30 12.77 -23.85
C LEU D 143 37.04 11.99 -25.14
N TYR D 144 36.49 10.77 -25.03
CA TYR D 144 36.14 9.98 -26.24
C TYR D 144 34.90 10.62 -26.88
N ALA D 145 33.92 11.01 -26.06
CA ALA D 145 32.72 11.70 -26.60
C ALA D 145 33.17 12.99 -27.27
N SER D 146 34.15 13.69 -26.68
CA SER D 146 34.70 14.91 -27.29
C SER D 146 35.42 14.66 -28.63
N GLY D 147 35.82 13.41 -28.86
CA GLY D 147 36.44 13.04 -30.15
C GLY D 147 37.84 13.62 -30.32
N ARG D 148 38.66 13.57 -29.26
CA ARG D 148 40.07 14.02 -29.40
C ARG D 148 41.00 13.02 -28.71
N THR D 149 42.21 12.84 -29.27
CA THR D 149 43.20 11.93 -28.64
C THR D 149 44.05 12.75 -27.68
N THR D 150 44.07 14.08 -27.86
CA THR D 150 44.83 14.96 -26.96
C THR D 150 43.93 16.01 -26.32
N GLY D 151 44.04 16.19 -25.01
CA GLY D 151 43.33 17.21 -24.24
C GLY D 151 43.47 17.04 -22.74
N ILE D 152 43.29 18.14 -22.01
CA ILE D 152 43.18 18.17 -20.55
C ILE D 152 41.71 18.26 -20.16
N VAL D 153 41.17 17.15 -19.65
CA VAL D 153 39.76 17.06 -19.23
C VAL D 153 39.61 17.39 -17.74
N LEU D 154 38.78 18.39 -17.43
CA LEU D 154 38.31 18.73 -16.10
C LEU D 154 36.87 18.22 -15.94
N ASP D 155 36.69 17.21 -15.08
CA ASP D 155 35.41 16.55 -14.83
C ASP D 155 34.95 16.82 -13.39
N SER D 156 33.92 17.66 -13.22
CA SER D 156 33.34 18.03 -11.92
C SER D 156 31.89 17.54 -11.81
N GLY D 157 31.67 16.52 -10.98
CA GLY D 157 30.36 15.96 -10.67
C GLY D 157 29.70 16.61 -9.45
N ASP D 158 28.69 15.93 -8.91
CA ASP D 158 28.03 16.30 -7.64
C ASP D 158 28.95 16.02 -6.43
N GLY D 159 29.54 14.83 -6.35
CA GLY D 159 30.26 14.34 -5.16
C GLY D 159 31.79 14.36 -5.24
N VAL D 160 32.38 14.59 -6.42
CA VAL D 160 33.83 14.62 -6.64
C VAL D 160 34.20 15.43 -7.90
N THR D 161 35.39 16.05 -7.90
CA THR D 161 35.91 16.74 -9.10
C THR D 161 37.30 16.14 -9.40
N HIS D 162 37.63 15.88 -10.67
CA HIS D 162 39.00 15.38 -10.99
C HIS D 162 39.55 16.03 -12.27
N ASN D 163 40.86 15.94 -12.49
CA ASN D 163 41.52 16.59 -13.66
C ASN D 163 42.55 15.64 -14.27
N VAL D 164 42.55 15.44 -15.59
CA VAL D 164 43.41 14.48 -16.28
C VAL D 164 43.96 15.08 -17.60
N PRO D 165 45.24 15.47 -17.68
CA PRO D 165 45.92 15.74 -18.95
C PRO D 165 46.22 14.44 -19.73
N ILE D 166 45.78 14.40 -20.99
CA ILE D 166 45.98 13.19 -21.84
C ILE D 166 46.67 13.65 -23.13
N TYR D 167 47.69 12.93 -23.60
CA TYR D 167 48.32 13.28 -24.90
C TYR D 167 48.37 12.04 -25.78
N GLU D 168 47.76 12.09 -26.96
CA GLU D 168 47.77 10.95 -27.92
C GLU D 168 47.21 9.68 -27.25
N GLY D 169 46.20 9.82 -26.39
CA GLY D 169 45.58 8.65 -25.72
C GLY D 169 46.39 8.19 -24.53
N TYR D 170 47.43 8.94 -24.14
CA TYR D 170 48.30 8.52 -23.02
C TYR D 170 48.20 9.52 -21.86
N ALA D 171 47.45 9.17 -20.82
CA ALA D 171 47.39 10.04 -19.62
C ALA D 171 48.77 10.17 -18.95
N LEU D 172 49.01 11.29 -18.25
CA LEU D 172 50.22 11.54 -17.47
C LEU D 172 49.94 11.31 -15.97
N PRO D 173 50.21 10.11 -15.40
CA PRO D 173 49.74 9.73 -14.05
C PRO D 173 50.40 10.52 -12.92
N HIS D 174 51.51 11.23 -13.20
CA HIS D 174 52.18 12.09 -12.19
C HIS D 174 51.56 13.49 -12.22
N ALA D 175 50.72 13.77 -13.22
CA ALA D 175 50.13 15.12 -13.37
C ALA D 175 48.64 15.11 -13.03
N ILE D 176 48.02 13.93 -12.96
CA ILE D 176 46.54 13.87 -12.73
C ILE D 176 46.19 14.45 -11.35
N MET D 177 44.99 15.05 -11.22
CA MET D 177 44.60 15.70 -9.94
C MET D 177 43.19 15.25 -9.52
N ARG D 178 42.78 15.58 -8.30
CA ARG D 178 41.41 15.24 -7.80
C ARG D 178 41.02 16.23 -6.71
N LEU D 179 40.00 17.07 -6.95
CA LEU D 179 39.57 18.10 -5.96
C LEU D 179 38.38 17.58 -5.16
N ASP D 180 38.47 17.65 -3.82
CA ASP D 180 37.34 17.24 -2.95
C ASP D 180 36.13 18.11 -3.27
N LEU D 181 36.35 19.42 -3.45
CA LEU D 181 35.26 20.35 -3.80
C LEU D 181 34.45 19.85 -5.02
N ALA D 182 33.14 19.76 -4.86
CA ALA D 182 32.19 19.37 -5.91
C ALA D 182 30.79 20.01 -5.68
N GLY D 183 29.83 19.72 -6.57
CA GLY D 183 28.50 20.36 -6.57
C GLY D 183 27.68 20.24 -5.28
N ARG D 184 27.94 19.20 -4.47
CA ARG D 184 27.24 19.07 -3.15
C ARG D 184 27.66 20.21 -2.23
N ASP D 185 28.95 20.52 -2.14
CA ASP D 185 29.46 21.60 -1.30
C ASP D 185 28.93 22.98 -1.71
N LEU D 186 28.71 23.18 -3.02
CA LEU D 186 28.09 24.40 -3.54
C LEU D 186 26.64 24.55 -3.06
N THR D 187 25.89 23.43 -2.97
CA THR D 187 24.52 23.40 -2.41
C THR D 187 24.53 23.71 -0.90
N ASP D 188 25.47 23.12 -0.18
CA ASP D 188 25.59 23.41 1.28
C ASP D 188 25.96 24.88 1.47
N TYR D 189 26.82 25.42 0.60
CA TYR D 189 27.24 26.84 0.70
C TYR D 189 26.02 27.74 0.42
N LEU D 190 25.23 27.37 -0.60
CA LEU D 190 24.03 28.17 -0.94
C LEU D 190 23.09 28.25 0.28
N MET D 191 22.84 27.12 0.95
CA MET D 191 22.00 27.17 2.16
C MET D 191 22.53 28.16 3.20
N LYS D 192 23.85 28.21 3.43
CA LYS D 192 24.46 29.14 4.40
C LYS D 192 24.34 30.60 3.98
N ILE D 193 24.58 30.94 2.71
CA ILE D 193 24.47 32.32 2.21
C ILE D 193 23.01 32.78 2.07
N LEU D 194 22.04 31.88 1.82
CA LEU D 194 20.61 32.18 1.95
C LEU D 194 20.20 32.40 3.42
N THR D 195 20.81 31.71 4.39
CA THR D 195 20.43 31.98 5.81
C THR D 195 20.74 33.43 6.20
N GLU D 196 21.72 34.05 5.55
CA GLU D 196 22.05 35.47 5.85
C GLU D 196 20.94 36.37 5.29
N ARG D 197 20.18 35.88 4.31
CA ARG D 197 19.03 36.64 3.76
C ARG D 197 17.76 36.25 4.52
N GLY D 198 17.88 35.38 5.52
CA GLY D 198 16.71 34.99 6.35
C GLY D 198 16.09 33.68 5.92
N TYR D 199 16.77 32.92 5.07
CA TYR D 199 16.19 31.65 4.55
C TYR D 199 16.92 30.46 5.17
N SER D 200 16.45 30.01 6.35
CA SER D 200 17.14 28.91 7.08
C SER D 200 16.58 27.55 6.65
N PHE D 201 17.46 26.60 6.34
CA PHE D 201 17.03 25.23 5.96
C PHE D 201 17.73 24.18 6.86
N VAL D 202 17.07 23.04 7.09
CA VAL D 202 17.53 21.98 8.03
C VAL D 202 17.33 20.54 7.53
N THR D 203 16.35 20.26 6.65
CA THR D 203 16.04 18.89 6.18
C THR D 203 16.47 18.62 4.73
N THR D 204 16.74 17.36 4.39
CA THR D 204 17.07 16.93 3.02
C THR D 204 15.96 17.25 2.01
N ALA D 205 14.71 17.34 2.45
CA ALA D 205 13.58 17.78 1.61
C ALA D 205 13.74 19.23 1.12
N GLU D 206 14.24 20.13 1.98
CA GLU D 206 14.57 21.52 1.62
C GLU D 206 15.85 21.61 0.79
N ARG D 207 16.86 20.78 1.09
CA ARG D 207 18.14 20.71 0.36
C ARG D 207 17.94 20.44 -1.13
N GLU D 208 16.99 19.58 -1.48
CA GLU D 208 16.62 19.31 -2.88
C GLU D 208 15.97 20.52 -3.59
N ILE D 209 15.17 21.32 -2.88
CA ILE D 209 14.62 22.59 -3.41
C ILE D 209 15.75 23.61 -3.61
N VAL D 210 16.72 23.64 -2.68
CA VAL D 210 17.89 24.55 -2.82
C VAL D 210 18.72 24.09 -4.02
N ARG D 211 18.87 22.77 -4.21
CA ARG D 211 19.62 22.22 -5.37
C ARG D 211 18.95 22.70 -6.66
N ASP D 212 17.62 22.59 -6.74
CA ASP D 212 16.86 23.11 -7.89
C ASP D 212 17.09 24.62 -8.10
N ILE D 213 17.03 25.44 -7.04
CA ILE D 213 17.34 26.88 -7.09
C ILE D 213 18.76 27.13 -7.62
N LYS D 214 19.74 26.35 -7.16
CA LYS D 214 21.15 26.39 -7.60
C LYS D 214 21.28 26.18 -9.11
N GLU D 215 20.73 25.08 -9.61
CA GLU D 215 20.81 24.71 -11.04
C GLU D 215 20.03 25.68 -11.95
N LYS D 216 18.92 26.26 -11.46
CA LYS D 216 18.08 27.21 -12.22
C LYS D 216 18.68 28.62 -12.32
N LEU D 217 19.20 29.17 -11.22
CA LEU D 217 19.46 30.63 -11.10
C LEU D 217 20.94 31.03 -10.97
N CYS D 218 21.80 30.10 -10.52
CA CYS D 218 23.23 30.46 -10.26
C CYS D 218 24.05 30.56 -11.55
N TYR D 219 25.10 31.38 -11.54
CA TYR D 219 25.97 31.57 -12.74
C TYR D 219 27.39 31.90 -12.29
N VAL D 220 28.37 31.72 -13.18
CA VAL D 220 29.80 32.03 -12.83
C VAL D 220 30.12 33.46 -13.30
N ALA D 221 30.70 34.29 -12.42
CA ALA D 221 31.10 35.65 -12.78
C ALA D 221 32.35 35.66 -13.69
N LEU D 222 32.38 36.55 -14.70
CA LEU D 222 33.60 36.85 -15.46
C LEU D 222 34.59 37.72 -14.65
N ASP D 223 34.03 38.55 -13.76
CA ASP D 223 34.85 39.37 -12.82
C ASP D 223 34.03 39.46 -11.53
N PHE D 224 34.45 38.78 -10.47
CA PHE D 224 33.65 38.71 -9.22
C PHE D 224 33.32 40.11 -8.68
N GLU D 225 34.33 40.97 -8.51
CA GLU D 225 34.10 42.33 -7.92
C GLU D 225 33.01 43.06 -8.69
N ASN D 226 33.08 43.07 -10.02
CA ASN D 226 32.10 43.77 -10.85
C ASN D 226 30.66 43.31 -10.55
N GLU D 227 30.44 42.02 -10.32
CA GLU D 227 29.11 41.49 -9.97
C GLU D 227 28.67 41.91 -8.56
N MET D 228 29.59 41.94 -7.58
CA MET D 228 29.33 42.53 -6.25
C MET D 228 28.94 44.02 -6.36
N ALA D 229 29.68 44.81 -7.14
CA ALA D 229 29.37 46.22 -7.37
C ALA D 229 28.01 46.41 -8.08
N THR D 230 27.68 45.55 -9.04
CA THR D 230 26.38 45.58 -9.75
C THR D 230 25.21 45.22 -8.82
N ALA D 231 25.36 44.20 -7.97
CA ALA D 231 24.35 43.81 -6.98
C ALA D 231 24.10 44.92 -5.93
N ALA D 232 25.15 45.62 -5.50
CA ALA D 232 25.05 46.72 -4.53
C ALA D 232 24.50 48.03 -5.15
N SER D 233 24.94 48.39 -6.35
CA SER D 233 24.61 49.67 -7.00
C SER D 233 23.28 49.63 -7.79
N SER D 234 23.10 48.63 -8.64
CA SER D 234 21.96 48.51 -9.58
C SER D 234 20.89 47.53 -9.11
N SER D 235 21.29 46.47 -8.39
CA SER D 235 20.42 45.38 -7.88
C SER D 235 19.65 44.60 -8.94
N SER D 236 19.98 44.77 -10.23
CA SER D 236 19.32 44.13 -11.37
C SER D 236 19.53 42.60 -11.45
N LEU D 237 20.53 42.09 -10.71
CA LEU D 237 20.81 40.66 -10.55
C LEU D 237 19.82 39.94 -9.61
N GLU D 238 19.04 40.67 -8.82
CA GLU D 238 18.02 40.14 -7.91
C GLU D 238 16.81 39.57 -8.67
N LYS D 239 16.50 38.29 -8.42
CA LYS D 239 15.33 37.63 -9.04
C LYS D 239 14.42 37.12 -7.92
N SER D 240 13.50 36.20 -8.24
CA SER D 240 12.58 35.62 -7.21
C SER D 240 12.37 34.13 -7.47
N TYR D 241 11.71 33.44 -6.53
CA TYR D 241 11.44 31.97 -6.66
C TYR D 241 10.26 31.59 -5.77
N GLU D 242 9.26 30.91 -6.34
CA GLU D 242 8.09 30.46 -5.53
C GLU D 242 8.39 29.08 -4.92
N LEU D 243 7.94 28.84 -3.68
CA LEU D 243 8.25 27.57 -2.97
C LEU D 243 7.08 26.59 -3.19
N PRO D 244 7.23 25.27 -2.93
CA PRO D 244 6.12 24.33 -3.04
C PRO D 244 4.82 24.83 -2.41
N ASP D 245 4.90 25.51 -1.26
CA ASP D 245 3.69 25.99 -0.56
C ASP D 245 3.13 27.32 -1.11
N GLY D 246 3.74 27.84 -2.19
CA GLY D 246 3.33 29.08 -2.87
C GLY D 246 3.96 30.38 -2.35
N GLN D 247 4.70 30.37 -1.22
CA GLN D 247 5.40 31.58 -0.77
C GLN D 247 6.62 31.90 -1.66
N VAL D 248 6.89 33.18 -1.91
CA VAL D 248 8.02 33.64 -2.72
C VAL D 248 9.23 34.04 -1.87
N ILE D 249 10.43 33.84 -2.41
CA ILE D 249 11.73 34.22 -1.83
C ILE D 249 12.59 34.99 -2.84
N THR D 250 13.43 35.91 -2.34
CA THR D 250 14.35 36.72 -3.15
C THR D 250 15.78 36.13 -3.17
N ILE D 251 16.50 36.32 -4.28
CA ILE D 251 17.86 35.77 -4.49
C ILE D 251 18.61 36.58 -5.56
N GLY D 252 19.87 36.95 -5.28
CA GLY D 252 20.61 37.80 -6.24
C GLY D 252 22.12 37.72 -6.07
N ASN D 253 22.66 38.18 -4.95
CA ASN D 253 24.13 38.13 -4.69
C ASN D 253 24.56 36.67 -4.62
N GLU D 254 23.66 35.81 -4.13
CA GLU D 254 23.97 34.36 -3.94
C GLU D 254 24.12 33.68 -5.30
N ARG D 255 23.62 34.29 -6.37
CA ARG D 255 23.65 33.64 -7.71
C ARG D 255 25.09 33.52 -8.22
N PHE D 256 25.97 34.46 -7.87
CA PHE D 256 27.36 34.42 -8.38
C PHE D 256 28.31 34.02 -7.25
N ARG D 257 27.90 34.23 -6.00
CA ARG D 257 28.77 33.90 -4.84
C ARG D 257 28.96 32.38 -4.77
N CYS D 258 27.88 31.62 -4.90
CA CYS D 258 27.97 30.14 -4.79
C CYS D 258 28.89 29.55 -5.87
N PRO D 259 28.72 29.72 -7.22
CA PRO D 259 29.68 29.13 -8.17
C PRO D 259 31.11 29.68 -8.08
N GLU D 260 31.32 30.90 -7.59
CA GLU D 260 32.66 31.48 -7.39
C GLU D 260 33.54 30.64 -6.44
N THR D 261 32.94 29.83 -5.56
CA THR D 261 33.65 28.90 -4.66
C THR D 261 34.58 27.94 -5.43
N LEU D 262 34.20 27.57 -6.65
CA LEU D 262 35.05 26.69 -7.49
C LEU D 262 36.41 27.37 -7.71
N PHE D 263 36.40 28.70 -7.87
CA PHE D 263 37.65 29.44 -8.15
C PHE D 263 38.27 29.91 -6.83
N GLN D 264 37.45 30.08 -5.79
CA GLN D 264 37.96 30.52 -4.46
C GLN D 264 37.45 29.56 -3.36
N PRO D 265 38.02 28.34 -3.14
CA PRO D 265 37.46 27.39 -2.15
C PRO D 265 37.50 27.97 -0.74
N SER D 266 38.28 29.04 -0.54
CA SER D 266 38.38 29.70 0.79
C SER D 266 37.01 30.24 1.20
N PHE D 267 36.05 30.24 0.28
CA PHE D 267 34.71 30.84 0.56
C PHE D 267 34.10 30.22 1.81
N ILE D 268 34.09 28.89 1.90
CA ILE D 268 33.59 28.22 3.14
C ILE D 268 34.75 28.20 4.13
N GLY D 269 35.96 27.88 3.66
CA GLY D 269 37.14 27.77 4.55
C GLY D 269 37.97 26.58 4.12
N MET D 270 38.16 26.41 2.82
CA MET D 270 38.89 25.23 2.28
C MET D 270 40.25 25.71 1.75
N GLU D 271 41.34 25.12 2.24
CA GLU D 271 42.70 25.58 1.85
C GLU D 271 43.19 24.79 0.63
N SER D 272 42.46 24.84 -0.48
CA SER D 272 42.89 24.16 -1.73
C SER D 272 42.94 25.20 -2.85
N ALA D 273 43.64 24.91 -3.95
CA ALA D 273 43.67 25.85 -5.08
C ALA D 273 42.36 25.81 -5.91
N GLY D 274 42.04 26.90 -6.61
CA GLY D 274 40.88 26.99 -7.50
C GLY D 274 40.99 26.07 -8.73
N ILE D 275 39.85 25.75 -9.38
CA ILE D 275 39.81 24.77 -10.48
C ILE D 275 40.76 25.12 -11.64
N HIS D 276 40.89 26.41 -11.95
CA HIS D 276 41.82 26.87 -13.01
C HIS D 276 43.26 26.61 -12.58
N GLU D 277 43.57 26.81 -11.30
CA GLU D 277 44.97 26.63 -10.83
C GLU D 277 45.36 25.15 -10.97
N THR D 278 44.46 24.23 -10.57
CA THR D 278 44.76 22.79 -10.67
C THR D 278 45.02 22.34 -12.11
N THR D 279 44.20 22.84 -13.05
CA THR D 279 44.39 22.50 -14.48
C THR D 279 45.74 23.07 -14.96
N TYR D 280 46.06 24.30 -14.54
CA TYR D 280 47.33 24.95 -14.97
C TYR D 280 48.52 24.18 -14.38
N ASN D 281 48.43 23.79 -13.11
CA ASN D 281 49.55 23.08 -12.43
C ASN D 281 49.76 21.72 -13.10
N SER D 282 48.68 21.03 -13.47
CA SER D 282 48.82 19.75 -14.18
C SER D 282 49.48 19.88 -15.56
N ILE D 283 49.26 20.99 -16.28
CA ILE D 283 50.00 21.30 -17.52
C ILE D 283 51.48 21.56 -17.21
N MET D 284 51.80 22.26 -16.12
CA MET D 284 53.18 22.46 -15.66
C MET D 284 53.88 21.15 -15.23
N LYS D 285 53.12 20.18 -14.69
CA LYS D 285 53.60 18.81 -14.39
C LYS D 285 53.79 17.93 -15.63
N CYS D 286 53.19 18.28 -16.77
CA CYS D 286 53.45 17.64 -18.07
C CYS D 286 54.75 18.16 -18.73
N ASP D 287 55.23 17.44 -19.75
CA ASP D 287 56.42 17.89 -20.50
C ASP D 287 56.08 19.14 -21.31
N ILE D 288 57.02 20.05 -21.50
CA ILE D 288 56.77 21.34 -22.21
C ILE D 288 56.28 21.09 -23.64
N ASP D 289 56.78 20.06 -24.32
CA ASP D 289 56.43 19.81 -25.74
C ASP D 289 54.91 19.66 -25.91
N ILE D 290 54.22 19.03 -24.95
CA ILE D 290 52.76 18.76 -25.13
C ILE D 290 51.93 19.87 -24.49
N ARG D 291 52.54 20.77 -23.72
CA ARG D 291 51.79 21.83 -23.00
C ARG D 291 50.94 22.65 -23.97
N LYS D 292 51.52 23.08 -25.09
CA LYS D 292 50.79 23.92 -26.09
C LYS D 292 49.51 23.21 -26.53
N ASP D 293 49.59 21.92 -26.86
CA ASP D 293 48.43 21.16 -27.33
C ASP D 293 47.37 20.96 -26.23
N LEU D 294 47.81 20.92 -24.96
CA LEU D 294 46.83 20.84 -23.83
C LEU D 294 46.20 22.22 -23.64
N TYR D 295 46.97 23.29 -23.83
CA TYR D 295 46.46 24.67 -23.65
C TYR D 295 45.34 24.96 -24.65
N ALA D 296 45.39 24.31 -25.82
CA ALA D 296 44.37 24.52 -26.86
C ALA D 296 43.33 23.39 -26.82
N ASN D 297 43.36 22.55 -25.78
CA ASN D 297 42.43 21.39 -25.75
C ASN D 297 41.84 21.20 -24.35
N ASN D 298 41.64 22.29 -23.59
CA ASN D 298 40.96 22.16 -22.30
C ASN D 298 39.51 21.69 -22.54
N VAL D 299 39.07 20.64 -21.86
CA VAL D 299 37.73 20.04 -22.04
C VAL D 299 36.95 20.05 -20.73
N MET D 300 35.84 20.79 -20.70
CA MET D 300 34.89 20.81 -19.58
C MET D 300 33.99 19.57 -19.60
N SER D 301 33.70 18.98 -18.44
CA SER D 301 32.89 17.76 -18.30
C SER D 301 32.21 17.67 -16.93
N GLY D 302 31.08 16.98 -16.84
CA GLY D 302 30.31 16.78 -15.61
C GLY D 302 29.37 17.94 -15.25
N GLY D 303 28.36 17.64 -14.44
CA GLY D 303 27.21 18.52 -14.19
C GLY D 303 27.52 19.85 -13.48
N THR D 304 28.60 19.93 -12.70
CA THR D 304 29.00 21.19 -12.04
C THR D 304 29.59 22.21 -13.04
N THR D 305 30.06 21.74 -14.20
CA THR D 305 30.58 22.69 -15.23
C THR D 305 29.42 23.33 -15.98
N MET D 306 28.17 22.96 -15.67
CA MET D 306 27.01 23.49 -16.42
C MET D 306 26.57 24.84 -15.84
N TYR D 307 27.52 25.76 -15.63
CA TYR D 307 27.19 27.10 -15.06
C TYR D 307 27.39 28.17 -16.14
N PRO D 308 26.40 29.07 -16.35
CA PRO D 308 26.53 30.14 -17.35
C PRO D 308 27.74 31.05 -17.08
N GLY D 309 28.72 31.07 -18.00
CA GLY D 309 29.85 31.99 -17.86
C GLY D 309 31.11 31.31 -17.34
N ILE D 310 31.13 29.98 -17.27
CA ILE D 310 32.30 29.26 -16.68
C ILE D 310 33.41 29.11 -17.75
N ALA D 311 33.05 29.05 -19.04
CA ALA D 311 34.02 28.80 -20.10
C ALA D 311 34.87 30.05 -20.40
N ASP D 312 34.20 31.21 -20.50
CA ASP D 312 34.92 32.49 -20.76
C ASP D 312 35.77 32.85 -19.54
N ARG D 313 35.25 32.61 -18.33
CA ARG D 313 36.02 32.89 -17.09
C ARG D 313 37.24 31.97 -17.08
N MET D 314 37.05 30.67 -17.30
CA MET D 314 38.17 29.73 -17.37
C MET D 314 39.21 30.18 -18.41
N GLN D 315 38.78 30.63 -19.59
CA GLN D 315 39.68 31.15 -20.62
C GLN D 315 40.47 32.38 -20.13
N LYS D 316 39.80 33.34 -19.47
CA LYS D 316 40.42 34.51 -18.82
C LYS D 316 41.44 34.11 -17.75
N GLU D 317 41.06 33.23 -16.82
CA GLU D 317 41.92 32.79 -15.71
C GLU D 317 43.16 32.02 -16.20
N ILE D 318 43.01 31.12 -17.16
CA ILE D 318 44.14 30.38 -17.76
C ILE D 318 45.03 31.31 -18.60
N THR D 319 44.46 32.27 -19.33
CA THR D 319 45.23 33.28 -20.09
C THR D 319 46.09 34.17 -19.17
N ALA D 320 45.62 34.45 -17.96
CA ALA D 320 46.39 35.19 -16.95
C ALA D 320 47.57 34.38 -16.36
N LEU D 321 47.44 33.05 -16.26
CA LEU D 321 48.48 32.15 -15.74
C LEU D 321 49.51 31.71 -16.80
N ALA D 322 49.05 31.35 -18.00
CA ALA D 322 49.86 30.85 -19.11
C ALA D 322 50.68 31.96 -19.83
N PRO D 323 51.72 31.60 -20.61
CA PRO D 323 52.43 32.52 -21.50
C PRO D 323 51.50 33.16 -22.54
N SER D 324 51.72 34.44 -22.87
CA SER D 324 50.88 35.21 -23.81
C SER D 324 50.86 34.67 -25.25
N THR D 325 51.90 33.94 -25.66
CA THR D 325 52.01 33.28 -26.97
C THR D 325 51.13 32.02 -27.12
N MET D 326 50.74 31.38 -26.00
CA MET D 326 49.91 30.17 -26.01
C MET D 326 48.44 30.49 -26.33
N LYS D 327 47.86 29.80 -27.33
CA LYS D 327 46.44 29.89 -27.68
C LYS D 327 45.59 29.09 -26.70
N ILE D 328 44.91 29.78 -25.78
CA ILE D 328 44.04 29.17 -24.76
C ILE D 328 42.65 28.91 -25.36
N LYS D 329 42.23 27.65 -25.40
CA LYS D 329 40.90 27.22 -25.90
C LYS D 329 40.20 26.32 -24.88
N ILE D 330 38.94 26.66 -24.57
CA ILE D 330 38.07 25.92 -23.65
C ILE D 330 36.91 25.30 -24.44
N ILE D 331 36.95 23.97 -24.60
CA ILE D 331 35.88 23.17 -25.22
C ILE D 331 34.84 22.84 -24.14
N ALA D 332 33.58 23.21 -24.39
CA ALA D 332 32.46 23.04 -23.46
C ALA D 332 31.18 22.61 -24.22
N PRO D 333 31.06 21.32 -24.59
CA PRO D 333 29.98 20.83 -25.47
C PRO D 333 28.57 20.93 -24.84
N PRO D 334 27.49 20.80 -25.63
CA PRO D 334 26.16 20.50 -25.09
C PRO D 334 26.14 19.11 -24.40
N GLU D 335 25.13 18.86 -23.56
CA GLU D 335 25.02 17.58 -22.78
C GLU D 335 26.38 17.14 -22.22
N ARG D 336 26.98 17.96 -21.34
CA ARG D 336 28.34 17.65 -20.80
C ARG D 336 28.27 16.58 -19.70
N LYS D 337 27.15 16.51 -18.96
CA LYS D 337 27.06 15.55 -17.82
C LYS D 337 26.80 14.13 -18.35
N TYR D 338 26.38 14.01 -19.62
CA TYR D 338 26.05 12.68 -20.19
C TYR D 338 27.19 12.22 -21.10
N SER D 339 28.20 13.06 -21.28
CA SER D 339 29.35 12.72 -22.17
C SER D 339 30.06 11.46 -21.67
N VAL D 340 30.16 11.28 -20.35
CA VAL D 340 30.80 10.06 -19.78
C VAL D 340 30.01 8.82 -20.24
N TRP D 341 28.68 8.83 -20.09
CA TRP D 341 27.85 7.70 -20.56
C TRP D 341 28.10 7.45 -22.04
N ILE D 342 28.06 8.51 -22.86
CA ILE D 342 28.23 8.36 -24.33
C ILE D 342 29.58 7.67 -24.62
N GLY D 343 30.66 8.14 -23.99
CA GLY D 343 31.97 7.50 -24.17
C GLY D 343 31.94 6.02 -23.83
N GLY D 344 31.27 5.65 -22.74
CA GLY D 344 31.14 4.24 -22.35
C GLY D 344 30.42 3.42 -23.41
N SER D 345 29.33 3.96 -23.96
CA SER D 345 28.59 3.27 -25.04
C SER D 345 29.50 3.05 -26.24
N ILE D 346 30.20 4.11 -26.68
CA ILE D 346 31.15 4.01 -27.83
C ILE D 346 32.14 2.89 -27.56
N LEU D 347 32.77 2.90 -26.37
CA LEU D 347 33.77 1.86 -26.01
C LEU D 347 33.15 0.47 -26.15
N ALA D 348 32.00 0.23 -25.50
CA ALA D 348 31.37 -1.13 -25.51
C ALA D 348 30.85 -1.53 -26.90
N SER D 349 30.89 -0.62 -27.87
CA SER D 349 30.45 -0.97 -29.25
C SER D 349 31.66 -1.36 -30.12
N LEU D 350 32.87 -1.04 -29.67
CA LEU D 350 34.09 -1.33 -30.49
C LEU D 350 34.32 -2.84 -30.59
N SER D 351 34.40 -3.38 -31.80
CA SER D 351 34.66 -4.83 -31.99
C SER D 351 36.03 -5.17 -31.42
N THR D 352 36.89 -4.16 -31.24
CA THR D 352 38.28 -4.41 -30.74
C THR D 352 38.37 -4.09 -29.25
N PHE D 353 37.23 -4.13 -28.55
CA PHE D 353 37.22 -3.86 -27.07
C PHE D 353 36.53 -5.04 -26.39
N GLN D 354 35.83 -5.87 -27.15
CA GLN D 354 35.04 -6.99 -26.54
C GLN D 354 35.97 -8.09 -25.99
N GLN D 355 37.28 -7.98 -26.23
CA GLN D 355 38.26 -8.97 -25.71
C GLN D 355 38.87 -8.43 -24.41
N MET D 356 38.48 -7.23 -23.97
CA MET D 356 39.08 -6.60 -22.76
C MET D 356 38.15 -6.80 -21.57
N TRP D 357 36.99 -7.42 -21.77
CA TRP D 357 36.00 -7.54 -20.67
C TRP D 357 36.42 -8.65 -19.69
N ILE D 358 36.47 -8.34 -18.40
CA ILE D 358 36.75 -9.40 -17.38
C ILE D 358 35.56 -10.36 -17.42
N THR D 359 35.80 -11.63 -17.76
CA THR D 359 34.70 -12.63 -17.77
C THR D 359 34.41 -13.15 -16.35
N LYS D 360 33.23 -13.75 -16.19
CA LYS D 360 32.89 -14.38 -14.88
C LYS D 360 33.95 -15.46 -14.59
N GLN D 361 34.36 -16.19 -15.63
CA GLN D 361 35.40 -17.23 -15.47
C GLN D 361 36.68 -16.58 -14.93
N GLU D 362 37.15 -15.51 -15.57
CA GLU D 362 38.38 -14.80 -15.12
C GLU D 362 38.24 -14.48 -13.62
N TYR D 363 37.13 -13.84 -13.23
CA TYR D 363 36.91 -13.48 -11.81
C TYR D 363 37.01 -14.73 -10.93
N ASP D 364 36.25 -15.78 -11.25
CA ASP D 364 36.23 -16.99 -10.39
C ASP D 364 37.63 -17.61 -10.30
N GLU D 365 38.21 -17.98 -11.45
CA GLU D 365 39.52 -18.67 -11.44
C GLU D 365 40.66 -17.83 -10.84
N ALA D 366 40.76 -16.54 -11.21
CA ALA D 366 41.90 -15.68 -10.87
C ALA D 366 41.70 -14.80 -9.61
N GLY D 367 40.48 -14.72 -9.07
CA GLY D 367 40.13 -13.93 -7.88
C GLY D 367 39.91 -12.43 -8.14
N PRO D 368 39.40 -11.66 -7.15
CA PRO D 368 38.91 -10.29 -7.36
C PRO D 368 39.92 -9.28 -7.91
N SER D 369 41.21 -9.43 -7.62
CA SER D 369 42.27 -8.54 -8.08
C SER D 369 42.53 -8.61 -9.60
N ILE D 370 41.82 -9.50 -10.29
CA ILE D 370 41.96 -9.59 -11.78
C ILE D 370 41.46 -8.28 -12.40
N VAL D 371 40.59 -7.55 -11.69
CA VAL D 371 40.01 -6.30 -12.29
C VAL D 371 41.14 -5.28 -12.47
N HIS D 372 42.00 -5.13 -11.46
CA HIS D 372 43.15 -4.19 -11.56
C HIS D 372 44.12 -4.68 -12.62
N ARG D 373 44.36 -6.00 -12.67
CA ARG D 373 45.34 -6.56 -13.64
C ARG D 373 44.86 -6.31 -15.07
N LYS D 374 43.55 -6.40 -15.31
CA LYS D 374 43.01 -6.21 -16.68
C LYS D 374 42.98 -4.71 -17.02
N CYS D 375 42.24 -3.92 -16.24
CA CYS D 375 42.11 -2.46 -16.53
C CYS D 375 43.50 -1.83 -16.64
N PHE D 376 44.37 -2.07 -15.65
CA PHE D 376 45.76 -1.56 -15.73
C PHE D 376 46.71 -2.73 -16.05
P PO4 E . -14.12 -27.15 -23.25
O1 PO4 E . -15.00 -26.01 -23.03
O2 PO4 E . -12.70 -26.93 -22.84
O3 PO4 E . -14.33 -27.55 -24.65
O4 PO4 E . -14.78 -28.22 -22.46
MG MG F . -15.57 -28.73 -24.02
PB ADP G . -13.18 -31.38 -24.90
O1B ADP G . -14.56 -31.14 -24.34
O2B ADP G . -12.35 -32.28 -24.02
O3B ADP G . -12.48 -30.09 -25.23
PA ADP G . -14.72 -32.50 -27.13
O1A ADP G . -15.66 -33.24 -26.24
O2A ADP G . -15.20 -31.26 -27.80
O3A ADP G . -13.40 -32.16 -26.29
O5' ADP G . -14.14 -33.51 -28.23
C5' ADP G . -13.17 -33.00 -29.17
C4' ADP G . -13.30 -33.74 -30.48
O4' ADP G . -13.08 -35.16 -30.25
C3' ADP G . -14.67 -33.64 -31.17
O3' ADP G . -14.52 -33.27 -32.54
C2' ADP G . -15.26 -35.05 -31.03
O2' ADP G . -16.12 -35.40 -32.09
C1' ADP G . -14.00 -35.90 -31.03
N9 ADP G . -14.17 -37.21 -30.42
C8 ADP G . -13.59 -37.67 -29.27
N7 ADP G . -13.94 -38.89 -28.96
C5 ADP G . -14.82 -39.26 -29.97
C6 ADP G . -15.53 -40.44 -30.21
N6 ADP G . -15.48 -41.52 -29.41
N1 ADP G . -16.32 -40.49 -31.31
C2 ADP G . -16.37 -39.41 -32.10
N3 ADP G . -15.74 -38.25 -31.97
C4 ADP G . -14.96 -38.23 -30.87
PB ADP H . -20.40 13.70 19.11
O1B ADP H . -21.48 13.20 20.04
O2B ADP H . -19.92 12.63 18.16
O3B ADP H . -19.29 14.39 19.84
PA ADP H . -21.81 14.66 16.77
O1A ADP H . -22.64 13.43 16.76
O2A ADP H . -20.76 14.83 15.72
O3A ADP H . -21.11 14.81 18.21
O5' ADP H . -22.78 15.95 16.78
C5' ADP H . -23.38 16.33 18.03
C4' ADP H . -23.00 17.77 18.35
O4' ADP H . -23.08 18.55 17.14
C3' ADP H . -23.91 18.49 19.35
O3' ADP H . -23.22 19.58 19.98
C2' ADP H . -24.98 19.05 18.42
O2' ADP H . -25.70 20.10 19.02
C1' ADP H . -24.13 19.48 17.24
N9 ADP H . -24.88 19.47 15.98
C8 ADP H . -25.21 18.37 15.23
N7 ADP H . -25.91 18.67 14.16
C5 ADP H . -26.04 20.06 14.21
C6 ADP H . -26.68 20.98 13.37
N6 ADP H . -27.35 20.63 12.26
N1 ADP H . -26.64 22.29 13.71
C2 ADP H . -25.97 22.62 14.83
N3 ADP H . -25.34 21.84 15.70
C4 ADP H . -25.40 20.55 15.33
MG MG I . -17.79 13.19 16.59
PB ADP J . 17.93 33.76 27.12
O1B ADP J . 16.66 34.54 27.15
O2B ADP J . 19.14 34.58 27.50
O3B ADP J . 18.13 33.00 25.83
PA ADP J . 18.76 32.16 29.42
O1A ADP J . 18.92 33.27 30.42
O2A ADP J . 19.97 31.60 28.77
O3A ADP J . 17.76 32.66 28.27
O5' ADP J . 17.89 30.98 30.07
C5' ADP J . 16.47 30.94 29.78
C4' ADP J . 16.14 29.63 29.10
O4' ADP J . 16.89 28.57 29.74
C3' ADP J . 14.67 29.18 29.20
O3' ADP J . 14.34 28.24 28.18
C2' ADP J . 14.68 28.46 30.55
O2' ADP J . 13.58 27.59 30.70
C1' ADP J . 16.01 27.72 30.46
N9 ADP J . 16.58 27.46 31.76
C8 ADP J . 17.26 28.34 32.56
N7 ADP J . 17.64 27.81 33.70
C5 ADP J . 17.16 26.52 33.67
C6 ADP J . 17.23 25.45 34.58
N6 ADP J . 17.80 25.54 35.77
N1 ADP J . 16.65 24.28 34.22
C2 ADP J . 16.06 24.21 33.02
N3 ADP J . 15.94 25.13 32.08
C4 ADP J . 16.51 26.28 32.47
MG MG K . 21.81 33.05 25.95
PB ADP L . 27.06 12.49 -11.25
O1B ADP L . 25.95 12.31 -10.25
O2B ADP L . 26.70 11.97 -12.61
O3B ADP L . 28.40 11.99 -10.75
PA ADP L . 26.52 15.10 -12.39
O1A ADP L . 25.06 14.79 -12.47
O2A ADP L . 27.31 15.11 -13.66
O3A ADP L . 27.22 14.08 -11.38
O5' ADP L . 26.73 16.48 -11.61
C5' ADP L . 25.56 17.08 -11.01
C4' ADP L . 25.98 18.16 -10.05
O4' ADP L . 26.11 19.42 -10.78
C3' ADP L . 24.98 18.48 -8.94
O3' ADP L . 25.60 19.11 -7.83
C2' ADP L . 24.03 19.43 -9.66
O2' ADP L . 23.30 20.25 -8.76
C1' ADP L . 25.00 20.24 -10.53
N9 ADP L . 24.42 20.61 -11.81
C8 ADP L . 23.95 19.77 -12.78
N7 ADP L . 23.45 20.40 -13.82
C5 ADP L . 23.58 21.75 -13.50
C6 ADP L . 23.23 22.92 -14.18
N6 ADP L . 22.64 22.93 -15.38
N1 ADP L . 23.48 24.10 -13.58
C2 ADP L . 24.07 24.08 -12.38
N3 ADP L . 24.45 23.04 -11.64
C4 ADP L . 24.18 21.89 -12.26
MG MG M . 30.18 12.60 -13.42
#